data_3VGK
#
_entry.id   3VGK
#
_cell.length_a   98.690
_cell.length_b   173.700
_cell.length_c   124.030
_cell.angle_alpha   90.000
_cell.angle_beta   106.690
_cell.angle_gamma   90.000
#
_symmetry.space_group_name_H-M   'P 1 21 1'
#
loop_
_entity.id
_entity.type
_entity.pdbx_description
1 polymer Glucokinase
2 non-polymer 'ZINC ION'
3 non-polymer 'SULFATE ION'
#
_entity_poly.entity_id   1
_entity_poly.type   'polypeptide(L)'
_entity_poly.pdbx_seq_one_letter_code
;MGLTIGVDIGGTKIAAGVVDEEGRILSTFKVATPPTAEGIVDAICAAVAGASEGHDVEAVGIGAAGYVDDKRATVLFAPN
IDWRHEPLKDKVEQRVGLPVVVENDANAAAWGEYRFGAGQGHDDVICITLGTGLGGGIIIGNKLRRGRFGVAAEFGHIRV
VPDGLLCGCGSQGCWEQYASGRALVRYAKQRANATPENAAVLLGLGDGSVDGIEGKHISEAARQGDPVAVDSFRELARWA
GAGLADLASLFDPSAFIVGGGVSDEGELVLDPIRKSFRRWLIGGEWRPHAQVLAAQLGGKAGLVGAADLARQGLEHHHHH
H
;
_entity_poly.pdbx_strand_id   A,B,C,D,E,F,G,H
#
# COMPACT_ATOMS: atom_id res chain seq x y z
N LEU A 3 12.84 -41.60 33.42
CA LEU A 3 11.34 -41.52 33.46
C LEU A 3 10.82 -40.10 33.17
N THR A 4 10.07 -39.98 32.09
CA THR A 4 9.83 -38.68 31.49
C THR A 4 8.55 -38.65 30.67
N ILE A 5 7.95 -37.47 30.53
CA ILE A 5 6.68 -37.27 29.80
C ILE A 5 6.91 -36.74 28.38
N GLY A 6 6.07 -37.10 27.43
CA GLY A 6 6.12 -36.48 26.10
C GLY A 6 4.79 -35.85 25.77
N VAL A 7 4.79 -34.80 24.94
CA VAL A 7 3.54 -34.19 24.47
C VAL A 7 3.47 -34.05 22.95
N ASP A 8 2.27 -34.32 22.42
CA ASP A 8 1.97 -34.22 21.01
C ASP A 8 0.75 -33.36 20.86
N ILE A 9 0.96 -32.23 20.20
CA ILE A 9 -0.05 -31.19 20.05
C ILE A 9 -0.79 -31.30 18.72
N GLY A 10 -1.82 -32.14 18.69
CA GLY A 10 -2.61 -32.36 17.49
C GLY A 10 -3.71 -31.33 17.27
N GLY A 11 -4.16 -31.23 16.02
CA GLY A 11 -5.17 -30.25 15.66
C GLY A 11 -6.43 -30.47 16.47
N THR A 12 -6.93 -31.70 16.43
CA THR A 12 -8.08 -32.11 17.25
C THR A 12 -7.79 -32.18 18.78
N LYS A 13 -6.69 -32.84 19.16
CA LYS A 13 -6.42 -33.16 20.57
C LYS A 13 -4.93 -33.23 20.91
N ILE A 14 -4.64 -32.97 22.19
CA ILE A 14 -3.27 -32.90 22.75
C ILE A 14 -3.02 -34.07 23.71
N ALA A 15 -2.12 -34.99 23.35
CA ALA A 15 -1.89 -36.16 24.18
C ALA A 15 -0.63 -35.93 24.95
N ALA A 16 -0.62 -36.27 26.22
CA ALA A 16 0.58 -36.21 27.01
C ALA A 16 0.71 -37.58 27.63
N GLY A 17 1.85 -38.24 27.44
CA GLY A 17 2.01 -39.61 27.93
C GLY A 17 3.27 -39.70 28.75
N VAL A 18 3.33 -40.68 29.66
CA VAL A 18 4.55 -41.00 30.42
C VAL A 18 5.34 -42.07 29.66
N VAL A 19 6.61 -41.78 29.35
CA VAL A 19 7.48 -42.69 28.57
C VAL A 19 8.73 -43.11 29.39
N ASP A 20 9.07 -44.40 29.35
CA ASP A 20 10.16 -44.93 30.18
C ASP A 20 11.43 -45.10 29.36
N GLU A 21 12.51 -45.50 30.01
CA GLU A 21 13.83 -45.59 29.40
C GLU A 21 13.81 -46.27 28.02
N GLU A 22 12.89 -47.21 27.83
CA GLU A 22 12.86 -48.03 26.63
C GLU A 22 11.83 -47.59 25.62
N GLY A 23 11.17 -46.48 25.88
CA GLY A 23 10.25 -45.87 24.92
C GLY A 23 8.86 -46.45 24.98
N ARG A 24 8.43 -46.80 26.19
CA ARG A 24 7.15 -47.47 26.40
C ARG A 24 6.13 -46.54 27.03
N ILE A 25 5.01 -46.31 26.35
CA ILE A 25 3.96 -45.43 26.90
C ILE A 25 3.27 -46.17 28.07
N LEU A 26 3.45 -45.69 29.30
CA LEU A 26 2.84 -46.32 30.48
C LEU A 26 1.46 -45.77 30.80
N SER A 27 1.24 -44.48 30.52
CA SER A 27 -0.05 -43.83 30.75
C SER A 27 -0.21 -42.61 29.85
N THR A 28 -1.00 -42.76 28.80
CA THR A 28 -1.41 -41.59 28.00
C THR A 28 -2.49 -40.80 28.78
N PHE A 29 -2.57 -39.48 28.59
CA PHE A 29 -3.71 -38.68 29.06
C PHE A 29 -3.97 -37.56 28.07
N LYS A 30 -5.25 -37.28 27.80
CA LYS A 30 -5.63 -36.41 26.70
C LYS A 30 -6.51 -35.23 27.12
N VAL A 31 -6.43 -34.16 26.31
CA VAL A 31 -7.28 -32.95 26.40
C VAL A 31 -7.53 -32.39 24.99
N ALA A 32 -8.68 -31.74 24.79
CA ALA A 32 -9.03 -31.16 23.50
C ALA A 32 -8.16 -29.94 23.24
N THR A 33 -7.89 -29.64 21.96
CA THR A 33 -7.05 -28.50 21.56
C THR A 33 -7.85 -27.22 21.39
N PRO A 34 -7.71 -26.25 22.32
CA PRO A 34 -8.54 -25.05 22.22
C PRO A 34 -8.27 -24.22 20.97
N PRO A 35 -9.15 -23.23 20.68
CA PRO A 35 -8.96 -22.41 19.47
C PRO A 35 -7.89 -21.32 19.59
N THR A 36 -7.63 -20.83 20.80
CA THR A 36 -6.61 -19.79 21.06
C THR A 36 -5.19 -20.29 20.91
N ALA A 37 -4.28 -19.35 20.81
CA ALA A 37 -2.86 -19.65 20.90
C ALA A 37 -2.46 -19.83 22.36
N GLU A 38 -2.92 -18.91 23.22
CA GLU A 38 -2.48 -18.85 24.61
C GLU A 38 -3.12 -19.95 25.46
N GLY A 39 -4.24 -20.49 25.00
CA GLY A 39 -4.97 -21.53 25.72
C GLY A 39 -4.29 -22.88 25.56
N ILE A 40 -3.56 -23.05 24.45
CA ILE A 40 -2.80 -24.27 24.24
C ILE A 40 -1.79 -24.45 25.36
N VAL A 41 -1.12 -23.37 25.75
CA VAL A 41 -0.16 -23.45 26.82
C VAL A 41 -0.82 -23.92 28.13
N ASP A 42 -2.09 -23.61 28.32
CA ASP A 42 -2.85 -24.15 29.46
C ASP A 42 -3.12 -25.65 29.29
N ALA A 43 -3.60 -26.04 28.11
CA ALA A 43 -4.00 -27.42 27.87
C ALA A 43 -2.80 -28.37 27.89
N ILE A 44 -1.62 -27.88 27.53
CA ILE A 44 -0.38 -28.64 27.66
C ILE A 44 -0.13 -28.93 29.12
N CYS A 45 -0.19 -27.90 29.96
CA CYS A 45 -0.08 -28.07 31.42
C CYS A 45 -1.18 -28.94 32.01
N ALA A 46 -2.42 -28.70 31.59
CA ALA A 46 -3.53 -29.57 31.99
C ALA A 46 -3.24 -31.05 31.70
N ALA A 47 -2.62 -31.32 30.55
CA ALA A 47 -2.34 -32.67 30.09
C ALA A 47 -1.15 -33.26 30.83
N VAL A 48 -0.13 -32.45 31.06
CA VAL A 48 1.04 -32.91 31.77
C VAL A 48 0.66 -33.17 33.22
N ALA A 49 -0.34 -32.45 33.71
CA ALA A 49 -0.89 -32.68 35.05
C ALA A 49 -1.43 -34.10 35.18
N GLY A 50 -2.47 -34.38 34.40
CA GLY A 50 -3.19 -35.66 34.45
C GLY A 50 -2.41 -36.90 34.04
N ALA A 51 -1.50 -36.75 33.07
CA ALA A 51 -0.66 -37.86 32.66
C ALA A 51 0.30 -38.19 33.78
N SER A 52 0.68 -37.16 34.54
CA SER A 52 1.69 -37.26 35.61
C SER A 52 1.23 -37.87 36.94
N GLU A 53 -0.05 -38.21 37.06
CA GLU A 53 -0.59 -38.62 38.36
C GLU A 53 0.12 -39.89 38.82
N GLY A 54 0.53 -39.91 40.09
CA GLY A 54 1.29 -41.01 40.67
C GLY A 54 2.40 -41.56 39.78
N HIS A 55 3.35 -40.70 39.41
CA HIS A 55 4.49 -41.10 38.61
C HIS A 55 5.67 -40.21 38.92
N ASP A 56 6.83 -40.83 39.08
CA ASP A 56 8.07 -40.15 39.44
C ASP A 56 8.73 -39.49 38.19
N VAL A 57 8.18 -38.35 37.72
CA VAL A 57 8.55 -37.75 36.42
C VAL A 57 9.68 -36.74 36.55
N GLU A 58 10.57 -36.67 35.55
CA GLU A 58 11.84 -35.96 35.68
C GLU A 58 12.00 -34.74 34.75
N ALA A 59 11.26 -34.74 33.65
CA ALA A 59 11.51 -33.82 32.55
C ALA A 59 10.37 -33.98 31.56
N VAL A 60 10.21 -33.03 30.63
CA VAL A 60 9.05 -33.04 29.73
C VAL A 60 9.29 -32.44 28.36
N GLY A 61 9.11 -33.23 27.31
CA GLY A 61 9.37 -32.75 25.95
C GLY A 61 8.11 -32.39 25.18
N ILE A 62 8.19 -31.39 24.32
CA ILE A 62 7.03 -30.95 23.57
C ILE A 62 7.23 -30.89 22.08
N GLY A 63 6.42 -31.64 21.34
CA GLY A 63 6.38 -31.54 19.88
C GLY A 63 5.67 -30.30 19.34
N ALA A 64 6.45 -29.39 18.77
CA ALA A 64 5.94 -28.12 18.24
C ALA A 64 5.81 -28.17 16.74
N ALA A 65 4.64 -27.79 16.25
CA ALA A 65 4.36 -27.72 14.83
C ALA A 65 4.88 -26.39 14.25
N GLY A 66 6.19 -26.18 14.31
CA GLY A 66 6.81 -24.97 13.76
C GLY A 66 8.32 -24.93 13.92
N TYR A 67 8.99 -23.89 13.42
CA TYR A 67 10.44 -23.81 13.58
C TYR A 67 10.76 -23.64 15.06
N VAL A 68 11.45 -24.60 15.67
CA VAL A 68 11.95 -24.42 17.01
C VAL A 68 13.42 -24.02 16.89
N ASP A 69 13.87 -23.22 17.84
CA ASP A 69 15.22 -22.69 17.84
C ASP A 69 16.18 -23.77 18.29
N ASP A 70 17.47 -23.42 18.37
CA ASP A 70 18.54 -24.36 18.77
C ASP A 70 18.65 -24.56 20.28
N LYS A 71 18.52 -23.49 21.04
CA LYS A 71 18.38 -23.59 22.49
C LYS A 71 17.17 -24.44 22.94
N ARG A 72 16.36 -24.89 21.98
CA ARG A 72 15.24 -25.81 22.21
C ARG A 72 14.19 -25.26 23.19
N ALA A 73 13.88 -23.97 23.07
CA ALA A 73 13.10 -23.25 24.11
C ALA A 73 11.94 -22.37 23.62
N THR A 74 12.00 -21.90 22.37
CA THR A 74 11.00 -21.02 21.77
C THR A 74 10.45 -21.69 20.52
N VAL A 75 9.18 -21.50 20.24
CA VAL A 75 8.66 -21.76 18.92
C VAL A 75 8.85 -20.47 18.12
N LEU A 76 9.75 -20.48 17.16
CA LEU A 76 10.06 -19.28 16.37
C LEU A 76 8.89 -18.89 15.49
N PHE A 77 8.26 -19.88 14.86
CA PHE A 77 7.12 -19.63 14.01
C PHE A 77 6.40 -20.92 13.76
N ALA A 78 5.09 -20.90 13.92
CA ALA A 78 4.22 -22.04 13.56
C ALA A 78 3.16 -21.56 12.55
N PRO A 79 2.91 -22.35 11.47
CA PRO A 79 1.98 -21.85 10.45
C PRO A 79 0.53 -21.77 10.92
N ASN A 80 0.11 -22.75 11.73
CA ASN A 80 -1.30 -22.89 12.13
C ASN A 80 -1.65 -22.41 13.53
N ILE A 81 -0.66 -22.37 14.42
CA ILE A 81 -0.81 -21.75 15.72
C ILE A 81 -0.24 -20.31 15.64
N ASP A 82 -0.96 -19.32 16.17
CA ASP A 82 -0.42 -17.95 16.20
C ASP A 82 0.67 -17.93 17.27
N TRP A 83 1.88 -18.36 16.90
CA TRP A 83 3.03 -18.33 17.83
C TRP A 83 4.24 -17.66 17.20
N ARG A 84 4.77 -16.62 17.83
CA ARG A 84 5.94 -15.93 17.33
C ARG A 84 6.91 -15.71 18.48
N HIS A 85 8.10 -16.24 18.34
CA HIS A 85 9.10 -16.15 19.39
C HIS A 85 8.49 -16.46 20.74
N GLU A 86 7.48 -17.32 20.72
CA GLU A 86 6.75 -17.67 21.90
C GLU A 86 7.59 -18.60 22.76
N PRO A 87 7.96 -18.17 23.98
CA PRO A 87 8.86 -18.93 24.84
C PRO A 87 8.15 -20.07 25.57
N LEU A 88 7.63 -21.01 24.78
CA LEU A 88 6.89 -22.16 25.30
C LEU A 88 7.56 -22.85 26.48
N LYS A 89 8.89 -22.90 26.44
CA LYS A 89 9.65 -23.58 27.48
C LYS A 89 9.49 -22.88 28.80
N ASP A 90 9.83 -21.59 28.84
CA ASP A 90 9.82 -20.85 30.11
C ASP A 90 8.40 -20.79 30.65
N LYS A 91 7.44 -20.64 29.73
CA LYS A 91 6.03 -20.59 30.09
C LYS A 91 5.54 -21.85 30.82
N VAL A 92 5.89 -23.01 30.28
CA VAL A 92 5.49 -24.30 30.85
C VAL A 92 6.38 -24.68 32.04
N GLU A 93 7.70 -24.47 31.93
CA GLU A 93 8.61 -24.73 33.04
C GLU A 93 8.16 -24.05 34.33
N GLN A 94 7.60 -22.84 34.18
CA GLN A 94 7.12 -22.07 35.33
C GLN A 94 5.85 -22.62 35.93
N ARG A 95 4.98 -23.20 35.10
CA ARG A 95 3.65 -23.62 35.54
C ARG A 95 3.47 -25.13 35.71
N VAL A 96 4.55 -25.90 35.52
CA VAL A 96 4.51 -27.32 35.80
C VAL A 96 5.54 -27.76 36.87
N GLY A 97 6.65 -27.04 36.97
CA GLY A 97 7.67 -27.31 37.98
C GLY A 97 8.70 -28.37 37.62
N LEU A 98 8.68 -28.81 36.36
CA LEU A 98 9.64 -29.80 35.84
C LEU A 98 10.37 -29.26 34.63
N PRO A 99 11.65 -29.65 34.44
CA PRO A 99 12.42 -29.15 33.28
C PRO A 99 11.70 -29.44 31.97
N VAL A 100 11.81 -28.53 31.01
CA VAL A 100 11.14 -28.72 29.71
C VAL A 100 12.07 -28.50 28.55
N VAL A 101 11.87 -29.29 27.51
CA VAL A 101 12.47 -29.00 26.22
C VAL A 101 11.38 -28.98 25.17
N VAL A 102 11.58 -28.14 24.18
CA VAL A 102 10.65 -28.02 23.08
C VAL A 102 11.38 -28.44 21.85
N GLU A 103 10.79 -29.33 21.06
CA GLU A 103 11.42 -29.86 19.86
C GLU A 103 10.51 -29.64 18.66
N ASN A 104 11.10 -29.56 17.47
CA ASN A 104 10.31 -29.57 16.25
C ASN A 104 9.47 -30.86 16.24
N ASP A 105 8.20 -30.78 15.84
CA ASP A 105 7.37 -32.01 15.84
C ASP A 105 7.92 -33.12 14.90
N ALA A 106 8.46 -32.72 13.75
CA ALA A 106 9.09 -33.66 12.83
C ALA A 106 10.31 -34.30 13.49
N ASN A 107 11.07 -33.49 14.21
CA ASN A 107 12.30 -33.97 14.84
C ASN A 107 11.95 -35.06 15.89
N ALA A 108 10.96 -34.81 16.74
CA ALA A 108 10.59 -35.76 17.79
C ALA A 108 10.37 -37.13 17.19
N ALA A 109 9.47 -37.17 16.20
CA ALA A 109 9.13 -38.40 15.49
C ALA A 109 10.32 -39.04 14.75
N ALA A 110 11.17 -38.20 14.18
CA ALA A 110 12.37 -38.71 13.55
C ALA A 110 13.19 -39.50 14.60
N TRP A 111 13.47 -38.84 15.73
CA TRP A 111 14.25 -39.42 16.80
C TRP A 111 13.55 -40.55 17.48
N GLY A 112 12.24 -40.43 17.64
CA GLY A 112 11.46 -41.52 18.24
C GLY A 112 11.62 -42.83 17.47
N GLU A 113 11.60 -42.71 16.16
CA GLU A 113 11.80 -43.83 15.28
C GLU A 113 13.26 -44.28 15.30
N TYR A 114 14.19 -43.34 15.23
CA TYR A 114 15.59 -43.73 15.28
C TYR A 114 15.88 -44.51 16.57
N ARG A 115 15.41 -44.05 17.72
CA ARG A 115 15.90 -44.67 18.96
C ARG A 115 15.14 -45.90 19.44
N PHE A 116 13.82 -45.91 19.24
CA PHE A 116 13.02 -47.05 19.67
C PHE A 116 12.40 -47.79 18.56
N GLY A 117 12.50 -47.29 17.33
CA GLY A 117 11.74 -47.84 16.21
C GLY A 117 12.59 -48.52 15.14
N ALA A 118 12.42 -48.05 13.90
CA ALA A 118 12.95 -48.72 12.73
C ALA A 118 14.43 -48.43 12.54
N GLY A 119 14.94 -47.44 13.24
CA GLY A 119 16.34 -47.10 13.15
C GLY A 119 17.31 -48.00 13.89
N GLN A 120 16.85 -48.62 14.97
CA GLN A 120 17.74 -49.44 15.77
C GLN A 120 18.76 -50.21 14.92
N GLY A 121 20.04 -49.99 15.25
CA GLY A 121 21.18 -50.68 14.60
C GLY A 121 21.74 -49.92 13.41
N HIS A 122 21.30 -48.67 13.24
CA HIS A 122 21.87 -47.81 12.24
C HIS A 122 22.50 -46.62 12.97
N ASP A 123 23.43 -45.93 12.30
CA ASP A 123 24.08 -44.74 12.88
C ASP A 123 23.68 -43.44 12.19
N ASP A 124 23.73 -43.47 10.85
CA ASP A 124 23.33 -42.34 10.01
C ASP A 124 21.93 -42.62 9.47
N VAL A 125 20.93 -41.81 9.84
CA VAL A 125 19.55 -42.06 9.39
C VAL A 125 18.78 -40.78 9.11
N ILE A 126 18.06 -40.78 8.00
CA ILE A 126 17.17 -39.68 7.60
C ILE A 126 15.74 -40.17 7.62
N CYS A 127 14.86 -39.54 8.39
CA CYS A 127 13.44 -39.90 8.42
C CYS A 127 12.59 -38.95 7.63
N ILE A 128 11.59 -39.49 6.96
CA ILE A 128 10.54 -38.70 6.36
C ILE A 128 9.24 -39.21 7.01
N THR A 129 8.23 -38.36 7.15
CA THR A 129 6.85 -38.83 7.35
C THR A 129 5.94 -38.12 6.36
N LEU A 130 5.10 -38.89 5.66
CA LEU A 130 4.17 -38.33 4.72
C LEU A 130 2.77 -38.20 5.38
N GLY A 131 2.17 -37.00 5.30
CA GLY A 131 0.85 -36.72 5.88
C GLY A 131 0.08 -35.77 4.96
N THR A 132 -0.54 -34.72 5.51
CA THR A 132 -1.02 -33.60 4.70
C THR A 132 0.20 -33.04 4.01
N GLY A 133 1.29 -32.99 4.80
CA GLY A 133 2.55 -32.48 4.35
C GLY A 133 3.61 -33.54 4.23
N LEU A 134 4.85 -33.08 4.22
CA LEU A 134 6.04 -33.91 4.23
C LEU A 134 6.98 -33.22 5.20
N GLY A 135 7.55 -33.99 6.10
CA GLY A 135 8.50 -33.41 7.02
C GLY A 135 9.31 -34.52 7.58
N GLY A 136 10.32 -34.18 8.36
CA GLY A 136 11.19 -35.23 8.86
C GLY A 136 12.30 -34.70 9.72
N GLY A 137 13.33 -35.52 9.91
CA GLY A 137 14.49 -35.12 10.75
C GLY A 137 15.76 -35.84 10.35
N ILE A 138 16.89 -35.42 10.89
CA ILE A 138 18.17 -36.02 10.52
C ILE A 138 18.93 -36.56 11.73
N ILE A 139 19.45 -37.77 11.59
CA ILE A 139 20.45 -38.28 12.52
C ILE A 139 21.72 -38.56 11.75
N ILE A 140 22.80 -37.90 12.13
CA ILE A 140 24.12 -38.23 11.57
C ILE A 140 25.01 -38.56 12.75
N GLY A 141 25.45 -39.82 12.78
CA GLY A 141 26.33 -40.29 13.83
C GLY A 141 25.65 -40.33 15.18
N ASN A 142 24.43 -40.87 15.24
CA ASN A 142 23.77 -41.19 16.52
C ASN A 142 23.21 -40.05 17.27
N LYS A 143 23.07 -38.88 16.65
CA LYS A 143 22.45 -37.74 17.34
C LYS A 143 21.54 -37.00 16.38
N LEU A 144 20.43 -36.50 16.92
CA LEU A 144 19.57 -35.70 16.11
C LEU A 144 20.38 -34.48 15.74
N ARG A 145 20.23 -34.03 14.50
CA ARG A 145 20.87 -32.80 14.06
C ARG A 145 19.84 -31.74 13.82
N ARG A 146 19.65 -30.91 14.84
CA ARG A 146 18.68 -29.80 14.78
C ARG A 146 19.05 -28.69 13.79
N GLY A 147 20.34 -28.55 13.49
CA GLY A 147 20.91 -27.42 12.71
C GLY A 147 21.62 -26.40 13.60
N ARG A 148 22.42 -25.52 12.99
CA ARG A 148 23.07 -24.46 13.75
C ARG A 148 22.06 -23.60 14.45
N PHE A 149 21.01 -23.20 13.75
CA PHE A 149 19.99 -22.33 14.34
C PHE A 149 18.71 -23.05 14.81
N GLY A 150 18.70 -24.38 14.74
CA GLY A 150 17.61 -25.20 15.29
C GLY A 150 16.53 -25.57 14.29
N VAL A 151 16.77 -25.24 13.03
CA VAL A 151 15.74 -25.25 12.00
C VAL A 151 16.10 -26.10 10.81
N ALA A 152 16.72 -27.24 11.05
CA ALA A 152 17.17 -28.08 9.94
C ALA A 152 16.09 -29.09 9.60
N ALA A 153 16.38 -29.96 8.65
CA ALA A 153 15.42 -30.92 8.10
C ALA A 153 14.02 -30.35 8.05
N GLU A 154 13.86 -29.20 7.41
CA GLU A 154 12.53 -28.75 6.98
C GLU A 154 12.34 -29.28 5.55
N PHE A 155 12.45 -30.60 5.42
CA PHE A 155 12.51 -31.26 4.11
C PHE A 155 11.35 -30.86 3.24
N GLY A 156 10.21 -30.69 3.87
CA GLY A 156 8.99 -30.44 3.15
C GLY A 156 9.21 -29.44 2.05
N HIS A 157 10.06 -28.46 2.30
CA HIS A 157 10.22 -27.31 1.41
C HIS A 157 11.55 -27.21 0.63
N ILE A 158 12.19 -28.34 0.30
CA ILE A 158 13.30 -28.28 -0.64
C ILE A 158 12.56 -28.18 -1.96
N ARG A 159 12.95 -27.25 -2.81
CA ARG A 159 12.20 -26.97 -4.04
C ARG A 159 12.37 -28.11 -5.04
N VAL A 160 11.29 -28.71 -5.53
CA VAL A 160 11.44 -29.87 -6.41
C VAL A 160 11.06 -29.56 -7.84
N VAL A 161 10.12 -28.62 -8.02
CA VAL A 161 9.80 -27.99 -9.33
C VAL A 161 10.07 -26.49 -9.24
N PRO A 162 10.96 -25.94 -10.08
CA PRO A 162 11.05 -24.49 -10.10
C PRO A 162 9.76 -23.88 -10.60
N ASP A 163 9.34 -22.80 -9.95
CA ASP A 163 8.15 -22.08 -10.35
C ASP A 163 6.94 -23.00 -10.24
N GLY A 164 7.02 -23.93 -9.32
CA GLY A 164 6.05 -24.99 -9.23
C GLY A 164 4.86 -24.57 -8.42
N LEU A 165 4.07 -25.58 -8.02
CA LEU A 165 2.83 -25.41 -7.23
C LEU A 165 2.98 -24.44 -6.07
N LEU A 166 1.95 -23.63 -5.80
CA LEU A 166 2.04 -22.72 -4.63
C LEU A 166 2.09 -23.54 -3.33
N CYS A 167 2.95 -23.15 -2.39
CA CYS A 167 3.02 -23.83 -1.11
C CYS A 167 2.58 -22.92 0.06
N GLY A 168 2.19 -23.57 1.15
CA GLY A 168 1.74 -22.89 2.38
C GLY A 168 2.82 -22.15 3.17
N CYS A 169 4.08 -22.44 2.89
CA CYS A 169 5.18 -21.63 3.40
C CYS A 169 5.31 -20.41 2.50
N GLY A 170 4.41 -20.27 1.53
CA GLY A 170 4.45 -19.17 0.58
C GLY A 170 5.45 -19.21 -0.57
N SER A 171 6.15 -20.35 -0.73
CA SER A 171 7.11 -20.54 -1.84
C SER A 171 6.58 -21.52 -2.88
N GLN A 172 6.93 -21.26 -4.14
CA GLN A 172 6.42 -22.11 -5.20
C GLN A 172 7.32 -23.34 -5.28
N GLY A 173 6.71 -24.52 -5.35
CA GLY A 173 7.37 -25.70 -5.86
C GLY A 173 7.97 -26.62 -4.84
N CYS A 174 7.58 -26.48 -3.59
CA CYS A 174 8.13 -27.30 -2.52
C CYS A 174 7.79 -28.76 -2.78
N TRP A 175 8.45 -29.63 -2.06
CA TRP A 175 8.25 -31.07 -2.16
C TRP A 175 6.97 -31.53 -1.44
N GLU A 176 6.61 -30.87 -0.35
CA GLU A 176 5.33 -31.11 0.31
C GLU A 176 4.18 -31.16 -0.67
N GLN A 177 4.20 -30.27 -1.67
CA GLN A 177 3.13 -30.18 -2.69
C GLN A 177 3.04 -31.34 -3.66
N TYR A 178 4.12 -32.07 -3.81
CA TYR A 178 4.20 -33.17 -4.75
C TYR A 178 4.19 -34.57 -4.12
N ALA A 179 4.74 -34.69 -2.91
CA ALA A 179 4.79 -35.95 -2.15
C ALA A 179 4.14 -35.78 -0.81
N SER A 180 2.83 -36.01 -0.77
CA SER A 180 2.06 -35.88 0.46
C SER A 180 0.63 -36.27 0.24
N GLY A 181 -0.08 -36.65 1.29
CA GLY A 181 -1.51 -36.91 1.16
C GLY A 181 -2.22 -35.86 0.30
N ARG A 182 -1.85 -34.61 0.50
CA ARG A 182 -2.42 -33.55 -0.31
C ARG A 182 -2.14 -33.74 -1.79
N ALA A 183 -0.89 -34.07 -2.10
CA ALA A 183 -0.52 -34.39 -3.47
C ALA A 183 -1.28 -35.63 -3.94
N LEU A 184 -1.23 -36.69 -3.16
CA LEU A 184 -1.94 -37.93 -3.48
C LEU A 184 -3.35 -37.61 -3.98
N VAL A 185 -4.10 -36.87 -3.18
CA VAL A 185 -5.44 -36.48 -3.54
C VAL A 185 -5.50 -35.78 -4.89
N ARG A 186 -4.56 -34.85 -5.14
CA ARG A 186 -4.60 -34.03 -6.35
C ARG A 186 -4.53 -34.88 -7.58
N TYR A 187 -3.56 -35.78 -7.54
CA TYR A 187 -3.32 -36.69 -8.62
C TYR A 187 -4.55 -37.58 -8.85
N ALA A 188 -5.25 -37.98 -7.78
CA ALA A 188 -6.44 -38.81 -7.91
C ALA A 188 -7.56 -38.04 -8.58
N LYS A 189 -7.86 -36.87 -8.03
CA LYS A 189 -8.83 -35.95 -8.63
C LYS A 189 -8.59 -35.66 -10.13
N GLN A 190 -7.33 -35.60 -10.54
CA GLN A 190 -6.99 -35.34 -11.92
C GLN A 190 -7.23 -36.56 -12.78
N ARG A 191 -6.78 -37.71 -12.27
CA ARG A 191 -6.84 -38.94 -13.04
C ARG A 191 -8.27 -39.40 -13.13
N ALA A 192 -8.94 -39.37 -11.97
CA ALA A 192 -10.36 -39.71 -11.88
C ALA A 192 -11.18 -38.85 -12.83
N ASN A 193 -10.82 -37.57 -12.97
CA ASN A 193 -11.56 -36.64 -13.83
C ASN A 193 -11.25 -36.81 -15.29
N ALA A 194 -10.03 -37.25 -15.60
CA ALA A 194 -9.64 -37.58 -16.97
C ALA A 194 -10.40 -38.81 -17.46
N THR A 195 -10.27 -39.90 -16.72
CA THR A 195 -10.85 -41.19 -17.10
C THR A 195 -11.75 -41.79 -15.97
N PRO A 196 -13.02 -41.30 -15.85
CA PRO A 196 -13.92 -41.77 -14.77
C PRO A 196 -14.14 -43.28 -14.76
N GLU A 197 -14.09 -43.89 -15.94
CA GLU A 197 -14.35 -45.33 -16.13
C GLU A 197 -13.44 -46.25 -15.33
N ASN A 198 -12.24 -45.81 -15.02
CA ASN A 198 -11.33 -46.62 -14.20
C ASN A 198 -11.44 -46.38 -12.68
N ALA A 199 -12.20 -45.36 -12.27
CA ALA A 199 -12.46 -45.12 -10.86
C ALA A 199 -13.87 -45.57 -10.49
N ALA A 200 -14.26 -46.74 -11.00
CA ALA A 200 -15.57 -47.31 -10.67
C ALA A 200 -15.65 -47.56 -9.16
N VAL A 201 -14.55 -48.05 -8.58
CA VAL A 201 -14.54 -48.33 -7.16
C VAL A 201 -14.29 -47.06 -6.35
N LEU A 202 -13.33 -46.24 -6.76
CA LEU A 202 -12.84 -45.10 -5.93
C LEU A 202 -13.94 -44.09 -5.63
N LEU A 203 -14.71 -43.80 -6.67
CA LEU A 203 -15.81 -42.85 -6.58
C LEU A 203 -16.95 -43.41 -5.70
N GLY A 204 -17.26 -44.70 -5.89
CA GLY A 204 -18.26 -45.40 -5.09
C GLY A 204 -18.03 -45.30 -3.59
N LEU A 205 -16.78 -45.13 -3.18
CA LEU A 205 -16.44 -45.01 -1.77
C LEU A 205 -16.78 -43.63 -1.21
N GLY A 206 -16.48 -42.59 -1.98
CA GLY A 206 -16.87 -41.23 -1.59
C GLY A 206 -18.36 -41.02 -1.86
N ASP A 207 -18.72 -39.82 -2.30
CA ASP A 207 -20.12 -39.55 -2.62
C ASP A 207 -20.37 -39.71 -4.13
N GLY A 208 -19.69 -40.69 -4.75
CA GLY A 208 -19.83 -40.93 -6.18
C GLY A 208 -19.46 -39.73 -7.04
N SER A 209 -18.80 -38.75 -6.43
CA SER A 209 -18.62 -37.45 -7.05
C SER A 209 -17.17 -37.09 -7.39
N VAL A 210 -17.07 -36.08 -8.25
CA VAL A 210 -15.82 -35.58 -8.82
C VAL A 210 -14.77 -35.29 -7.69
N ASP A 211 -15.22 -34.64 -6.61
CA ASP A 211 -14.35 -34.18 -5.52
C ASP A 211 -14.50 -35.00 -4.26
N GLY A 212 -15.53 -35.83 -4.19
CA GLY A 212 -15.74 -36.69 -3.04
C GLY A 212 -14.47 -37.35 -2.53
N ILE A 213 -13.51 -37.56 -3.42
CA ILE A 213 -12.30 -38.27 -3.07
C ILE A 213 -11.61 -37.62 -1.89
N GLU A 214 -11.16 -38.49 -0.98
CA GLU A 214 -10.38 -38.12 0.18
C GLU A 214 -9.27 -39.14 0.32
N GLY A 215 -8.29 -38.84 1.18
CA GLY A 215 -7.15 -39.69 1.40
C GLY A 215 -7.57 -41.13 1.58
N LYS A 216 -8.32 -41.38 2.65
CA LYS A 216 -8.72 -42.74 3.02
C LYS A 216 -9.28 -43.51 1.84
N HIS A 217 -10.10 -42.84 1.03
CA HIS A 217 -10.81 -43.49 -0.08
C HIS A 217 -9.87 -44.05 -1.14
N ILE A 218 -8.65 -43.51 -1.19
CA ILE A 218 -7.68 -43.96 -2.17
C ILE A 218 -6.95 -45.20 -1.67
N SER A 219 -6.37 -45.13 -0.48
CA SER A 219 -5.72 -46.30 0.10
C SER A 219 -6.68 -47.51 0.22
N GLU A 220 -7.96 -47.24 0.42
CA GLU A 220 -9.00 -48.27 0.29
C GLU A 220 -9.12 -48.78 -1.15
N ALA A 221 -9.27 -47.85 -2.10
CA ALA A 221 -9.52 -48.18 -3.51
C ALA A 221 -8.33 -48.85 -4.16
N ALA A 222 -7.15 -48.56 -3.62
CA ALA A 222 -5.88 -49.07 -4.14
C ALA A 222 -5.76 -50.52 -3.82
N ARG A 223 -5.91 -50.85 -2.55
CA ARG A 223 -5.75 -52.24 -2.13
C ARG A 223 -6.81 -53.11 -2.80
N GLN A 224 -7.90 -52.47 -3.22
CA GLN A 224 -8.91 -53.09 -4.08
C GLN A 224 -8.56 -53.02 -5.58
N GLY A 225 -7.28 -52.96 -5.91
CA GLY A 225 -6.86 -53.00 -7.32
C GLY A 225 -7.50 -52.01 -8.29
N ASP A 226 -7.92 -50.84 -7.80
CA ASP A 226 -8.56 -49.80 -8.64
C ASP A 226 -7.54 -49.01 -9.52
N PRO A 227 -7.63 -49.13 -10.86
CA PRO A 227 -6.60 -48.56 -11.73
C PRO A 227 -6.17 -47.14 -11.42
N VAL A 228 -7.09 -46.28 -11.00
CA VAL A 228 -6.77 -44.86 -10.79
C VAL A 228 -6.10 -44.64 -9.43
N ALA A 229 -6.62 -45.29 -8.41
CA ALA A 229 -6.07 -45.22 -7.08
C ALA A 229 -4.66 -45.86 -6.94
N VAL A 230 -4.43 -46.96 -7.67
CA VAL A 230 -3.11 -47.63 -7.70
C VAL A 230 -2.09 -46.82 -8.49
N ASP A 231 -2.60 -46.09 -9.46
CA ASP A 231 -1.78 -45.32 -10.39
C ASP A 231 -1.51 -43.91 -9.83
N SER A 232 -2.38 -43.42 -8.93
CA SER A 232 -2.08 -42.21 -8.17
C SER A 232 -0.93 -42.46 -7.18
N PHE A 233 -0.93 -43.61 -6.52
CA PHE A 233 0.21 -44.01 -5.71
C PHE A 233 1.51 -44.14 -6.54
N ARG A 234 1.43 -44.59 -7.78
CA ARG A 234 2.61 -44.59 -8.66
C ARG A 234 3.13 -43.17 -8.81
N GLU A 235 2.22 -42.20 -8.89
CA GLU A 235 2.65 -40.84 -9.13
C GLU A 235 3.21 -40.30 -7.86
N LEU A 236 2.58 -40.57 -6.73
CA LEU A 236 3.20 -40.16 -5.42
C LEU A 236 4.58 -40.80 -5.22
N ALA A 237 4.74 -42.05 -5.62
CA ALA A 237 6.06 -42.67 -5.60
C ALA A 237 7.13 -41.86 -6.38
N ARG A 238 6.89 -41.54 -7.67
CA ARG A 238 7.87 -40.73 -8.46
C ARG A 238 8.47 -39.58 -7.68
N TRP A 239 7.60 -38.70 -7.19
CA TRP A 239 8.08 -37.55 -6.44
C TRP A 239 8.74 -37.97 -5.11
N ALA A 240 8.16 -38.95 -4.41
CA ALA A 240 8.70 -39.35 -3.09
C ALA A 240 10.09 -39.94 -3.26
N GLY A 241 10.23 -40.84 -4.22
CA GLY A 241 11.49 -41.50 -4.43
C GLY A 241 12.53 -40.54 -4.95
N ALA A 242 12.21 -39.88 -6.06
CA ALA A 242 13.15 -38.96 -6.67
C ALA A 242 13.76 -38.07 -5.60
N GLY A 243 12.92 -37.67 -4.65
CA GLY A 243 13.36 -36.88 -3.52
C GLY A 243 14.36 -37.55 -2.60
N LEU A 244 14.07 -38.79 -2.22
CA LEU A 244 14.96 -39.58 -1.37
C LEU A 244 16.31 -39.73 -2.06
N ALA A 245 16.28 -39.96 -3.36
CA ALA A 245 17.48 -40.14 -4.16
C ALA A 245 18.38 -38.92 -4.11
N ASP A 246 17.76 -37.78 -3.83
CA ASP A 246 18.44 -36.52 -3.75
C ASP A 246 18.96 -36.34 -2.34
N LEU A 247 18.17 -36.73 -1.33
CA LEU A 247 18.65 -36.74 0.07
C LEU A 247 19.76 -37.76 0.19
N ALA A 248 19.69 -38.78 -0.64
CA ALA A 248 20.73 -39.77 -0.64
C ALA A 248 22.03 -39.17 -1.10
N SER A 249 21.97 -38.15 -1.95
CA SER A 249 23.19 -37.52 -2.44
C SER A 249 23.68 -36.56 -1.40
N LEU A 250 22.78 -35.86 -0.71
CA LEU A 250 23.14 -34.90 0.32
C LEU A 250 23.76 -35.62 1.52
N PHE A 251 23.02 -36.46 2.24
CA PHE A 251 23.58 -37.10 3.45
C PHE A 251 24.01 -38.55 3.24
N ASP A 252 23.47 -39.19 2.21
CA ASP A 252 23.81 -40.58 1.97
C ASP A 252 23.82 -41.41 3.26
N PRO A 253 22.64 -41.70 3.77
CA PRO A 253 22.52 -42.40 5.04
C PRO A 253 22.58 -43.86 4.78
N SER A 254 22.54 -44.67 5.84
CA SER A 254 22.41 -46.12 5.68
C SER A 254 20.93 -46.54 5.48
N ALA A 255 20.00 -45.64 5.84
CA ALA A 255 18.58 -45.94 5.78
C ALA A 255 17.70 -44.69 5.76
N PHE A 256 16.69 -44.70 4.89
CA PHE A 256 15.55 -43.82 5.05
C PHE A 256 14.49 -44.60 5.86
N ILE A 257 13.76 -43.92 6.74
CA ILE A 257 12.64 -44.53 7.43
C ILE A 257 11.43 -43.73 7.03
N VAL A 258 10.48 -44.35 6.33
CA VAL A 258 9.31 -43.64 5.77
C VAL A 258 8.02 -44.01 6.51
N GLY A 259 7.40 -43.02 7.14
CA GLY A 259 6.21 -43.21 7.98
C GLY A 259 5.06 -42.21 7.74
N GLY A 260 4.29 -41.94 8.79
CA GLY A 260 3.13 -41.03 8.71
C GLY A 260 1.88 -41.65 8.10
N GLY A 261 0.78 -40.92 8.16
CA GLY A 261 -0.51 -41.41 7.73
C GLY A 261 -0.50 -42.19 6.43
N VAL A 262 0.20 -41.67 5.43
CA VAL A 262 0.11 -42.19 4.08
C VAL A 262 0.76 -43.56 3.96
N SER A 263 1.69 -43.87 4.87
CA SER A 263 2.43 -45.12 4.88
C SER A 263 1.78 -46.17 5.74
N ASP A 264 0.93 -45.75 6.68
CA ASP A 264 0.07 -46.70 7.43
C ASP A 264 -0.56 -47.76 6.50
N GLU A 265 -0.81 -47.43 5.24
CA GLU A 265 -1.36 -48.39 4.31
C GLU A 265 -0.39 -49.51 3.90
N GLY A 266 0.89 -49.37 4.20
CA GLY A 266 1.82 -50.51 4.08
C GLY A 266 2.57 -50.60 2.79
N GLU A 267 2.91 -51.81 2.35
CA GLU A 267 3.90 -51.97 1.28
C GLU A 267 3.32 -51.64 -0.07
N LEU A 268 2.01 -51.45 -0.13
CA LEU A 268 1.35 -50.93 -1.33
C LEU A 268 1.85 -49.53 -1.70
N VAL A 269 2.17 -48.74 -0.69
CA VAL A 269 2.66 -47.38 -0.83
C VAL A 269 4.18 -47.38 -0.82
N LEU A 270 4.77 -48.08 0.16
CA LEU A 270 6.23 -48.16 0.33
C LEU A 270 7.00 -48.88 -0.76
N ASP A 271 6.51 -50.01 -1.25
CA ASP A 271 7.24 -50.67 -2.32
C ASP A 271 7.37 -49.80 -3.59
N PRO A 272 6.28 -49.22 -4.11
CA PRO A 272 6.49 -48.45 -5.37
C PRO A 272 7.43 -47.26 -5.20
N ILE A 273 7.48 -46.74 -3.97
CA ILE A 273 8.46 -45.72 -3.53
C ILE A 273 9.87 -46.28 -3.53
N ARG A 274 10.03 -47.41 -2.89
CA ARG A 274 11.31 -48.07 -2.89
C ARG A 274 11.73 -48.32 -4.33
N LYS A 275 10.82 -48.69 -5.20
CA LYS A 275 11.16 -48.85 -6.60
C LYS A 275 11.51 -47.54 -7.29
N SER A 276 10.78 -46.48 -6.99
CA SER A 276 11.11 -45.17 -7.56
C SER A 276 12.50 -44.76 -7.10
N PHE A 277 12.74 -44.80 -5.79
CA PHE A 277 14.03 -44.45 -5.16
C PHE A 277 15.20 -45.05 -5.87
N ARG A 278 15.13 -46.35 -6.14
CA ARG A 278 16.17 -47.09 -6.81
C ARG A 278 16.39 -46.55 -8.19
N ARG A 279 15.30 -46.27 -8.91
CA ARG A 279 15.41 -45.83 -10.29
C ARG A 279 15.98 -44.43 -10.42
N TRP A 280 15.69 -43.54 -9.48
CA TRP A 280 16.16 -42.15 -9.56
C TRP A 280 17.52 -41.97 -8.94
N LEU A 281 18.01 -42.97 -8.23
CA LEU A 281 19.27 -42.84 -7.51
C LEU A 281 20.44 -42.65 -8.45
N ILE A 282 21.08 -41.49 -8.32
CA ILE A 282 22.32 -41.22 -9.01
C ILE A 282 23.40 -42.12 -8.45
N GLY A 283 24.01 -42.84 -9.38
CA GLY A 283 25.00 -43.83 -9.09
C GLY A 283 24.80 -44.85 -10.17
N GLY A 284 24.78 -46.10 -9.75
CA GLY A 284 24.60 -47.20 -10.67
C GLY A 284 24.76 -48.39 -9.80
N GLU A 285 25.67 -49.28 -10.18
CA GLU A 285 25.92 -50.50 -9.41
C GLU A 285 27.22 -50.43 -8.57
N TRP A 286 27.84 -49.24 -8.47
CA TRP A 286 29.03 -49.01 -7.64
C TRP A 286 28.65 -48.52 -6.26
N ARG A 287 27.90 -47.43 -6.21
CA ARG A 287 27.50 -46.90 -4.93
C ARG A 287 26.37 -47.75 -4.40
N PRO A 288 26.44 -48.11 -3.09
CA PRO A 288 25.42 -48.92 -2.42
C PRO A 288 24.17 -48.15 -2.05
N HIS A 289 23.07 -48.87 -1.89
CA HIS A 289 21.74 -48.28 -1.71
C HIS A 289 21.37 -48.23 -0.25
N ALA A 290 20.69 -47.16 0.17
CA ALA A 290 20.24 -47.05 1.55
C ALA A 290 18.95 -47.79 1.65
N GLN A 291 18.79 -48.61 2.68
CA GLN A 291 17.53 -49.31 2.91
C GLN A 291 16.36 -48.30 3.00
N VAL A 292 15.19 -48.68 2.50
CA VAL A 292 13.99 -47.87 2.76
C VAL A 292 13.09 -48.71 3.69
N LEU A 293 13.08 -48.37 4.96
CA LEU A 293 12.40 -49.17 5.97
C LEU A 293 11.05 -48.56 6.35
N ALA A 294 10.09 -49.38 6.78
CA ALA A 294 8.80 -48.86 7.26
C ALA A 294 8.92 -48.49 8.74
N ALA A 295 8.33 -47.36 9.11
CA ALA A 295 8.34 -46.94 10.49
C ALA A 295 7.53 -47.98 11.29
N GLN A 296 7.94 -48.21 12.54
CA GLN A 296 7.29 -49.17 13.39
C GLN A 296 6.36 -48.53 14.42
N LEU A 297 6.77 -47.40 14.99
CA LEU A 297 5.99 -46.78 16.07
C LEU A 297 4.74 -45.96 15.66
N GLY A 298 4.26 -46.10 14.42
CA GLY A 298 3.07 -45.36 13.97
C GLY A 298 3.03 -43.91 14.44
N GLY A 299 1.90 -43.49 14.99
CA GLY A 299 1.67 -42.07 15.36
C GLY A 299 2.30 -41.66 16.68
N LYS A 300 2.44 -42.63 17.58
CA LYS A 300 3.09 -42.42 18.88
C LYS A 300 4.56 -41.94 18.80
N ALA A 301 5.16 -41.99 17.59
CA ALA A 301 6.54 -41.53 17.37
C ALA A 301 6.81 -40.17 18.01
N GLY A 302 5.98 -39.20 17.65
CA GLY A 302 6.16 -37.82 18.13
C GLY A 302 6.15 -37.71 19.65
N LEU A 303 5.18 -38.38 20.25
CA LEU A 303 5.04 -38.38 21.70
C LEU A 303 6.25 -39.03 22.36
N VAL A 304 6.57 -40.26 21.94
CA VAL A 304 7.66 -41.04 22.52
C VAL A 304 9.00 -40.33 22.39
N GLY A 305 9.33 -39.97 21.16
CA GLY A 305 10.60 -39.31 20.84
C GLY A 305 10.78 -37.99 21.53
N ALA A 306 9.69 -37.25 21.71
CA ALA A 306 9.77 -36.04 22.49
C ALA A 306 10.21 -36.39 23.90
N ALA A 307 9.62 -37.44 24.47
CA ALA A 307 9.90 -37.79 25.87
C ALA A 307 11.33 -38.17 26.03
N ASP A 308 11.96 -38.73 24.99
CA ASP A 308 13.37 -39.10 25.11
C ASP A 308 14.23 -37.87 24.89
N LEU A 309 13.93 -37.05 23.88
CA LEU A 309 14.72 -35.85 23.69
C LEU A 309 14.79 -35.06 25.01
N ALA A 310 13.86 -35.31 25.92
CA ALA A 310 13.88 -34.69 27.24
C ALA A 310 15.00 -35.19 28.16
N ARG A 311 15.84 -36.11 27.70
CA ARG A 311 16.97 -36.56 28.50
C ARG A 311 18.35 -36.15 27.94
N GLN A 312 18.42 -35.06 27.18
CA GLN A 312 19.61 -34.75 26.35
C GLN A 312 20.41 -33.53 26.87
N GLY A 313 20.92 -32.66 25.99
CA GLY A 313 21.68 -31.44 26.42
C GLY A 313 22.62 -30.86 25.36
N GLY B 2 -48.09 47.66 40.82
CA GLY B 2 -48.01 48.98 41.54
C GLY B 2 -46.60 49.22 42.04
N LEU B 3 -46.44 49.28 43.36
CA LEU B 3 -45.13 49.20 44.00
C LEU B 3 -44.72 47.70 44.08
N THR B 4 -43.45 47.43 43.81
CA THR B 4 -42.93 46.06 43.72
C THR B 4 -41.48 45.99 44.26
N ILE B 5 -41.05 44.84 44.78
CA ILE B 5 -39.62 44.69 45.15
C ILE B 5 -38.90 43.87 44.06
N GLY B 6 -37.60 44.11 43.91
CA GLY B 6 -36.76 43.32 43.02
C GLY B 6 -35.51 43.00 43.80
N VAL B 7 -34.95 41.82 43.58
CA VAL B 7 -33.82 41.34 44.34
C VAL B 7 -32.64 40.95 43.42
N ASP B 8 -31.43 41.32 43.85
CA ASP B 8 -30.19 40.99 43.13
C ASP B 8 -29.27 40.21 44.07
N ILE B 9 -28.98 38.97 43.69
CA ILE B 9 -28.13 38.08 44.47
C ILE B 9 -26.68 38.16 43.98
N GLY B 10 -25.89 39.08 44.56
CA GLY B 10 -24.45 39.15 44.29
C GLY B 10 -23.70 38.29 45.29
N GLY B 11 -22.74 37.48 44.83
CA GLY B 11 -21.95 36.62 45.74
C GLY B 11 -21.50 37.38 46.99
N THR B 12 -21.03 38.61 46.81
CA THR B 12 -20.66 39.47 47.94
C THR B 12 -21.83 39.88 48.86
N LYS B 13 -22.99 40.17 48.26
CA LYS B 13 -24.19 40.70 48.97
C LYS B 13 -25.48 40.61 48.13
N ILE B 14 -26.62 40.43 48.81
CA ILE B 14 -27.95 40.40 48.18
C ILE B 14 -28.67 41.72 48.42
N ALA B 15 -29.15 42.36 47.35
CA ALA B 15 -29.82 43.67 47.44
C ALA B 15 -31.30 43.50 47.13
N ALA B 16 -32.17 44.09 47.94
CA ALA B 16 -33.60 44.07 47.67
C ALA B 16 -34.04 45.50 47.70
N GLY B 17 -34.79 45.94 46.70
CA GLY B 17 -35.17 47.35 46.62
C GLY B 17 -36.55 47.61 46.03
N VAL B 18 -37.28 48.54 46.64
CA VAL B 18 -38.67 48.78 46.28
C VAL B 18 -38.66 49.69 45.08
N VAL B 19 -39.35 49.28 44.02
CA VAL B 19 -39.38 50.02 42.78
C VAL B 19 -40.80 50.40 42.40
N ASP B 20 -40.94 51.54 41.75
CA ASP B 20 -42.24 51.95 41.24
C ASP B 20 -42.36 51.60 39.76
N GLU B 21 -43.45 52.01 39.14
CA GLU B 21 -43.74 51.63 37.75
C GLU B 21 -43.05 52.54 36.73
N GLU B 22 -42.22 53.47 37.19
CA GLU B 22 -41.31 54.22 36.32
C GLU B 22 -39.86 53.76 36.48
N GLY B 23 -39.68 52.68 37.22
CA GLY B 23 -38.37 52.06 37.40
C GLY B 23 -37.50 52.68 38.47
N ARG B 24 -38.10 53.44 39.38
CA ARG B 24 -37.31 54.12 40.38
C ARG B 24 -37.12 53.29 41.63
N ILE B 25 -35.89 53.25 42.14
CA ILE B 25 -35.62 52.62 43.43
C ILE B 25 -35.95 53.63 44.54
N LEU B 26 -36.81 53.26 45.48
CA LEU B 26 -37.20 54.18 46.54
C LEU B 26 -36.54 53.84 47.88
N SER B 27 -36.07 52.62 48.01
CA SER B 27 -35.35 52.20 49.21
C SER B 27 -34.61 50.93 48.91
N THR B 28 -33.42 50.76 49.48
CA THR B 28 -32.59 49.59 49.20
C THR B 28 -32.10 48.97 50.50
N PHE B 29 -32.14 47.64 50.61
CA PHE B 29 -31.57 46.96 51.77
C PHE B 29 -30.69 45.79 51.35
N LYS B 30 -29.53 45.65 51.98
CA LYS B 30 -28.57 44.67 51.55
C LYS B 30 -28.21 43.74 52.69
N VAL B 31 -27.91 42.47 52.34
CA VAL B 31 -27.28 41.54 53.28
C VAL B 31 -26.18 40.74 52.61
N ALA B 32 -25.19 40.37 53.42
CA ALA B 32 -24.08 39.51 53.01
C ALA B 32 -24.64 38.18 52.50
N THR B 33 -24.20 37.73 51.32
CA THR B 33 -24.62 36.41 50.84
C THR B 33 -23.94 35.37 51.70
N PRO B 34 -24.70 34.41 52.23
CA PRO B 34 -24.12 33.44 53.17
C PRO B 34 -23.32 32.31 52.50
N PRO B 35 -22.46 31.62 53.28
CA PRO B 35 -21.66 30.57 52.66
C PRO B 35 -22.55 29.49 52.03
N THR B 36 -23.43 28.91 52.86
CA THR B 36 -24.29 27.78 52.47
C THR B 36 -25.30 28.20 51.35
N ALA B 37 -26.02 27.22 50.79
CA ALA B 37 -26.96 27.46 49.68
C ALA B 37 -28.44 27.36 50.08
N GLU B 38 -28.70 26.98 51.32
CA GLU B 38 -30.05 26.94 51.86
C GLU B 38 -30.33 28.25 52.61
N GLY B 39 -29.27 28.86 53.15
CA GLY B 39 -29.35 30.11 53.90
C GLY B 39 -29.48 31.35 53.02
N ILE B 40 -29.22 31.24 51.71
CA ILE B 40 -29.53 32.33 50.77
C ILE B 40 -31.02 32.67 50.79
N VAL B 41 -31.83 31.63 50.88
CA VAL B 41 -33.25 31.80 50.95
C VAL B 41 -33.67 32.62 52.18
N ASP B 42 -32.99 32.42 53.32
CA ASP B 42 -33.25 33.22 54.56
C ASP B 42 -32.78 34.66 54.40
N ALA B 43 -31.67 34.83 53.70
CA ALA B 43 -31.13 36.15 53.43
C ALA B 43 -31.94 36.85 52.34
N ILE B 44 -32.55 36.10 51.42
CA ILE B 44 -33.43 36.71 50.40
C ILE B 44 -34.71 37.29 51.04
N CYS B 45 -35.08 36.75 52.21
CA CYS B 45 -36.27 37.19 52.90
C CYS B 45 -35.96 38.28 53.90
N ALA B 46 -34.87 38.09 54.64
CA ALA B 46 -34.33 39.13 55.50
C ALA B 46 -34.30 40.43 54.74
N ALA B 47 -33.74 40.38 53.53
CA ALA B 47 -33.64 41.54 52.67
C ALA B 47 -34.97 41.98 52.09
N VAL B 48 -35.79 41.03 51.66
CA VAL B 48 -37.09 41.40 51.12
C VAL B 48 -37.92 42.07 52.19
N ALA B 49 -37.82 41.56 53.42
CA ALA B 49 -38.66 42.04 54.52
C ALA B 49 -38.09 43.31 55.16
N GLY B 50 -36.80 43.54 55.00
CA GLY B 50 -36.19 44.80 55.42
C GLY B 50 -36.48 45.95 54.46
N ALA B 51 -36.65 45.64 53.18
CA ALA B 51 -36.81 46.67 52.17
C ALA B 51 -38.26 47.05 51.96
N SER B 52 -39.19 46.28 52.54
CA SER B 52 -40.63 46.57 52.44
C SER B 52 -41.15 47.40 53.64
N GLU B 53 -40.23 48.14 54.27
CA GLU B 53 -40.51 48.94 55.46
C GLU B 53 -41.41 50.11 55.11
N GLY B 54 -42.61 50.13 55.70
CA GLY B 54 -43.60 51.18 55.43
C GLY B 54 -43.87 51.41 53.95
N HIS B 55 -44.11 50.32 53.21
CA HIS B 55 -44.39 50.36 51.78
C HIS B 55 -45.47 49.34 51.36
N ASP B 56 -46.30 49.76 50.41
CA ASP B 56 -47.42 48.95 49.88
C ASP B 56 -46.96 48.07 48.72
N VAL B 57 -46.28 46.96 49.06
CA VAL B 57 -45.58 46.11 48.08
C VAL B 57 -46.48 45.02 47.49
N GLU B 58 -46.69 45.07 46.17
CA GLU B 58 -47.60 44.13 45.49
C GLU B 58 -46.97 42.81 45.08
N ALA B 59 -45.71 42.81 44.61
CA ALA B 59 -45.03 41.58 44.15
C ALA B 59 -43.54 41.52 44.56
N VAL B 60 -42.85 40.44 44.22
CA VAL B 60 -41.39 40.32 44.48
C VAL B 60 -40.68 39.55 43.37
N GLY B 61 -39.83 40.23 42.61
CA GLY B 61 -39.09 39.61 41.52
C GLY B 61 -37.65 39.34 41.87
N ILE B 62 -37.26 38.06 41.87
CA ILE B 62 -35.89 37.64 42.14
C ILE B 62 -35.05 37.38 40.88
N GLY B 63 -33.85 37.99 40.85
CA GLY B 63 -32.85 37.71 39.82
C GLY B 63 -31.86 36.63 40.24
N ALA B 64 -31.99 35.44 39.65
CA ALA B 64 -31.06 34.34 39.93
C ALA B 64 -29.93 34.25 38.90
N ALA B 65 -28.74 33.94 39.41
CA ALA B 65 -27.52 33.79 38.61
C ALA B 65 -27.34 32.38 38.01
N GLY B 66 -28.38 31.85 37.37
CA GLY B 66 -28.38 30.50 36.81
C GLY B 66 -29.39 30.31 35.68
N TYR B 67 -29.68 29.04 35.36
CA TYR B 67 -30.66 28.66 34.34
C TYR B 67 -32.06 28.58 34.97
N VAL B 68 -32.97 29.43 34.52
CA VAL B 68 -34.33 29.49 35.08
C VAL B 68 -35.32 28.98 34.05
N ASP B 69 -36.37 28.33 34.55
CA ASP B 69 -37.36 27.63 33.72
C ASP B 69 -38.46 28.55 33.12
N ASP B 70 -39.27 27.97 32.23
CA ASP B 70 -40.30 28.73 31.51
C ASP B 70 -41.33 29.29 32.47
N LYS B 71 -41.63 28.50 33.51
CA LYS B 71 -42.64 28.84 34.51
C LYS B 71 -42.21 29.94 35.47
N ARG B 72 -40.93 30.33 35.41
CA ARG B 72 -40.38 31.42 36.24
C ARG B 72 -40.44 31.12 37.74
N ALA B 73 -40.09 29.88 38.09
CA ALA B 73 -40.38 29.32 39.40
C ALA B 73 -39.19 28.58 39.98
N THR B 74 -38.71 27.56 39.28
CA THR B 74 -37.60 26.73 39.71
C THR B 74 -36.31 27.23 39.03
N VAL B 75 -35.26 27.47 39.82
CA VAL B 75 -33.92 27.69 39.28
C VAL B 75 -33.38 26.30 39.04
N LEU B 76 -33.14 25.98 37.78
CA LEU B 76 -32.73 24.64 37.40
C LEU B 76 -31.31 24.38 37.91
N PHE B 77 -30.38 25.25 37.51
CA PHE B 77 -28.98 25.10 37.86
C PHE B 77 -28.31 26.46 37.97
N ALA B 78 -27.37 26.59 38.90
CA ALA B 78 -26.47 27.75 38.93
C ALA B 78 -25.03 27.24 39.06
N PRO B 79 -24.12 27.72 38.18
CA PRO B 79 -22.75 27.25 38.32
C PRO B 79 -22.30 27.40 39.76
N ASN B 80 -22.46 28.58 40.32
CA ASN B 80 -21.85 28.89 41.62
C ASN B 80 -22.71 28.47 42.82
N ILE B 81 -23.90 29.05 42.90
CA ILE B 81 -24.81 28.78 44.01
C ILE B 81 -25.23 27.31 43.92
N ASP B 82 -25.13 26.56 45.01
CA ASP B 82 -25.47 25.13 44.95
C ASP B 82 -26.98 24.88 44.85
N TRP B 83 -27.49 24.98 43.62
CA TRP B 83 -28.91 24.87 43.37
C TRP B 83 -29.25 23.87 42.29
N ARG B 84 -30.03 22.86 42.64
CA ARG B 84 -30.50 21.84 41.72
C ARG B 84 -32.02 21.76 41.76
N HIS B 85 -32.65 22.10 40.65
CA HIS B 85 -34.10 22.05 40.52
C HIS B 85 -34.81 22.72 41.69
N GLU B 86 -34.16 23.74 42.25
CA GLU B 86 -34.57 24.40 43.50
C GLU B 86 -35.78 25.25 43.25
N PRO B 87 -36.85 25.03 44.03
CA PRO B 87 -38.13 25.68 43.80
C PRO B 87 -38.19 27.07 44.42
N LEU B 88 -37.29 27.97 44.02
CA LEU B 88 -37.13 29.26 44.70
C LEU B 88 -38.43 30.02 44.89
N LYS B 89 -39.35 29.86 43.94
CA LYS B 89 -40.63 30.52 44.00
C LYS B 89 -41.42 30.12 45.25
N ASP B 90 -41.58 28.83 45.47
CA ASP B 90 -42.40 28.37 46.59
C ASP B 90 -41.76 28.78 47.92
N LYS B 91 -40.47 28.52 48.08
CA LYS B 91 -39.80 28.67 49.39
C LYS B 91 -39.89 30.10 49.94
N VAL B 92 -39.81 31.06 49.04
CA VAL B 92 -39.93 32.48 49.38
C VAL B 92 -41.39 32.88 49.57
N GLU B 93 -42.25 32.55 48.61
CA GLU B 93 -43.66 32.92 48.70
C GLU B 93 -44.26 32.58 50.06
N GLN B 94 -43.99 31.37 50.57
CA GLN B 94 -44.49 30.91 51.89
C GLN B 94 -44.01 31.76 53.07
N ARG B 95 -42.80 32.31 52.96
CA ARG B 95 -42.14 33.00 54.08
C ARG B 95 -42.33 34.53 54.11
N VAL B 96 -42.61 35.14 52.96
CA VAL B 96 -42.85 36.59 52.85
C VAL B 96 -44.26 36.94 52.42
N GLY B 97 -45.11 35.93 52.30
CA GLY B 97 -46.50 36.13 51.96
C GLY B 97 -46.83 37.04 50.79
N LEU B 98 -45.91 37.22 49.84
CA LEU B 98 -46.23 37.98 48.64
C LEU B 98 -45.90 37.15 47.38
N PRO B 99 -46.66 37.36 46.26
CA PRO B 99 -46.40 36.59 45.03
C PRO B 99 -44.97 36.84 44.52
N VAL B 100 -44.24 35.79 44.12
CA VAL B 100 -42.82 35.89 43.72
C VAL B 100 -42.57 35.33 42.32
N VAL B 101 -41.82 36.06 41.48
CA VAL B 101 -41.36 35.53 40.17
C VAL B 101 -39.84 35.46 40.15
N VAL B 102 -39.29 34.33 39.73
CA VAL B 102 -37.85 34.15 39.59
C VAL B 102 -37.48 34.36 38.12
N GLU B 103 -36.42 35.13 37.90
CA GLU B 103 -35.94 35.43 36.55
C GLU B 103 -34.42 35.37 36.47
N ASN B 104 -33.88 34.83 35.37
CA ASN B 104 -32.43 34.80 35.12
C ASN B 104 -31.77 36.17 35.25
N ASP B 105 -30.69 36.26 36.01
CA ASP B 105 -30.03 37.56 36.26
C ASP B 105 -29.85 38.35 34.96
N ALA B 106 -29.25 37.72 33.96
CA ALA B 106 -28.94 38.38 32.69
C ALA B 106 -30.23 38.87 32.02
N ASN B 107 -31.30 38.09 32.14
CA ASN B 107 -32.63 38.44 31.57
C ASN B 107 -33.25 39.66 32.29
N ALA B 108 -33.14 39.71 33.62
CA ALA B 108 -33.67 40.83 34.41
C ALA B 108 -32.99 42.15 34.02
N ALA B 109 -31.67 42.10 33.89
CA ALA B 109 -30.93 43.29 33.50
C ALA B 109 -31.34 43.73 32.11
N ALA B 110 -31.48 42.77 31.18
CA ALA B 110 -31.90 43.08 29.80
C ALA B 110 -33.27 43.74 29.81
N TRP B 111 -34.23 43.19 30.54
CA TRP B 111 -35.54 43.83 30.63
C TRP B 111 -35.38 45.21 31.23
N GLY B 112 -34.72 45.26 32.39
CA GLY B 112 -34.43 46.52 33.07
C GLY B 112 -34.09 47.58 32.05
N GLU B 113 -33.03 47.32 31.30
CA GLU B 113 -32.53 48.28 30.31
C GLU B 113 -33.49 48.53 29.14
N TYR B 114 -34.27 47.54 28.76
CA TYR B 114 -35.22 47.79 27.72
C TYR B 114 -36.28 48.77 28.18
N ARG B 115 -36.75 48.65 29.43
CA ARG B 115 -37.89 49.50 29.88
C ARG B 115 -37.50 50.88 30.31
N PHE B 116 -36.39 50.96 31.02
CA PHE B 116 -35.99 52.17 31.69
C PHE B 116 -34.68 52.74 31.19
N GLY B 117 -33.87 51.91 30.53
CA GLY B 117 -32.54 52.30 30.05
C GLY B 117 -32.49 52.52 28.55
N ALA B 118 -31.41 52.05 27.92
CA ALA B 118 -31.11 52.46 26.55
C ALA B 118 -32.18 52.04 25.54
N GLY B 119 -33.00 51.06 25.93
CA GLY B 119 -33.96 50.46 25.03
C GLY B 119 -35.09 51.35 24.59
N GLN B 120 -35.57 52.21 25.49
CA GLN B 120 -36.72 53.06 25.18
C GLN B 120 -36.76 53.58 23.72
N GLY B 121 -37.96 53.53 23.13
CA GLY B 121 -38.13 53.82 21.72
C GLY B 121 -37.57 52.74 20.80
N HIS B 122 -37.58 51.49 21.27
CA HIS B 122 -37.21 50.34 20.45
C HIS B 122 -38.12 49.14 20.78
N ASP B 123 -38.29 48.27 19.78
CA ASP B 123 -39.18 47.11 19.87
C ASP B 123 -38.38 45.79 19.91
N ASP B 124 -37.33 45.67 19.09
CA ASP B 124 -36.49 44.48 19.08
C ASP B 124 -35.07 44.86 19.52
N VAL B 125 -34.68 44.41 20.69
CA VAL B 125 -33.39 44.76 21.29
C VAL B 125 -32.73 43.54 21.87
N ILE B 126 -31.44 43.35 21.58
CA ILE B 126 -30.68 42.36 22.31
C ILE B 126 -29.77 43.11 23.22
N CYS B 127 -29.77 42.73 24.50
CA CYS B 127 -28.79 43.25 25.44
C CYS B 127 -27.73 42.22 25.72
N ILE B 128 -26.50 42.72 25.81
CA ILE B 128 -25.36 41.99 26.34
C ILE B 128 -24.88 42.73 27.57
N THR B 129 -24.47 42.01 28.60
CA THR B 129 -23.60 42.61 29.64
C THR B 129 -22.27 41.88 29.68
N LEU B 130 -21.19 42.67 29.75
CA LEU B 130 -19.82 42.19 29.74
C LEU B 130 -19.20 42.25 31.16
N GLY B 131 -19.29 41.14 31.89
CA GLY B 131 -18.75 41.04 33.26
C GLY B 131 -17.55 40.13 33.33
N THR B 132 -17.51 39.23 34.29
CA THR B 132 -16.55 38.13 34.25
C THR B 132 -16.95 37.22 33.10
N GLY B 133 -18.27 37.02 32.97
CA GLY B 133 -18.86 36.33 31.82
C GLY B 133 -19.37 37.27 30.73
N LEU B 134 -20.11 36.70 29.80
CA LEU B 134 -20.89 37.47 28.87
C LEU B 134 -22.27 36.89 29.12
N GLY B 135 -23.30 37.73 29.03
CA GLY B 135 -24.69 37.29 29.22
C GLY B 135 -25.67 38.33 28.71
N GLY B 136 -26.92 37.96 28.60
CA GLY B 136 -27.90 38.91 28.09
C GLY B 136 -29.32 38.42 28.11
N GLY B 137 -30.19 39.17 27.42
CA GLY B 137 -31.60 38.79 27.27
C GLY B 137 -32.09 39.24 25.91
N ILE B 138 -33.11 38.57 25.40
CA ILE B 138 -33.68 38.96 24.09
C ILE B 138 -34.96 39.73 24.26
N ILE B 139 -35.15 40.81 23.54
CA ILE B 139 -36.44 41.49 23.60
C ILE B 139 -36.96 41.62 22.19
N ILE B 140 -38.11 41.02 21.92
CA ILE B 140 -38.71 41.02 20.58
C ILE B 140 -40.21 41.26 20.71
N GLY B 141 -40.73 42.25 20.00
CA GLY B 141 -42.13 42.59 20.16
C GLY B 141 -42.44 42.87 21.62
N ASN B 142 -41.59 43.68 22.23
CA ASN B 142 -41.83 44.29 23.56
C ASN B 142 -41.93 43.35 24.74
N LYS B 143 -41.40 42.14 24.57
CA LYS B 143 -41.59 41.08 25.54
C LYS B 143 -40.30 40.34 25.64
N LEU B 144 -39.80 40.15 26.87
CA LEU B 144 -38.58 39.38 27.09
C LEU B 144 -38.91 37.95 26.70
N ARG B 145 -38.07 37.38 25.86
CA ARG B 145 -38.27 36.02 25.38
C ARG B 145 -37.38 35.06 26.13
N ARG B 146 -38.00 34.22 26.96
CA ARG B 146 -37.23 33.31 27.80
C ARG B 146 -36.99 32.00 27.05
N GLY B 147 -37.70 31.84 25.94
CA GLY B 147 -37.65 30.61 25.15
C GLY B 147 -38.66 29.62 25.67
N ARG B 148 -38.68 28.44 25.08
CA ARG B 148 -39.66 27.42 25.48
C ARG B 148 -39.42 26.93 26.90
N PHE B 149 -38.21 26.50 27.20
CA PHE B 149 -37.93 25.91 28.51
C PHE B 149 -37.28 26.92 29.46
N GLY B 150 -37.24 28.17 29.02
CA GLY B 150 -36.90 29.28 29.89
C GLY B 150 -35.48 29.77 29.82
N VAL B 151 -34.61 28.99 29.19
CA VAL B 151 -33.21 29.24 29.30
C VAL B 151 -32.61 29.72 28.01
N ALA B 152 -33.35 30.58 27.32
CA ALA B 152 -32.85 31.21 26.13
C ALA B 152 -31.87 32.37 26.44
N ALA B 153 -31.23 32.85 25.38
CA ALA B 153 -30.34 34.02 25.40
C ALA B 153 -29.14 33.80 26.29
N GLU B 154 -28.70 32.55 26.39
CA GLU B 154 -27.45 32.26 27.08
C GLU B 154 -26.31 32.62 26.14
N PHE B 155 -26.28 33.87 25.63
CA PHE B 155 -25.29 34.29 24.61
C PHE B 155 -23.87 33.94 24.99
N GLY B 156 -23.64 34.09 26.30
CA GLY B 156 -22.40 33.70 26.93
C GLY B 156 -21.79 32.38 26.54
N HIS B 157 -22.54 31.46 25.92
CA HIS B 157 -21.98 30.12 25.62
C HIS B 157 -22.20 29.65 24.22
N ILE B 158 -22.53 30.55 23.30
CA ILE B 158 -22.55 30.16 21.88
C ILE B 158 -21.09 29.97 21.50
N ARG B 159 -20.81 28.90 20.75
CA ARG B 159 -19.41 28.52 20.43
C ARG B 159 -18.74 29.34 19.32
N VAL B 160 -17.75 30.16 19.65
CA VAL B 160 -17.10 31.04 18.67
C VAL B 160 -15.76 30.51 18.16
N VAL B 161 -14.99 29.81 19.01
CA VAL B 161 -13.73 29.18 18.56
C VAL B 161 -13.77 27.66 18.67
N PRO B 162 -14.10 27.00 17.56
CA PRO B 162 -14.25 25.57 17.68
C PRO B 162 -13.05 24.97 18.40
N ASP B 163 -13.33 24.19 19.45
CA ASP B 163 -12.28 23.53 20.24
C ASP B 163 -11.38 24.48 21.02
N GLY B 164 -11.89 25.66 21.32
CA GLY B 164 -11.14 26.70 21.95
C GLY B 164 -11.07 26.50 23.44
N LEU B 165 -11.01 27.60 24.18
CA LEU B 165 -10.71 27.58 25.62
C LEU B 165 -11.78 26.89 26.46
N LEU B 166 -11.37 26.05 27.40
CA LEU B 166 -12.32 25.49 28.39
C LEU B 166 -13.20 26.60 28.99
N CYS B 167 -14.48 26.30 29.19
CA CYS B 167 -15.45 27.30 29.70
C CYS B 167 -16.05 26.93 31.09
N GLY B 168 -16.48 27.93 31.85
CA GLY B 168 -17.30 27.65 33.04
C GLY B 168 -18.29 26.49 32.88
N CYS B 169 -18.98 26.48 31.75
CA CYS B 169 -20.03 25.50 31.43
C CYS B 169 -19.57 24.09 31.03
N GLY B 170 -18.27 23.89 30.79
CA GLY B 170 -17.70 22.55 30.62
C GLY B 170 -17.31 22.12 29.22
N SER B 171 -17.92 22.75 28.21
CA SER B 171 -17.51 22.65 26.76
C SER B 171 -16.47 23.73 26.35
N GLN B 172 -15.80 23.51 25.22
CA GLN B 172 -14.79 24.46 24.75
C GLN B 172 -15.40 25.55 23.85
N GLY B 173 -14.76 26.72 23.88
CA GLY B 173 -14.94 27.74 22.85
C GLY B 173 -16.06 28.75 23.03
N CYS B 174 -16.66 28.79 24.20
CA CYS B 174 -17.77 29.69 24.44
C CYS B 174 -17.34 31.14 24.18
N TRP B 175 -18.28 31.98 23.78
CA TRP B 175 -18.04 33.44 23.61
C TRP B 175 -17.61 34.18 24.87
N GLU B 176 -17.91 33.60 26.04
CA GLU B 176 -17.41 34.09 27.34
C GLU B 176 -15.91 34.11 27.39
N GLN B 177 -15.26 33.11 26.79
CA GLN B 177 -13.81 32.97 26.93
C GLN B 177 -12.94 33.88 26.06
N TYR B 178 -13.58 34.66 25.20
CA TYR B 178 -12.92 35.53 24.20
C TYR B 178 -13.39 36.98 24.25
N ALA B 179 -14.59 37.25 24.79
CA ALA B 179 -15.11 38.63 24.94
C ALA B 179 -15.72 38.83 26.31
N SER B 180 -14.91 39.26 27.28
CA SER B 180 -15.30 39.33 28.70
C SER B 180 -14.18 39.89 29.55
N GLY B 181 -14.45 40.17 30.81
CA GLY B 181 -13.41 40.63 31.72
C GLY B 181 -12.33 39.58 31.97
N ARG B 182 -12.69 38.32 31.94
CA ARG B 182 -11.66 37.29 32.03
C ARG B 182 -10.79 37.31 30.75
N ALA B 183 -11.42 37.30 29.57
CA ALA B 183 -10.71 37.38 28.27
C ALA B 183 -9.78 38.57 28.24
N LEU B 184 -10.28 39.72 28.64
CA LEU B 184 -9.49 40.96 28.60
C LEU B 184 -8.21 40.81 29.43
N VAL B 185 -8.35 40.31 30.64
CA VAL B 185 -7.21 40.11 31.51
C VAL B 185 -6.21 39.22 30.84
N ARG B 186 -6.69 38.22 30.09
CA ARG B 186 -5.80 37.31 29.37
C ARG B 186 -5.11 38.04 28.23
N TYR B 187 -5.89 38.79 27.45
CA TYR B 187 -5.33 39.54 26.31
C TYR B 187 -4.19 40.47 26.74
N ALA B 188 -4.36 41.05 27.94
CA ALA B 188 -3.38 41.96 28.53
C ALA B 188 -2.19 41.19 29.05
N LYS B 189 -2.37 40.32 30.06
CA LYS B 189 -1.23 39.51 30.51
C LYS B 189 -0.43 38.99 29.32
N GLN B 190 -1.12 38.41 28.32
CA GLN B 190 -0.45 37.89 27.11
C GLN B 190 0.42 38.97 26.49
N ARG B 191 -0.16 40.15 26.25
CA ARG B 191 0.52 41.21 25.51
C ARG B 191 1.64 41.82 26.33
N ALA B 192 1.32 42.18 27.58
CA ALA B 192 2.27 42.83 28.49
C ALA B 192 3.42 41.91 28.83
N ASN B 193 3.25 40.62 28.59
CA ASN B 193 4.33 39.67 28.75
C ASN B 193 5.30 39.72 27.57
N ALA B 194 4.76 39.78 26.36
CA ALA B 194 5.55 39.71 25.11
C ALA B 194 6.19 41.05 24.72
N THR B 195 5.67 42.16 25.22
CA THR B 195 6.33 43.49 25.14
C THR B 195 6.19 44.30 26.44
N PRO B 196 7.02 43.99 27.49
CA PRO B 196 6.92 44.73 28.78
C PRO B 196 7.15 46.23 28.62
N GLU B 197 8.00 46.60 27.67
CA GLU B 197 8.34 48.00 27.43
C GLU B 197 7.14 48.83 27.04
N ASN B 198 6.06 48.19 26.60
CA ASN B 198 4.84 48.90 26.18
C ASN B 198 3.72 48.85 27.21
N ALA B 199 4.01 48.33 28.40
CA ALA B 199 3.02 48.28 29.47
C ALA B 199 3.54 48.97 30.70
N ALA B 200 4.36 50.01 30.53
CA ALA B 200 4.94 50.76 31.67
C ALA B 200 3.84 51.26 32.62
N VAL B 201 2.82 51.89 32.05
CA VAL B 201 1.75 52.51 32.81
C VAL B 201 0.80 51.49 33.45
N LEU B 202 0.69 50.31 32.84
CA LEU B 202 -0.21 49.25 33.32
C LEU B 202 0.45 48.47 34.46
N LEU B 203 1.74 48.19 34.29
CA LEU B 203 2.51 47.40 35.23
C LEU B 203 2.71 48.23 36.50
N GLY B 204 3.07 49.50 36.32
CA GLY B 204 3.15 50.44 37.44
C GLY B 204 1.88 50.46 38.27
N LEU B 205 0.73 50.49 37.61
CA LEU B 205 -0.55 50.49 38.31
C LEU B 205 -0.79 49.26 39.21
N GLY B 206 -0.20 48.12 38.84
CA GLY B 206 -0.33 46.92 39.66
C GLY B 206 0.74 46.93 40.74
N ASP B 207 1.42 45.80 40.90
CA ASP B 207 2.62 45.75 41.74
C ASP B 207 3.88 45.93 40.88
N GLY B 208 3.80 45.56 39.61
CA GLY B 208 4.93 45.67 38.68
C GLY B 208 5.13 44.40 37.86
N SER B 209 4.70 43.27 38.44
CA SER B 209 4.85 41.97 37.81
C SER B 209 3.69 41.70 36.85
N VAL B 210 3.89 40.73 35.95
CA VAL B 210 2.94 40.46 34.85
C VAL B 210 1.61 39.86 35.35
N ASP B 211 1.63 39.34 36.58
CA ASP B 211 0.47 38.74 37.20
C ASP B 211 -0.33 39.66 38.11
N GLY B 212 0.29 40.75 38.57
CA GLY B 212 -0.41 41.75 39.37
C GLY B 212 -1.45 42.58 38.61
N ILE B 213 -1.91 42.05 37.47
CA ILE B 213 -2.85 42.73 36.58
C ILE B 213 -4.28 42.29 36.88
N GLU B 214 -5.11 43.23 37.35
CA GLU B 214 -6.55 43.04 37.58
C GLU B 214 -7.35 43.80 36.51
N GLY B 215 -8.61 43.41 36.32
CA GLY B 215 -9.49 44.08 35.36
C GLY B 215 -9.32 45.59 35.44
N LYS B 216 -9.65 46.16 36.61
CA LYS B 216 -9.59 47.62 36.88
C LYS B 216 -8.31 48.31 36.44
N HIS B 217 -7.17 47.62 36.45
CA HIS B 217 -5.91 48.22 35.99
C HIS B 217 -5.90 48.58 34.49
N ILE B 218 -6.46 47.68 33.68
CA ILE B 218 -6.44 47.84 32.23
C ILE B 218 -7.22 49.09 31.87
N SER B 219 -8.46 49.13 32.32
CA SER B 219 -9.35 50.28 32.10
C SER B 219 -8.62 51.59 32.34
N GLU B 220 -7.88 51.69 33.44
CA GLU B 220 -7.18 52.93 33.83
C GLU B 220 -5.88 53.19 33.05
N ALA B 221 -5.12 52.13 32.77
CA ALA B 221 -3.92 52.29 31.96
C ALA B 221 -4.29 52.68 30.53
N ALA B 222 -5.47 52.21 30.10
CA ALA B 222 -6.00 52.46 28.77
C ALA B 222 -6.38 53.92 28.55
N ARG B 223 -7.01 54.54 29.55
CA ARG B 223 -7.44 55.93 29.43
C ARG B 223 -6.27 56.91 29.51
N GLN B 224 -5.06 56.38 29.70
CA GLN B 224 -3.83 57.17 29.65
C GLN B 224 -2.94 56.66 28.52
N GLY B 225 -3.56 56.28 27.42
CA GLY B 225 -2.81 55.96 26.19
C GLY B 225 -1.97 54.70 26.17
N ASP B 226 -1.78 54.04 27.32
CA ASP B 226 -0.84 52.92 27.43
C ASP B 226 -1.05 51.88 26.31
N PRO B 227 -0.08 51.74 25.38
CA PRO B 227 -0.30 51.00 24.13
C PRO B 227 -0.74 49.54 24.24
N VAL B 228 -0.45 48.89 25.37
CA VAL B 228 -0.89 47.51 25.61
C VAL B 228 -2.34 47.53 26.09
N ALA B 229 -2.64 48.38 27.06
CA ALA B 229 -3.99 48.47 27.59
C ALA B 229 -5.01 48.75 26.49
N VAL B 230 -4.66 49.61 25.53
CA VAL B 230 -5.55 49.91 24.38
C VAL B 230 -5.70 48.72 23.44
N ASP B 231 -4.59 48.07 23.08
CA ASP B 231 -4.70 46.87 22.26
C ASP B 231 -5.60 45.83 22.91
N SER B 232 -5.45 45.64 24.22
CA SER B 232 -6.30 44.67 24.93
C SER B 232 -7.77 44.87 24.57
N PHE B 233 -8.22 46.11 24.65
CA PHE B 233 -9.56 46.46 24.22
C PHE B 233 -9.79 46.30 22.70
N ARG B 234 -8.83 46.66 21.85
CA ARG B 234 -8.94 46.37 20.40
C ARG B 234 -9.16 44.88 20.12
N GLU B 235 -8.59 44.03 20.96
CA GLU B 235 -8.78 42.59 20.84
C GLU B 235 -10.15 42.27 21.37
N LEU B 236 -10.40 42.71 22.59
CA LEU B 236 -11.65 42.38 23.26
C LEU B 236 -12.81 42.70 22.31
N ALA B 237 -12.67 43.82 21.59
CA ALA B 237 -13.62 44.23 20.56
C ALA B 237 -13.67 43.18 19.47
N ARG B 238 -12.57 43.01 18.74
CA ARG B 238 -12.56 42.02 17.68
C ARG B 238 -13.56 40.86 17.95
N TRP B 239 -13.61 40.33 19.16
CA TRP B 239 -14.48 39.18 19.47
C TRP B 239 -15.90 39.59 19.81
N ALA B 240 -16.00 40.52 20.73
CA ALA B 240 -17.26 41.10 21.11
C ALA B 240 -17.97 41.48 19.83
N GLY B 241 -17.31 42.29 19.02
CA GLY B 241 -17.86 42.78 17.77
C GLY B 241 -18.27 41.70 16.78
N ALA B 242 -17.34 40.83 16.42
CA ALA B 242 -17.69 39.71 15.56
C ALA B 242 -19.00 39.05 16.07
N GLY B 243 -19.04 38.83 17.39
CA GLY B 243 -20.09 38.07 18.05
C GLY B 243 -21.47 38.72 17.98
N LEU B 244 -21.50 40.03 18.13
CA LEU B 244 -22.71 40.81 17.85
C LEU B 244 -23.07 40.68 16.37
N ALA B 245 -22.05 40.77 15.51
CA ALA B 245 -22.27 40.72 14.05
C ALA B 245 -23.08 39.49 13.68
N ASP B 246 -22.94 38.44 14.50
CA ASP B 246 -23.59 37.17 14.22
C ASP B 246 -24.98 37.15 14.87
N LEU B 247 -25.11 37.78 16.04
CA LEU B 247 -26.43 37.99 16.63
C LEU B 247 -27.28 38.89 15.72
N ALA B 248 -26.62 39.74 14.94
CA ALA B 248 -27.30 40.51 13.90
C ALA B 248 -27.84 39.57 12.87
N SER B 249 -27.00 38.67 12.39
CA SER B 249 -27.42 37.78 11.32
C SER B 249 -28.61 36.91 11.76
N LEU B 250 -28.67 36.52 13.03
CA LEU B 250 -29.83 35.77 13.57
C LEU B 250 -31.04 36.66 13.88
N PHE B 251 -30.90 37.53 14.89
CA PHE B 251 -32.02 38.30 15.49
C PHE B 251 -32.40 39.58 14.76
N ASP B 252 -31.38 40.28 14.26
CA ASP B 252 -31.54 41.51 13.52
C ASP B 252 -32.38 42.53 14.29
N PRO B 253 -31.83 43.05 15.41
CA PRO B 253 -32.56 43.95 16.28
C PRO B 253 -32.42 45.37 15.81
N SER B 254 -33.20 46.29 16.38
CA SER B 254 -33.00 47.70 16.11
C SER B 254 -31.66 48.07 16.66
N ALA B 255 -31.40 47.64 17.91
CA ALA B 255 -30.17 48.00 18.60
C ALA B 255 -29.74 46.95 19.55
N PHE B 256 -28.44 46.94 19.81
CA PHE B 256 -27.83 46.19 20.89
C PHE B 256 -27.55 47.18 21.98
N ILE B 257 -27.90 46.84 23.20
CA ILE B 257 -27.40 47.60 24.36
C ILE B 257 -26.24 46.84 24.99
N VAL B 258 -25.10 47.50 25.15
CA VAL B 258 -23.93 46.83 25.68
C VAL B 258 -23.62 47.49 26.98
N GLY B 259 -23.63 46.71 28.06
CA GLY B 259 -23.42 47.26 29.40
C GLY B 259 -22.60 46.38 30.32
N GLY B 260 -22.44 46.81 31.58
CA GLY B 260 -21.79 46.00 32.59
C GLY B 260 -20.40 46.41 33.01
N GLY B 261 -19.75 45.50 33.74
CA GLY B 261 -18.48 45.78 34.44
C GLY B 261 -17.39 46.42 33.60
N VAL B 262 -17.34 46.03 32.33
CA VAL B 262 -16.26 46.41 31.44
C VAL B 262 -16.62 47.65 30.63
N SER B 263 -17.91 47.89 30.42
CA SER B 263 -18.34 49.06 29.65
C SER B 263 -18.20 50.35 30.44
N ASP B 264 -18.17 50.24 31.78
CA ASP B 264 -18.05 51.42 32.66
C ASP B 264 -17.13 52.48 32.12
N GLU B 265 -16.08 52.08 31.42
CA GLU B 265 -15.15 53.05 30.88
C GLU B 265 -15.70 53.81 29.65
N GLY B 266 -16.92 53.49 29.26
CA GLY B 266 -17.63 54.26 28.27
C GLY B 266 -17.02 54.10 26.89
N GLU B 267 -16.88 55.21 26.18
CA GLU B 267 -16.63 55.11 24.76
C GLU B 267 -15.25 54.58 24.41
N LEU B 268 -14.33 54.59 25.37
CA LEU B 268 -13.02 53.97 25.15
C LEU B 268 -13.17 52.48 24.81
N VAL B 269 -14.08 51.84 25.53
CA VAL B 269 -14.38 50.42 25.38
C VAL B 269 -15.41 50.20 24.29
N LEU B 270 -16.37 51.11 24.20
CA LEU B 270 -17.52 50.95 23.32
C LEU B 270 -17.30 51.34 21.89
N ASP B 271 -16.39 52.25 21.60
CA ASP B 271 -16.23 52.65 20.23
C ASP B 271 -15.58 51.55 19.38
N PRO B 272 -14.48 50.97 19.84
CA PRO B 272 -13.92 49.89 19.02
C PRO B 272 -14.92 48.78 18.75
N ILE B 273 -15.74 48.44 19.75
CA ILE B 273 -16.79 47.44 19.59
C ILE B 273 -17.69 47.77 18.41
N ARG B 274 -18.08 49.03 18.36
CA ARG B 274 -19.02 49.50 17.38
C ARG B 274 -18.44 49.47 15.97
N LYS B 275 -17.13 49.59 15.89
CA LYS B 275 -16.44 49.52 14.62
C LYS B 275 -16.25 48.06 14.24
N SER B 276 -15.72 47.27 15.18
CA SER B 276 -15.62 45.81 15.01
C SER B 276 -16.93 45.24 14.46
N PHE B 277 -18.04 45.67 15.05
CA PHE B 277 -19.34 45.30 14.57
C PHE B 277 -19.56 45.65 13.07
N ARG B 278 -19.27 46.88 12.67
CA ARG B 278 -19.45 47.27 11.28
C ARG B 278 -18.59 46.42 10.35
N ARG B 279 -17.35 46.22 10.75
CA ARG B 279 -16.39 45.47 9.96
C ARG B 279 -16.85 44.04 9.73
N TRP B 280 -17.53 43.47 10.72
CA TRP B 280 -17.87 42.06 10.73
C TRP B 280 -19.32 41.74 10.28
N LEU B 281 -20.13 42.75 10.03
CA LEU B 281 -21.52 42.49 9.67
C LEU B 281 -21.67 42.16 8.21
N ILE B 282 -22.05 40.92 7.91
CA ILE B 282 -22.32 40.47 6.53
C ILE B 282 -23.42 41.29 5.83
N GLY B 283 -23.19 41.62 4.57
CA GLY B 283 -24.14 42.40 3.76
C GLY B 283 -24.64 43.70 4.37
N GLY B 284 -23.72 44.67 4.52
CA GLY B 284 -23.99 45.93 5.23
C GLY B 284 -24.47 47.12 4.40
N GLU B 285 -24.51 46.97 3.08
CA GLU B 285 -24.86 48.07 2.17
C GLU B 285 -26.25 47.87 1.57
N TRP B 286 -27.02 46.97 2.17
CA TRP B 286 -28.41 46.78 1.81
C TRP B 286 -29.20 46.88 3.08
N ARG B 287 -28.86 46.01 4.02
CA ARG B 287 -29.49 46.02 5.33
C ARG B 287 -28.92 47.15 6.14
N PRO B 288 -29.77 47.79 6.96
CA PRO B 288 -29.28 48.86 7.81
C PRO B 288 -28.67 48.33 9.10
N HIS B 289 -27.57 48.93 9.50
CA HIS B 289 -26.81 48.47 10.64
C HIS B 289 -27.62 48.67 11.89
N ALA B 290 -27.58 47.67 12.78
CA ALA B 290 -28.15 47.83 14.10
C ALA B 290 -27.38 48.91 14.88
N GLN B 291 -28.04 49.70 15.74
CA GLN B 291 -27.30 50.62 16.62
C GLN B 291 -26.62 49.85 17.75
N VAL B 292 -25.44 50.28 18.16
CA VAL B 292 -24.92 49.82 19.43
C VAL B 292 -25.04 50.97 20.39
N LEU B 293 -25.95 50.83 21.36
CA LEU B 293 -26.13 51.84 22.41
C LEU B 293 -25.44 51.43 23.69
N ALA B 294 -25.36 52.36 24.64
CA ALA B 294 -24.67 52.10 25.89
C ALA B 294 -25.64 51.96 27.02
N ALA B 295 -25.18 51.27 28.06
CA ALA B 295 -25.92 51.13 29.30
C ALA B 295 -26.34 52.49 29.76
N GLN B 296 -27.51 52.55 30.39
CA GLN B 296 -27.90 53.72 31.17
C GLN B 296 -28.02 53.33 32.62
N LEU B 297 -28.88 52.37 32.91
CA LEU B 297 -29.14 52.01 34.30
C LEU B 297 -27.93 51.44 35.07
N GLY B 298 -26.80 51.17 34.41
CA GLY B 298 -25.62 50.68 35.11
C GLY B 298 -25.94 49.51 36.03
N GLY B 299 -25.18 49.35 37.11
CA GLY B 299 -25.29 48.17 37.99
C GLY B 299 -26.69 47.80 38.52
N LYS B 300 -27.49 48.83 38.78
CA LYS B 300 -28.80 48.62 39.41
C LYS B 300 -29.75 47.84 38.49
N ALA B 301 -29.68 48.07 37.16
CA ALA B 301 -30.55 47.42 36.11
C ALA B 301 -31.18 46.04 36.41
N GLY B 302 -30.35 45.09 36.85
CA GLY B 302 -30.84 43.77 37.20
C GLY B 302 -31.90 43.80 38.27
N LEU B 303 -31.68 44.65 39.27
CA LEU B 303 -32.58 44.78 40.41
C LEU B 303 -33.88 45.37 40.00
N VAL B 304 -33.82 46.47 39.24
CA VAL B 304 -35.01 47.13 38.70
C VAL B 304 -35.85 46.23 37.80
N GLY B 305 -35.22 45.64 36.79
CA GLY B 305 -35.90 44.73 35.88
C GLY B 305 -36.60 43.58 36.61
N ALA B 306 -35.90 42.95 37.56
CA ALA B 306 -36.49 41.83 38.30
C ALA B 306 -37.78 42.29 38.94
N ALA B 307 -37.77 43.54 39.39
CA ALA B 307 -38.92 44.13 40.04
C ALA B 307 -40.06 44.40 39.08
N ASP B 308 -39.75 44.99 37.94
CA ASP B 308 -40.79 45.28 36.94
C ASP B 308 -41.23 44.01 36.24
N LEU B 309 -40.36 43.01 36.18
CA LEU B 309 -40.77 41.73 35.62
C LEU B 309 -41.79 41.06 36.54
N ALA B 310 -41.77 41.35 37.84
CA ALA B 310 -42.75 40.78 38.76
C ALA B 310 -44.13 41.39 38.56
N ARG B 311 -44.29 42.27 37.58
CA ARG B 311 -45.63 42.69 37.16
C ARG B 311 -46.11 42.05 35.86
N GLN B 312 -45.56 40.90 35.45
CA GLN B 312 -45.97 40.21 34.20
C GLN B 312 -46.90 38.98 34.44
N GLY B 313 -47.04 38.06 33.47
CA GLY B 313 -47.85 36.83 33.61
C GLY B 313 -48.75 36.57 32.43
N LEU C 3 -58.77 32.00 0.94
CA LEU C 3 -58.29 31.35 -0.32
C LEU C 3 -57.30 32.30 -1.02
N THR C 4 -56.08 31.81 -1.26
CA THR C 4 -54.89 32.66 -1.49
C THR C 4 -53.82 31.97 -2.38
N ILE C 5 -53.02 32.75 -3.13
CA ILE C 5 -51.95 32.21 -4.02
C ILE C 5 -50.55 32.25 -3.38
N GLY C 6 -49.76 31.21 -3.59
CA GLY C 6 -48.38 31.21 -3.12
C GLY C 6 -47.49 31.06 -4.32
N VAL C 7 -46.48 31.92 -4.45
CA VAL C 7 -45.50 31.82 -5.54
C VAL C 7 -44.13 31.30 -5.06
N ASP C 8 -43.58 30.37 -5.83
CA ASP C 8 -42.29 29.76 -5.50
C ASP C 8 -41.34 29.79 -6.71
N ILE C 9 -40.47 30.79 -6.72
CA ILE C 9 -39.48 31.01 -7.78
C ILE C 9 -38.42 29.92 -7.64
N GLY C 10 -38.00 29.30 -8.75
CA GLY C 10 -37.21 28.05 -8.61
C GLY C 10 -36.07 27.73 -9.57
N GLY C 11 -35.45 28.75 -10.18
CA GLY C 11 -34.34 28.54 -11.12
C GLY C 11 -34.73 27.76 -12.38
N THR C 12 -35.07 26.49 -12.23
CA THR C 12 -35.68 25.75 -13.33
C THR C 12 -37.09 26.31 -13.69
N LYS C 13 -38.04 26.30 -12.73
CA LYS C 13 -39.40 26.90 -12.95
C LYS C 13 -39.95 27.69 -11.74
N ILE C 14 -40.81 28.67 -12.05
CA ILE C 14 -41.61 29.42 -11.07
C ILE C 14 -43.00 28.78 -10.91
N ALA C 15 -43.23 28.21 -9.74
CA ALA C 15 -44.51 27.65 -9.36
C ALA C 15 -45.35 28.76 -8.73
N ALA C 16 -46.63 28.82 -9.10
CA ALA C 16 -47.59 29.78 -8.55
C ALA C 16 -48.88 29.05 -8.26
N GLY C 17 -49.12 28.69 -7.00
CA GLY C 17 -50.27 27.84 -6.67
C GLY C 17 -51.35 28.48 -5.81
N VAL C 18 -52.57 27.93 -5.86
CA VAL C 18 -53.70 28.36 -5.03
C VAL C 18 -53.75 27.47 -3.79
N VAL C 19 -53.59 28.05 -2.61
CA VAL C 19 -53.52 27.30 -1.38
C VAL C 19 -54.71 27.65 -0.48
N ASP C 20 -55.36 26.64 0.09
CA ASP C 20 -56.57 26.87 0.86
C ASP C 20 -56.23 26.94 2.34
N GLU C 21 -57.26 27.23 3.16
CA GLU C 21 -57.11 27.57 4.57
C GLU C 21 -56.35 26.52 5.39
N GLU C 22 -56.24 25.31 4.86
CA GLU C 22 -55.62 24.20 5.56
C GLU C 22 -54.34 23.69 4.88
N GLY C 23 -53.77 24.50 4.00
CA GLY C 23 -52.50 24.22 3.38
C GLY C 23 -52.56 23.18 2.28
N ARG C 24 -53.68 23.09 1.59
CA ARG C 24 -53.83 22.13 0.49
C ARG C 24 -53.81 22.88 -0.81
N ILE C 25 -53.25 22.28 -1.88
CA ILE C 25 -53.02 23.01 -3.14
C ILE C 25 -54.05 22.68 -4.22
N LEU C 26 -55.02 23.56 -4.41
CA LEU C 26 -56.16 23.28 -5.26
C LEU C 26 -55.82 23.30 -6.75
N SER C 27 -55.00 24.26 -7.15
CA SER C 27 -54.52 24.30 -8.53
C SER C 27 -53.13 24.94 -8.61
N THR C 28 -52.34 24.42 -9.55
CA THR C 28 -50.93 24.80 -9.74
C THR C 28 -50.80 25.41 -11.15
N PHE C 29 -49.84 26.32 -11.32
CA PHE C 29 -49.52 26.84 -12.66
C PHE C 29 -48.06 27.26 -12.65
N LYS C 30 -47.32 26.79 -13.65
CA LYS C 30 -45.88 26.93 -13.70
C LYS C 30 -45.42 27.63 -14.98
N VAL C 31 -44.37 28.44 -14.89
CA VAL C 31 -43.61 28.90 -16.07
C VAL C 31 -42.12 28.80 -15.76
N ALA C 32 -41.32 28.61 -16.82
CA ALA C 32 -39.86 28.47 -16.72
C ALA C 32 -39.26 29.80 -16.26
N THR C 33 -38.21 29.75 -15.45
CA THR C 33 -37.58 30.98 -14.93
C THR C 33 -36.80 31.63 -16.07
N PRO C 34 -37.07 32.94 -16.35
CA PRO C 34 -36.26 33.62 -17.37
C PRO C 34 -34.81 33.92 -16.89
N PRO C 35 -33.94 34.43 -17.81
CA PRO C 35 -32.58 34.82 -17.41
C PRO C 35 -32.52 36.23 -16.77
N THR C 36 -33.21 37.20 -17.38
CA THR C 36 -33.16 38.60 -16.94
C THR C 36 -33.92 38.77 -15.60
N ALA C 37 -33.43 39.64 -14.71
CA ALA C 37 -34.13 39.91 -13.45
C ALA C 37 -35.47 40.65 -13.67
N GLU C 38 -35.47 41.59 -14.61
CA GLU C 38 -36.69 42.33 -14.97
C GLU C 38 -37.77 41.39 -15.56
N GLY C 39 -37.34 40.34 -16.25
CA GLY C 39 -38.24 39.39 -16.90
C GLY C 39 -38.91 38.43 -15.92
N ILE C 40 -38.33 38.31 -14.72
CA ILE C 40 -38.90 37.51 -13.65
C ILE C 40 -40.25 38.07 -13.20
N VAL C 41 -40.30 39.38 -13.01
CA VAL C 41 -41.54 40.03 -12.61
C VAL C 41 -42.61 39.95 -13.73
N ASP C 42 -42.26 39.35 -14.87
CA ASP C 42 -43.25 38.89 -15.83
C ASP C 42 -43.76 37.49 -15.54
N ALA C 43 -42.83 36.55 -15.38
CA ALA C 43 -43.20 35.16 -15.07
C ALA C 43 -44.07 35.09 -13.82
N ILE C 44 -43.62 35.74 -12.74
CA ILE C 44 -44.42 35.87 -11.52
C ILE C 44 -45.82 36.35 -11.81
N CYS C 45 -45.92 37.36 -12.68
CA CYS C 45 -47.21 37.97 -13.03
C CYS C 45 -48.05 37.14 -14.00
N ALA C 46 -47.42 36.56 -15.02
CA ALA C 46 -48.12 35.65 -15.93
C ALA C 46 -48.67 34.47 -15.14
N ALA C 47 -47.84 33.96 -14.20
CA ALA C 47 -48.11 32.73 -13.44
C ALA C 47 -49.15 32.86 -12.33
N VAL C 48 -49.33 34.06 -11.79
CA VAL C 48 -50.38 34.28 -10.82
C VAL C 48 -51.73 34.41 -11.54
N ALA C 49 -51.71 35.09 -12.68
CA ALA C 49 -52.87 35.18 -13.56
C ALA C 49 -53.40 33.79 -13.95
N GLY C 50 -52.50 32.90 -14.33
CA GLY C 50 -52.89 31.55 -14.77
C GLY C 50 -53.45 30.69 -13.67
N ALA C 51 -52.90 30.82 -12.48
CA ALA C 51 -53.31 30.04 -11.31
C ALA C 51 -54.64 30.52 -10.73
N SER C 52 -54.89 31.82 -10.84
CA SER C 52 -56.13 32.42 -10.31
C SER C 52 -57.39 32.23 -11.22
N GLU C 53 -57.23 31.66 -12.42
CA GLU C 53 -58.39 31.47 -13.29
C GLU C 53 -59.26 30.39 -12.68
N GLY C 54 -60.55 30.71 -12.52
CA GLY C 54 -61.56 29.76 -12.03
C GLY C 54 -61.52 29.51 -10.53
N HIS C 55 -60.94 30.48 -9.81
CA HIS C 55 -60.79 30.40 -8.37
C HIS C 55 -60.91 31.82 -7.78
N ASP C 56 -61.38 31.90 -6.54
CA ASP C 56 -61.70 33.18 -5.91
C ASP C 56 -60.59 33.63 -4.91
N VAL C 57 -59.64 34.45 -5.37
CA VAL C 57 -58.37 34.65 -4.65
C VAL C 57 -58.20 36.02 -3.98
N GLU C 58 -57.77 36.01 -2.71
CA GLU C 58 -57.74 37.22 -1.85
C GLU C 58 -56.39 37.87 -1.70
N ALA C 59 -55.34 37.06 -1.55
CA ALA C 59 -53.95 37.52 -1.38
C ALA C 59 -53.01 36.90 -2.44
N VAL C 60 -51.74 37.26 -2.40
CA VAL C 60 -50.70 36.55 -3.16
C VAL C 60 -49.44 36.59 -2.31
N GLY C 61 -49.00 35.46 -1.78
CA GLY C 61 -47.75 35.45 -1.01
C GLY C 61 -46.59 35.04 -1.89
N ILE C 62 -45.55 35.88 -1.94
CA ILE C 62 -44.38 35.62 -2.80
C ILE C 62 -43.12 35.37 -1.98
N GLY C 63 -42.54 34.19 -2.14
CA GLY C 63 -41.31 33.84 -1.44
C GLY C 63 -40.10 34.11 -2.30
N ALA C 64 -39.42 35.22 -2.04
CA ALA C 64 -38.19 35.55 -2.74
C ALA C 64 -36.99 34.94 -2.00
N ALA C 65 -35.94 34.63 -2.77
CA ALA C 65 -34.69 34.10 -2.23
C ALA C 65 -33.66 35.22 -2.13
N GLY C 66 -33.83 36.05 -1.11
CA GLY C 66 -32.95 37.20 -0.87
C GLY C 66 -33.18 37.79 0.50
N TYR C 67 -32.79 39.04 0.69
CA TYR C 67 -33.20 39.77 1.90
C TYR C 67 -34.49 40.51 1.59
N VAL C 68 -35.52 40.29 2.41
CA VAL C 68 -36.75 41.07 2.29
C VAL C 68 -36.96 41.92 3.54
N ASP C 69 -37.34 43.17 3.31
CA ASP C 69 -37.50 44.18 4.35
C ASP C 69 -38.53 43.84 5.43
N ASP C 70 -38.59 44.68 6.47
CA ASP C 70 -39.59 44.52 7.54
C ASP C 70 -41.00 44.70 6.97
N LYS C 71 -41.12 45.63 6.03
CA LYS C 71 -42.39 45.95 5.41
C LYS C 71 -42.84 44.96 4.30
N ARG C 72 -42.10 43.88 4.08
CA ARG C 72 -42.55 42.78 3.21
C ARG C 72 -42.90 43.19 1.78
N ALA C 73 -42.15 44.14 1.25
CA ALA C 73 -42.52 44.76 -0.03
C ALA C 73 -41.35 44.95 -0.98
N THR C 74 -40.13 44.95 -0.46
CA THR C 74 -38.95 45.05 -1.30
C THR C 74 -38.00 43.90 -1.04
N VAL C 75 -37.42 43.40 -2.12
CA VAL C 75 -36.26 42.56 -2.04
C VAL C 75 -35.08 43.52 -1.93
N LEU C 76 -34.40 43.51 -0.78
CA LEU C 76 -33.31 44.44 -0.54
C LEU C 76 -32.13 44.04 -1.39
N PHE C 77 -31.86 42.74 -1.43
CA PHE C 77 -30.75 42.18 -2.20
C PHE C 77 -30.96 40.70 -2.51
N ALA C 78 -30.83 40.34 -3.78
CA ALA C 78 -30.93 38.93 -4.23
C ALA C 78 -29.56 38.43 -4.69
N PRO C 79 -29.09 37.30 -4.13
CA PRO C 79 -27.71 36.89 -4.38
C PRO C 79 -27.52 36.26 -5.74
N ASN C 80 -28.62 35.81 -6.36
CA ASN C 80 -28.56 35.17 -7.66
C ASN C 80 -29.32 35.95 -8.72
N ILE C 81 -30.10 36.94 -8.31
CA ILE C 81 -30.86 37.78 -9.24
C ILE C 81 -30.43 39.24 -9.13
N ASP C 82 -30.50 39.96 -10.25
CA ASP C 82 -30.16 41.38 -10.28
C ASP C 82 -31.29 42.19 -9.62
N TRP C 83 -31.40 42.06 -8.30
CA TRP C 83 -32.44 42.74 -7.57
C TRP C 83 -31.84 43.58 -6.46
N ARG C 84 -31.97 44.90 -6.59
CA ARG C 84 -31.40 45.86 -5.65
C ARG C 84 -32.47 46.85 -5.18
N HIS C 85 -32.78 46.81 -3.88
CA HIS C 85 -33.89 47.57 -3.31
C HIS C 85 -35.05 47.51 -4.30
N GLU C 86 -35.42 46.29 -4.69
CA GLU C 86 -36.45 46.08 -5.70
C GLU C 86 -37.85 46.10 -5.07
N PRO C 87 -38.72 47.05 -5.49
CA PRO C 87 -40.08 47.25 -4.90
C PRO C 87 -41.13 46.25 -5.41
N LEU C 88 -40.67 45.04 -5.70
CA LEU C 88 -41.47 43.93 -6.24
C LEU C 88 -42.95 43.94 -5.86
N LYS C 89 -43.23 44.13 -4.59
CA LYS C 89 -44.61 44.17 -4.17
C LYS C 89 -45.38 45.12 -5.04
N ASP C 90 -44.94 46.37 -5.10
CA ASP C 90 -45.73 47.40 -5.73
C ASP C 90 -45.83 47.23 -7.25
N LYS C 91 -44.90 46.47 -7.84
CA LYS C 91 -44.95 46.14 -9.28
C LYS C 91 -45.98 45.05 -9.57
N VAL C 92 -45.92 43.95 -8.82
CA VAL C 92 -46.87 42.85 -8.96
C VAL C 92 -48.32 43.32 -8.75
N GLU C 93 -48.55 44.05 -7.67
CA GLU C 93 -49.89 44.52 -7.32
C GLU C 93 -50.55 45.37 -8.41
N GLN C 94 -49.78 46.25 -9.04
CA GLN C 94 -50.32 47.02 -10.18
C GLN C 94 -50.76 46.10 -11.32
N ARG C 95 -49.99 45.04 -11.56
CA ARG C 95 -50.14 44.25 -12.78
C ARG C 95 -51.08 43.04 -12.70
N VAL C 96 -51.29 42.49 -11.49
CA VAL C 96 -52.24 41.37 -11.28
C VAL C 96 -53.52 41.81 -10.58
N GLY C 97 -53.43 42.85 -9.77
CA GLY C 97 -54.59 43.38 -9.07
C GLY C 97 -54.98 42.46 -7.94
N LEU C 98 -54.06 42.25 -7.01
CA LEU C 98 -54.34 41.50 -5.81
C LEU C 98 -53.40 41.94 -4.72
N PRO C 99 -53.89 42.04 -3.48
CA PRO C 99 -52.97 42.31 -2.40
C PRO C 99 -51.84 41.30 -2.44
N VAL C 100 -50.60 41.81 -2.36
CA VAL C 100 -49.39 40.99 -2.44
C VAL C 100 -48.53 41.23 -1.21
N VAL C 101 -47.80 40.20 -0.80
CA VAL C 101 -46.74 40.34 0.21
C VAL C 101 -45.49 39.63 -0.31
N VAL C 102 -44.30 40.19 -0.06
CA VAL C 102 -43.06 39.50 -0.42
C VAL C 102 -42.43 38.98 0.85
N GLU C 103 -42.06 37.70 0.84
CA GLU C 103 -41.45 37.08 2.01
C GLU C 103 -40.11 36.39 1.69
N ASN C 104 -39.20 36.29 2.66
CA ASN C 104 -37.99 35.53 2.42
C ASN C 104 -38.34 34.06 2.13
N ASP C 105 -37.65 33.42 1.21
CA ASP C 105 -38.01 32.05 0.85
C ASP C 105 -37.85 31.07 2.02
N ALA C 106 -36.77 31.18 2.79
CA ALA C 106 -36.58 30.33 3.99
C ALA C 106 -37.58 30.69 5.10
N ASN C 107 -38.02 31.94 5.13
CA ASN C 107 -39.15 32.30 5.98
C ASN C 107 -40.46 31.63 5.53
N ALA C 108 -40.71 31.58 4.21
CA ALA C 108 -41.91 30.92 3.69
C ALA C 108 -41.89 29.48 4.16
N ALA C 109 -40.88 28.73 3.73
CA ALA C 109 -40.79 27.32 4.09
C ALA C 109 -40.89 27.13 5.60
N ALA C 110 -40.15 27.96 6.34
CA ALA C 110 -40.23 27.98 7.80
C ALA C 110 -41.67 28.07 8.29
N TRP C 111 -42.47 28.96 7.68
CA TRP C 111 -43.87 29.11 8.07
C TRP C 111 -44.71 27.94 7.65
N GLY C 112 -44.58 27.56 6.38
CA GLY C 112 -45.24 26.37 5.84
C GLY C 112 -45.16 25.19 6.78
N GLU C 113 -43.95 24.78 7.14
CA GLU C 113 -43.74 23.64 8.04
C GLU C 113 -44.27 23.92 9.42
N TYR C 114 -44.08 25.13 9.95
CA TYR C 114 -44.58 25.44 11.30
C TYR C 114 -46.08 25.22 11.38
N ARG C 115 -46.77 25.62 10.32
CA ARG C 115 -48.23 25.64 10.30
C ARG C 115 -48.84 24.29 9.89
N PHE C 116 -48.36 23.68 8.81
CA PHE C 116 -48.91 22.41 8.36
C PHE C 116 -47.90 21.27 8.37
N GLY C 117 -46.74 21.48 8.96
CA GLY C 117 -45.69 20.46 9.02
C GLY C 117 -45.52 19.97 10.45
N ALA C 118 -44.29 19.58 10.80
CA ALA C 118 -44.04 18.99 12.11
C ALA C 118 -44.11 20.04 13.20
N GLY C 119 -44.44 21.26 12.80
CA GLY C 119 -44.46 22.39 13.71
C GLY C 119 -45.65 22.41 14.63
N GLN C 120 -46.84 22.31 14.06
CA GLN C 120 -48.06 22.41 14.84
C GLN C 120 -47.98 21.62 16.15
N GLY C 121 -48.53 22.22 17.21
CA GLY C 121 -48.47 21.67 18.56
C GLY C 121 -47.31 22.27 19.34
N HIS C 122 -46.65 23.26 18.72
CA HIS C 122 -45.47 23.91 19.29
C HIS C 122 -45.61 25.43 19.10
N ASP C 123 -45.33 26.22 20.14
CA ASP C 123 -45.41 27.69 20.04
C ASP C 123 -44.06 28.36 19.59
N ASP C 124 -42.91 27.74 19.94
CA ASP C 124 -41.56 28.26 19.63
C ASP C 124 -40.76 27.21 18.83
N VAL C 125 -40.43 27.51 17.59
CA VAL C 125 -39.88 26.50 16.69
C VAL C 125 -38.94 27.05 15.62
N ILE C 126 -37.66 26.70 15.69
CA ILE C 126 -36.67 27.13 14.72
C ILE C 126 -36.61 26.15 13.58
N CYS C 127 -36.80 26.63 12.35
CA CYS C 127 -36.65 25.79 11.16
C CYS C 127 -35.30 25.98 10.48
N ILE C 128 -34.68 24.89 10.04
CA ILE C 128 -33.48 24.96 9.22
C ILE C 128 -33.66 24.11 7.97
N THR C 129 -33.65 24.77 6.80
CA THR C 129 -33.73 24.09 5.48
C THR C 129 -32.28 24.04 4.96
N LEU C 130 -31.92 22.89 4.40
CA LEU C 130 -30.53 22.43 4.37
C LEU C 130 -30.17 21.88 3.00
N GLY C 131 -30.15 22.74 2.00
CA GLY C 131 -29.87 22.33 0.62
C GLY C 131 -28.47 22.69 0.19
N THR C 132 -28.34 23.28 -1.00
CA THR C 132 -27.06 23.84 -1.41
C THR C 132 -26.51 24.58 -0.23
N GLY C 133 -27.36 25.41 0.37
CA GLY C 133 -26.98 26.26 1.49
C GLY C 133 -27.65 25.91 2.81
N LEU C 134 -27.69 26.87 3.71
CA LEU C 134 -28.34 26.70 4.97
C LEU C 134 -29.06 28.03 5.18
N GLY C 135 -30.32 27.93 5.54
CA GLY C 135 -31.13 29.09 5.89
C GLY C 135 -32.30 28.59 6.71
N GLY C 136 -33.19 29.48 7.06
CA GLY C 136 -34.32 29.11 7.90
C GLY C 136 -35.15 30.30 8.34
N GLY C 137 -35.95 30.06 9.37
CA GLY C 137 -36.84 31.09 9.89
C GLY C 137 -37.03 30.91 11.38
N ILE C 138 -37.40 32.00 12.04
CA ILE C 138 -37.69 31.93 13.44
C ILE C 138 -39.19 31.96 13.60
N ILE C 139 -39.69 31.14 14.52
CA ILE C 139 -41.05 31.23 14.95
C ILE C 139 -40.99 31.35 16.45
N ILE C 140 -41.41 32.51 16.98
CA ILE C 140 -41.54 32.72 18.43
C ILE C 140 -42.95 33.22 18.75
N GLY C 141 -43.66 32.42 19.54
CA GLY C 141 -45.01 32.73 19.97
C GLY C 141 -45.99 32.77 18.82
N ASN C 142 -46.03 31.71 18.03
CA ASN C 142 -46.91 31.61 16.84
C ASN C 142 -46.73 32.68 15.78
N LYS C 143 -45.65 33.45 15.84
CA LYS C 143 -45.43 34.52 14.90
C LYS C 143 -44.09 34.33 14.27
N LEU C 144 -44.06 34.46 12.95
CA LEU C 144 -42.80 34.48 12.21
C LEU C 144 -42.16 35.81 12.53
N ARG C 145 -40.87 35.74 12.83
CA ARG C 145 -40.12 36.87 13.39
C ARG C 145 -39.05 37.34 12.44
N ARG C 146 -39.40 38.27 11.57
CA ARG C 146 -38.45 38.77 10.60
C ARG C 146 -37.38 39.68 11.22
N GLY C 147 -37.47 39.98 12.52
CA GLY C 147 -36.55 40.92 13.15
C GLY C 147 -36.81 42.35 12.68
N ARG C 148 -35.99 43.29 13.13
CA ARG C 148 -36.33 44.71 13.00
C ARG C 148 -36.51 45.15 11.56
N PHE C 149 -35.50 44.86 10.74
CA PHE C 149 -35.41 45.36 9.38
C PHE C 149 -35.77 44.28 8.38
N GLY C 150 -36.17 43.12 8.87
CA GLY C 150 -36.66 42.05 8.01
C GLY C 150 -35.66 40.97 7.70
N VAL C 151 -34.39 41.23 7.99
CA VAL C 151 -33.36 40.31 7.58
C VAL C 151 -32.87 39.49 8.77
N ALA C 152 -33.84 38.96 9.52
CA ALA C 152 -33.52 38.04 10.60
C ALA C 152 -33.29 36.68 10.02
N ALA C 153 -32.80 35.81 10.88
CA ALA C 153 -32.71 34.41 10.56
C ALA C 153 -32.01 34.14 9.20
N GLU C 154 -30.80 34.68 9.06
CA GLU C 154 -29.85 34.20 8.07
C GLU C 154 -28.86 33.32 8.84
N PHE C 155 -29.35 32.15 9.26
CA PHE C 155 -28.50 31.17 9.95
C PHE C 155 -27.31 30.76 9.11
N GLY C 156 -27.47 30.83 7.79
CA GLY C 156 -26.41 30.47 6.87
C GLY C 156 -25.04 31.07 7.17
N HIS C 157 -25.02 32.27 7.72
CA HIS C 157 -23.79 32.99 7.77
C HIS C 157 -23.39 33.36 9.21
N ILE C 158 -23.93 32.64 10.19
CA ILE C 158 -23.40 32.78 11.54
C ILE C 158 -22.02 32.21 11.38
N ARG C 159 -21.00 32.93 11.79
CA ARG C 159 -19.63 32.45 11.57
C ARG C 159 -19.30 31.30 12.53
N VAL C 160 -19.04 30.11 12.00
CA VAL C 160 -18.78 28.97 12.84
C VAL C 160 -17.29 28.74 13.01
N VAL C 161 -16.48 28.99 11.99
CA VAL C 161 -15.02 28.79 12.07
C VAL C 161 -14.23 30.05 11.77
N PRO C 162 -13.75 30.73 12.78
CA PRO C 162 -12.91 31.88 12.58
C PRO C 162 -11.77 31.59 11.65
N ASP C 163 -11.67 32.44 10.63
CA ASP C 163 -10.63 32.37 9.60
C ASP C 163 -10.87 31.15 8.72
N GLY C 164 -12.13 30.88 8.47
CA GLY C 164 -12.48 29.63 7.83
C GLY C 164 -12.61 29.78 6.33
N LEU C 165 -13.46 28.93 5.77
CA LEU C 165 -13.68 28.90 4.35
C LEU C 165 -14.34 30.16 3.80
N LEU C 166 -13.95 30.54 2.59
CA LEU C 166 -14.61 31.59 1.85
C LEU C 166 -16.03 31.17 1.59
N CYS C 167 -16.94 32.12 1.70
CA CYS C 167 -18.37 31.83 1.58
C CYS C 167 -18.82 32.56 0.36
N GLY C 168 -19.97 32.15 -0.17
CA GLY C 168 -20.64 32.87 -1.24
C GLY C 168 -20.92 34.33 -0.92
N CYS C 169 -21.12 34.62 0.37
CA CYS C 169 -21.53 35.94 0.81
C CYS C 169 -20.38 36.90 0.93
N GLY C 170 -19.14 36.44 0.82
CA GLY C 170 -17.97 37.32 1.05
C GLY C 170 -17.11 36.85 2.20
N SER C 171 -17.69 36.75 3.39
CA SER C 171 -16.94 36.44 4.63
C SER C 171 -16.25 35.08 4.70
N GLN C 172 -15.54 34.82 5.80
CA GLN C 172 -14.90 33.53 6.03
C GLN C 172 -15.48 32.93 7.26
N GLY C 173 -15.76 31.63 7.21
CA GLY C 173 -16.13 30.84 8.40
C GLY C 173 -17.59 30.43 8.56
N CYS C 174 -18.43 30.88 7.62
CA CYS C 174 -19.87 30.73 7.71
C CYS C 174 -20.33 29.31 7.98
N TRP C 175 -21.45 29.18 8.67
CA TRP C 175 -22.01 27.88 8.96
C TRP C 175 -22.33 27.20 7.67
N GLU C 176 -22.68 27.98 6.65
CA GLU C 176 -23.10 27.43 5.37
C GLU C 176 -22.13 26.40 4.85
N GLN C 177 -20.84 26.74 4.87
CA GLN C 177 -19.79 25.91 4.25
C GLN C 177 -19.45 24.57 4.94
N TYR C 178 -19.97 24.37 6.14
CA TYR C 178 -19.66 23.18 6.91
C TYR C 178 -20.84 22.24 7.06
N ALA C 179 -22.04 22.79 7.23
CA ALA C 179 -23.25 21.98 7.34
C ALA C 179 -24.20 22.33 6.20
N SER C 180 -24.17 21.52 5.13
CA SER C 180 -24.95 21.81 3.90
C SER C 180 -24.44 20.94 2.79
N GLY C 181 -25.29 20.78 1.78
CA GLY C 181 -25.07 19.78 0.72
C GLY C 181 -23.71 19.90 0.07
N ARG C 182 -23.30 21.15 -0.11
CA ARG C 182 -22.03 21.44 -0.71
C ARG C 182 -20.90 21.03 0.22
N ALA C 183 -21.11 21.17 1.54
CA ALA C 183 -20.14 20.72 2.54
C ALA C 183 -20.07 19.21 2.45
N LEU C 184 -21.20 18.54 2.58
CA LEU C 184 -21.24 17.07 2.45
C LEU C 184 -20.46 16.56 1.22
N VAL C 185 -20.74 17.13 0.04
CA VAL C 185 -20.05 16.72 -1.20
C VAL C 185 -18.55 16.87 -1.03
N ARG C 186 -18.11 17.99 -0.49
CA ARG C 186 -16.69 18.17 -0.22
C ARG C 186 -16.17 17.15 0.77
N TYR C 187 -16.92 16.88 1.82
CA TYR C 187 -16.48 15.88 2.77
C TYR C 187 -16.26 14.53 2.05
N ALA C 188 -17.09 14.22 1.05
CA ALA C 188 -16.96 12.94 0.37
C ALA C 188 -15.79 12.97 -0.61
N LYS C 189 -15.72 13.99 -1.46
CA LYS C 189 -14.55 14.11 -2.33
C LYS C 189 -13.24 14.07 -1.51
N GLN C 190 -13.20 14.73 -0.35
CA GLN C 190 -11.97 14.73 0.45
C GLN C 190 -11.56 13.32 0.89
N ARG C 191 -12.56 12.51 1.23
CA ARG C 191 -12.37 11.21 1.88
C ARG C 191 -12.18 10.06 0.90
N ALA C 192 -12.83 10.15 -0.26
CA ALA C 192 -12.66 9.17 -1.33
C ALA C 192 -11.28 9.30 -1.92
N ASN C 193 -10.69 10.49 -1.85
CA ASN C 193 -9.35 10.69 -2.38
C ASN C 193 -8.27 10.21 -1.41
N ALA C 194 -8.60 10.24 -0.12
CA ALA C 194 -7.72 9.70 0.93
C ALA C 194 -7.81 8.18 1.10
N THR C 195 -8.97 7.59 0.85
CA THR C 195 -9.19 6.14 1.06
C THR C 195 -10.11 5.50 -0.01
N PRO C 196 -9.74 5.59 -1.30
CA PRO C 196 -10.59 5.14 -2.43
C PRO C 196 -11.12 3.71 -2.32
N GLU C 197 -10.39 2.85 -1.62
CA GLU C 197 -10.84 1.47 -1.38
C GLU C 197 -12.13 1.40 -0.60
N ASN C 198 -12.28 2.31 0.36
CA ASN C 198 -13.48 2.37 1.19
C ASN C 198 -14.62 3.18 0.52
N ALA C 199 -14.39 3.68 -0.68
CA ALA C 199 -15.40 4.39 -1.43
C ALA C 199 -15.71 3.59 -2.68
N ALA C 200 -15.56 2.28 -2.62
CA ALA C 200 -15.69 1.48 -3.83
C ALA C 200 -17.11 1.64 -4.38
N VAL C 201 -18.09 1.55 -3.49
CA VAL C 201 -19.51 1.61 -3.88
C VAL C 201 -19.94 3.01 -4.35
N LEU C 202 -19.43 4.03 -3.66
CA LEU C 202 -19.72 5.43 -3.95
C LEU C 202 -19.11 5.82 -5.29
N LEU C 203 -17.84 5.52 -5.48
CA LEU C 203 -17.21 5.84 -6.74
C LEU C 203 -17.99 5.07 -7.82
N GLY C 204 -18.46 3.88 -7.48
CA GLY C 204 -19.33 3.09 -8.35
C GLY C 204 -20.57 3.81 -8.85
N LEU C 205 -21.28 4.53 -7.99
CA LEU C 205 -22.55 5.17 -8.39
C LEU C 205 -22.42 6.36 -9.36
N GLY C 206 -21.20 6.89 -9.50
CA GLY C 206 -20.94 7.99 -10.42
C GLY C 206 -20.24 7.52 -11.68
N ASP C 207 -19.06 8.08 -11.95
CA ASP C 207 -18.23 7.66 -13.07
C ASP C 207 -16.89 7.11 -12.58
N GLY C 208 -16.83 6.75 -11.29
CA GLY C 208 -15.63 6.12 -10.70
C GLY C 208 -14.46 7.03 -10.36
N SER C 209 -14.59 8.31 -10.70
CA SER C 209 -13.58 9.33 -10.43
C SER C 209 -13.87 9.90 -9.05
N VAL C 210 -13.00 10.80 -8.56
CA VAL C 210 -13.31 11.52 -7.34
C VAL C 210 -14.13 12.75 -7.71
N ASP C 211 -14.02 13.20 -8.97
CA ASP C 211 -14.76 14.40 -9.45
C ASP C 211 -16.18 14.14 -9.94
N GLY C 212 -16.56 12.88 -10.04
CA GLY C 212 -17.91 12.49 -10.43
C GLY C 212 -18.90 12.34 -9.28
N ILE C 213 -18.41 12.44 -8.06
CA ILE C 213 -19.27 12.32 -6.89
C ILE C 213 -20.28 13.47 -6.88
N GLU C 214 -21.52 13.14 -6.53
CA GLU C 214 -22.58 14.12 -6.33
C GLU C 214 -23.37 13.75 -5.08
N GLY C 215 -23.94 14.75 -4.45
CA GLY C 215 -24.68 14.56 -3.20
C GLY C 215 -25.90 13.67 -3.27
N LYS C 216 -26.17 13.11 -4.46
CA LYS C 216 -27.21 12.12 -4.66
C LYS C 216 -26.60 10.72 -4.55
N HIS C 217 -25.39 10.59 -5.09
CA HIS C 217 -24.61 9.37 -4.94
C HIS C 217 -24.35 9.13 -3.48
N ILE C 218 -23.87 10.16 -2.78
CA ILE C 218 -23.38 9.98 -1.41
C ILE C 218 -24.51 9.52 -0.51
N SER C 219 -25.70 10.03 -0.74
CA SER C 219 -26.85 9.65 0.05
C SER C 219 -27.19 8.19 -0.15
N GLU C 220 -27.09 7.72 -1.38
CA GLU C 220 -27.36 6.31 -1.70
C GLU C 220 -26.25 5.40 -1.20
N ALA C 221 -25.02 5.70 -1.62
CA ALA C 221 -23.88 4.95 -1.15
C ALA C 221 -24.01 4.69 0.34
N ALA C 222 -24.35 5.73 1.08
CA ALA C 222 -24.45 5.63 2.53
C ALA C 222 -25.50 4.66 3.05
N ARG C 223 -26.63 4.53 2.37
CA ARG C 223 -27.65 3.58 2.84
C ARG C 223 -27.24 2.16 2.51
N GLN C 224 -26.42 2.02 1.48
CA GLN C 224 -25.74 0.75 1.22
C GLN C 224 -24.49 0.57 2.08
N GLY C 225 -24.29 1.42 3.08
CA GLY C 225 -23.20 1.24 4.06
C GLY C 225 -21.77 1.52 3.61
N ASP C 226 -21.59 2.22 2.49
CA ASP C 226 -20.27 2.52 1.89
C ASP C 226 -19.46 3.40 2.81
N PRO C 227 -18.52 2.82 3.58
CA PRO C 227 -17.84 3.48 4.70
C PRO C 227 -17.56 4.99 4.54
N VAL C 228 -16.97 5.40 3.42
CA VAL C 228 -16.66 6.81 3.15
C VAL C 228 -17.93 7.62 3.03
N ALA C 229 -18.87 7.19 2.20
CA ALA C 229 -20.14 7.90 2.16
C ALA C 229 -20.74 8.11 3.57
N VAL C 230 -20.70 7.10 4.43
CA VAL C 230 -21.26 7.22 5.78
C VAL C 230 -20.43 8.16 6.68
N ASP C 231 -19.10 8.08 6.62
CA ASP C 231 -18.23 8.99 7.39
C ASP C 231 -18.50 10.46 7.05
N SER C 232 -18.95 10.73 5.82
CA SER C 232 -19.18 12.09 5.36
C SER C 232 -20.44 12.67 5.93
N PHE C 233 -21.38 11.79 6.25
CA PHE C 233 -22.57 12.20 6.97
C PHE C 233 -22.25 12.41 8.45
N ARG C 234 -21.34 11.63 9.01
CA ARG C 234 -20.93 11.82 10.41
C ARG C 234 -20.34 13.20 10.61
N GLU C 235 -19.52 13.61 9.65
CA GLU C 235 -18.88 14.93 9.66
C GLU C 235 -19.90 16.07 9.45
N LEU C 236 -20.87 15.87 8.55
CA LEU C 236 -21.93 16.85 8.37
C LEU C 236 -22.75 16.99 9.65
N ALA C 237 -23.03 15.89 10.32
CA ALA C 237 -23.74 15.98 11.57
C ALA C 237 -22.89 16.76 12.58
N ARG C 238 -21.57 16.55 12.61
CA ARG C 238 -20.72 17.29 13.55
C ARG C 238 -20.99 18.79 13.52
N TRP C 239 -21.09 19.38 12.35
CA TRP C 239 -21.37 20.81 12.24
C TRP C 239 -22.87 21.11 12.45
N ALA C 240 -23.72 20.27 11.88
CA ALA C 240 -25.14 20.50 11.95
C ALA C 240 -25.63 20.35 13.37
N GLY C 241 -25.05 19.41 14.11
CA GLY C 241 -25.34 19.26 15.54
C GLY C 241 -24.80 20.41 16.38
N ALA C 242 -23.48 20.54 16.44
CA ALA C 242 -22.83 21.74 16.94
C ALA C 242 -23.64 23.01 16.68
N GLY C 243 -23.93 23.24 15.41
CA GLY C 243 -24.60 24.47 14.97
C GLY C 243 -25.96 24.64 15.61
N LEU C 244 -26.69 23.52 15.74
CA LEU C 244 -27.99 23.49 16.36
C LEU C 244 -27.88 23.59 17.88
N ALA C 245 -26.84 23.04 18.49
CA ALA C 245 -26.67 23.21 19.95
C ALA C 245 -26.65 24.70 20.28
N ASP C 246 -26.04 25.49 19.39
CA ASP C 246 -25.96 26.95 19.56
C ASP C 246 -27.34 27.53 19.47
N LEU C 247 -28.06 27.23 18.40
CA LEU C 247 -29.41 27.74 18.26
C LEU C 247 -30.23 27.38 19.50
N ALA C 248 -29.84 26.33 20.21
CA ALA C 248 -30.52 25.96 21.45
C ALA C 248 -30.12 26.89 22.58
N SER C 249 -28.86 27.28 22.63
CA SER C 249 -28.38 28.13 23.68
C SER C 249 -28.72 29.60 23.40
N LEU C 250 -29.50 29.87 22.36
CA LEU C 250 -29.87 31.24 21.96
C LEU C 250 -31.39 31.47 22.01
N PHE C 251 -32.12 30.62 21.28
CA PHE C 251 -33.58 30.64 21.23
C PHE C 251 -34.27 29.63 22.17
N ASP C 252 -33.65 28.47 22.35
CA ASP C 252 -34.18 27.40 23.22
C ASP C 252 -35.61 27.03 22.80
N PRO C 253 -35.80 26.51 21.59
CA PRO C 253 -37.16 26.24 21.16
C PRO C 253 -37.56 24.90 21.68
N SER C 254 -38.80 24.50 21.40
CA SER C 254 -39.28 23.17 21.76
C SER C 254 -38.78 22.22 20.71
N ALA C 255 -38.76 22.66 19.46
CA ALA C 255 -38.26 21.80 18.40
C ALA C 255 -37.64 22.55 17.26
N PHE C 256 -36.57 21.97 16.74
CA PHE C 256 -36.04 22.33 15.43
C PHE C 256 -36.70 21.44 14.39
N ILE C 257 -36.94 22.00 13.21
CA ILE C 257 -37.47 21.23 12.10
C ILE C 257 -36.43 21.31 11.01
N VAL C 258 -35.69 20.22 10.81
CA VAL C 258 -34.70 20.16 9.71
C VAL C 258 -35.35 19.61 8.44
N GLY C 259 -35.21 20.36 7.35
CA GLY C 259 -35.79 20.02 6.06
C GLY C 259 -34.78 20.31 4.98
N GLY C 260 -35.25 20.41 3.74
CA GLY C 260 -34.38 20.69 2.58
C GLY C 260 -34.03 19.44 1.82
N GLY C 261 -33.29 19.61 0.73
CA GLY C 261 -32.96 18.49 -0.17
C GLY C 261 -32.24 17.33 0.50
N VAL C 262 -31.24 17.65 1.34
CA VAL C 262 -30.39 16.65 1.98
C VAL C 262 -30.99 16.08 3.28
N SER C 263 -32.13 16.63 3.69
CA SER C 263 -32.96 16.01 4.75
C SER C 263 -34.04 15.07 4.15
N ASP C 264 -34.44 15.37 2.90
CA ASP C 264 -35.29 14.48 2.08
C ASP C 264 -34.87 13.01 2.20
N GLU C 265 -33.59 12.76 2.50
CA GLU C 265 -33.09 11.39 2.68
C GLU C 265 -33.35 10.81 4.08
N GLY C 266 -34.13 11.54 4.88
CA GLY C 266 -34.76 10.98 6.07
C GLY C 266 -33.84 10.69 7.25
N GLU C 267 -34.27 9.73 8.06
CA GLU C 267 -33.54 9.30 9.24
C GLU C 267 -32.10 8.86 8.93
N LEU C 268 -31.77 8.70 7.66
CA LEU C 268 -30.37 8.46 7.23
C LEU C 268 -29.41 9.62 7.61
N VAL C 269 -29.91 10.85 7.48
CA VAL C 269 -29.23 12.07 7.93
C VAL C 269 -29.70 12.49 9.32
N LEU C 270 -31.00 12.71 9.43
CA LEU C 270 -31.62 13.31 10.62
C LEU C 270 -31.25 12.66 11.92
N ASP C 271 -30.92 11.38 11.90
CA ASP C 271 -30.55 10.72 13.14
C ASP C 271 -29.16 11.14 13.64
N PRO C 272 -28.10 10.95 12.83
CA PRO C 272 -26.79 11.41 13.29
C PRO C 272 -26.73 12.91 13.67
N ILE C 273 -27.67 13.70 13.16
CA ILE C 273 -27.84 15.07 13.60
C ILE C 273 -28.42 15.01 15.01
N ARG C 274 -29.67 14.58 15.13
CA ARG C 274 -30.27 14.45 16.46
C ARG C 274 -29.25 13.96 17.49
N LYS C 275 -28.46 12.96 17.09
CA LYS C 275 -27.52 12.36 18.02
C LYS C 275 -26.34 13.29 18.21
N SER C 276 -25.96 14.00 17.16
CA SER C 276 -24.89 14.99 17.24
C SER C 276 -25.35 16.15 18.09
N PHE C 277 -26.59 16.58 17.88
CA PHE C 277 -27.16 17.72 18.61
C PHE C 277 -27.15 17.47 20.11
N ARG C 278 -27.55 16.28 20.54
CA ARG C 278 -27.50 15.96 21.96
C ARG C 278 -26.08 15.84 22.50
N ARG C 279 -25.15 15.49 21.64
CA ARG C 279 -23.78 15.38 22.07
C ARG C 279 -23.16 16.74 22.35
N TRP C 280 -23.56 17.73 21.52
CA TRP C 280 -23.05 19.12 21.60
C TRP C 280 -23.83 20.08 22.52
N LEU C 281 -24.95 19.67 23.09
CA LEU C 281 -25.81 20.60 23.84
C LEU C 281 -25.27 20.77 25.24
N ILE C 282 -25.27 22.02 25.72
CA ILE C 282 -24.55 22.39 26.94
C ILE C 282 -25.38 22.09 28.16
N GLY C 283 -24.78 21.33 29.09
CA GLY C 283 -25.36 21.08 30.42
C GLY C 283 -26.76 20.48 30.39
N GLY C 284 -26.93 19.49 29.53
CA GLY C 284 -28.21 18.81 29.32
C GLY C 284 -28.80 18.11 30.52
N GLU C 285 -27.98 17.81 31.54
CA GLU C 285 -28.42 17.10 32.73
C GLU C 285 -29.55 17.85 33.45
N TRP C 286 -29.59 19.18 33.25
CA TRP C 286 -30.52 20.06 33.98
C TRP C 286 -31.66 20.59 33.12
N ARG C 287 -31.42 20.72 31.81
CA ARG C 287 -32.40 21.30 30.88
C ARG C 287 -33.10 20.26 30.02
N PRO C 288 -34.31 20.58 29.58
CA PRO C 288 -34.98 19.77 28.60
C PRO C 288 -34.31 19.94 27.27
N HIS C 289 -34.55 19.01 26.35
CA HIS C 289 -33.95 18.99 25.00
C HIS C 289 -34.96 19.28 23.92
N ALA C 290 -34.63 20.17 23.00
CA ALA C 290 -35.52 20.35 21.88
C ALA C 290 -35.64 19.02 21.18
N GLN C 291 -36.57 18.99 20.26
CA GLN C 291 -36.74 17.83 19.39
C GLN C 291 -36.23 18.21 18.04
N VAL C 292 -35.67 17.23 17.34
CA VAL C 292 -35.34 17.43 15.93
C VAL C 292 -36.30 16.55 15.15
N LEU C 293 -37.20 17.19 14.42
CA LEU C 293 -38.22 16.52 13.63
C LEU C 293 -37.83 16.68 12.19
N ALA C 294 -38.31 15.81 11.31
CA ALA C 294 -38.10 16.02 9.88
C ALA C 294 -39.27 16.79 9.24
N ALA C 295 -38.91 17.55 8.23
CA ALA C 295 -39.87 18.35 7.47
C ALA C 295 -40.85 17.46 6.68
N GLN C 296 -42.15 17.76 6.82
CA GLN C 296 -43.23 16.94 6.25
C GLN C 296 -43.72 17.30 4.86
N LEU C 297 -43.51 18.51 4.40
CA LEU C 297 -44.07 18.91 3.10
C LEU C 297 -43.02 19.00 1.99
N GLY C 298 -41.76 18.77 2.37
CA GLY C 298 -40.64 18.93 1.45
C GLY C 298 -40.81 20.10 0.50
N GLY C 299 -40.82 19.82 -0.79
CA GLY C 299 -40.68 20.85 -1.82
C GLY C 299 -41.83 21.82 -1.98
N LYS C 300 -43.01 21.41 -1.50
CA LYS C 300 -44.20 22.30 -1.47
C LYS C 300 -44.00 23.50 -0.49
N ALA C 301 -43.41 23.21 0.68
CA ALA C 301 -43.45 24.06 1.88
C ALA C 301 -43.33 25.55 1.66
N GLY C 302 -42.38 25.93 0.82
CA GLY C 302 -42.17 27.34 0.51
C GLY C 302 -43.35 28.00 -0.21
N LEU C 303 -44.00 27.24 -1.09
CA LEU C 303 -45.15 27.75 -1.83
C LEU C 303 -46.32 27.94 -0.89
N VAL C 304 -46.63 26.89 -0.15
CA VAL C 304 -47.72 26.94 0.82
C VAL C 304 -47.51 28.03 1.87
N GLY C 305 -46.35 28.03 2.54
CA GLY C 305 -46.00 29.08 3.51
C GLY C 305 -46.22 30.49 2.98
N ALA C 306 -45.89 30.73 1.72
CA ALA C 306 -46.09 32.04 1.12
C ALA C 306 -47.57 32.40 1.10
N ALA C 307 -48.39 31.49 0.61
CA ALA C 307 -49.82 31.72 0.51
C ALA C 307 -50.50 31.91 1.87
N ASP C 308 -50.07 31.19 2.91
CA ASP C 308 -50.64 31.37 4.24
C ASP C 308 -50.04 32.58 4.95
N LEU C 309 -48.81 32.93 4.60
CA LEU C 309 -48.27 34.20 5.06
C LEU C 309 -48.94 35.39 4.37
N ALA C 310 -49.51 35.17 3.18
CA ALA C 310 -50.37 36.20 2.55
C ALA C 310 -51.57 36.57 3.45
N ARG C 311 -52.01 35.66 4.32
CA ARG C 311 -53.04 35.93 5.35
C ARG C 311 -52.50 36.47 6.70
N GLN C 312 -51.26 36.10 7.02
CA GLN C 312 -50.68 36.18 8.39
C GLN C 312 -51.00 34.92 9.14
N LEU D 3 -21.96 2.30 -39.43
CA LEU D 3 -22.03 2.91 -38.06
C LEU D 3 -22.69 1.95 -37.07
N THR D 4 -22.08 1.76 -35.90
CA THR D 4 -22.40 0.59 -35.05
C THR D 4 -22.07 0.65 -33.55
N ILE D 5 -22.76 -0.15 -32.74
CA ILE D 5 -22.55 -0.19 -31.28
C ILE D 5 -21.79 -1.42 -30.79
N GLY D 6 -20.81 -1.22 -29.92
CA GLY D 6 -20.14 -2.33 -29.22
C GLY D 6 -20.47 -2.37 -27.75
N VAL D 7 -20.21 -3.49 -27.08
CA VAL D 7 -20.51 -3.62 -25.64
C VAL D 7 -19.35 -4.21 -24.81
N ASP D 8 -18.98 -3.53 -23.73
CA ASP D 8 -17.93 -4.00 -22.83
C ASP D 8 -18.62 -4.44 -21.57
N ILE D 9 -18.74 -5.74 -21.37
CA ILE D 9 -19.43 -6.27 -20.19
C ILE D 9 -18.53 -6.22 -18.99
N GLY D 10 -18.31 -5.01 -18.48
CA GLY D 10 -17.50 -4.84 -17.28
C GLY D 10 -18.17 -5.46 -16.06
N GLY D 11 -17.34 -5.97 -15.14
CA GLY D 11 -17.76 -6.59 -13.87
C GLY D 11 -18.44 -5.66 -12.85
N THR D 12 -18.15 -4.36 -12.95
CA THR D 12 -18.85 -3.36 -12.11
C THR D 12 -19.73 -2.39 -12.92
N LYS D 13 -19.72 -2.46 -14.25
CA LYS D 13 -20.69 -1.76 -15.11
C LYS D 13 -20.65 -2.30 -16.53
N ILE D 14 -21.73 -2.12 -17.29
CA ILE D 14 -21.81 -2.56 -18.69
C ILE D 14 -21.90 -1.35 -19.60
N ALA D 15 -21.04 -1.23 -20.59
CA ALA D 15 -21.01 -0.01 -21.39
C ALA D 15 -21.29 -0.26 -22.87
N ALA D 16 -22.31 0.38 -23.41
CA ALA D 16 -22.61 0.31 -24.82
C ALA D 16 -22.08 1.57 -25.46
N GLY D 17 -21.53 1.48 -26.66
CA GLY D 17 -20.95 2.65 -27.29
C GLY D 17 -21.20 2.70 -28.78
N VAL D 18 -21.43 3.90 -29.30
CA VAL D 18 -21.62 4.07 -30.72
C VAL D 18 -20.28 4.43 -31.38
N VAL D 19 -19.81 3.55 -32.27
CA VAL D 19 -18.49 3.68 -32.90
C VAL D 19 -18.63 3.82 -34.41
N ASP D 20 -17.89 4.76 -34.99
CA ASP D 20 -17.97 5.05 -36.43
C ASP D 20 -16.99 4.18 -37.23
N GLU D 21 -17.01 4.37 -38.55
CA GLU D 21 -16.11 3.62 -39.46
C GLU D 21 -14.62 3.82 -39.08
N GLU D 22 -14.26 4.99 -38.54
CA GLU D 22 -12.88 5.28 -38.13
C GLU D 22 -12.60 4.95 -36.65
N GLY D 23 -13.52 4.22 -36.01
CA GLY D 23 -13.28 3.71 -34.66
C GLY D 23 -13.18 4.78 -33.57
N ARG D 24 -14.10 5.72 -33.60
CA ARG D 24 -14.11 6.82 -32.66
C ARG D 24 -15.49 6.82 -32.01
N ILE D 25 -15.51 6.79 -30.68
CA ILE D 25 -16.76 6.62 -29.92
C ILE D 25 -17.59 7.89 -29.89
N LEU D 26 -18.88 7.80 -30.23
CA LEU D 26 -19.77 8.94 -30.16
C LEU D 26 -20.45 8.94 -28.76
N SER D 27 -21.74 8.66 -28.71
CA SER D 27 -22.46 8.58 -27.42
C SER D 27 -22.00 7.33 -26.68
N THR D 28 -22.14 7.33 -25.35
CA THR D 28 -21.77 6.17 -24.54
C THR D 28 -22.70 6.06 -23.36
N PHE D 29 -23.38 4.93 -23.23
CA PHE D 29 -24.34 4.76 -22.17
C PHE D 29 -23.96 3.58 -21.27
N LYS D 30 -23.81 3.80 -19.97
CA LYS D 30 -23.46 2.73 -19.05
C LYS D 30 -24.64 2.38 -18.13
N VAL D 31 -24.59 1.16 -17.57
CA VAL D 31 -25.67 0.57 -16.75
C VAL D 31 -25.05 -0.36 -15.72
N ALA D 32 -25.54 -0.37 -14.48
CA ALA D 32 -24.97 -1.23 -13.45
C ALA D 32 -24.99 -2.71 -13.86
N THR D 33 -23.92 -3.44 -13.57
CA THR D 33 -23.93 -4.88 -13.77
C THR D 33 -24.78 -5.51 -12.66
N PRO D 34 -25.80 -6.30 -13.02
CA PRO D 34 -26.55 -6.98 -11.97
C PRO D 34 -25.90 -8.29 -11.52
N PRO D 35 -26.33 -8.86 -10.37
CA PRO D 35 -25.79 -10.14 -9.89
C PRO D 35 -26.32 -11.38 -10.62
N THR D 36 -27.53 -11.27 -11.18
CA THR D 36 -28.14 -12.38 -11.90
C THR D 36 -27.54 -12.53 -13.31
N ALA D 37 -27.58 -13.75 -13.83
CA ALA D 37 -27.04 -14.05 -15.15
C ALA D 37 -27.81 -13.38 -16.31
N GLU D 38 -29.11 -13.66 -16.42
CA GLU D 38 -29.91 -13.02 -17.47
C GLU D 38 -30.12 -11.53 -17.23
N GLY D 39 -29.87 -11.07 -16.01
CA GLY D 39 -29.94 -9.64 -15.70
C GLY D 39 -28.91 -8.86 -16.49
N ILE D 40 -27.82 -9.54 -16.83
CA ILE D 40 -26.83 -8.98 -17.71
C ILE D 40 -27.36 -8.89 -19.14
N VAL D 41 -28.18 -9.85 -19.56
CA VAL D 41 -28.81 -9.74 -20.87
C VAL D 41 -29.72 -8.54 -20.84
N ASP D 42 -30.57 -8.47 -19.84
CA ASP D 42 -31.50 -7.36 -19.69
C ASP D 42 -30.70 -6.06 -19.69
N ALA D 43 -29.62 -6.04 -18.90
CA ALA D 43 -28.76 -4.88 -18.75
C ALA D 43 -28.06 -4.52 -20.06
N ILE D 44 -27.70 -5.51 -20.86
CA ILE D 44 -27.09 -5.26 -22.18
C ILE D 44 -28.08 -4.56 -23.09
N CYS D 45 -29.35 -4.95 -23.04
CA CYS D 45 -30.38 -4.41 -23.94
C CYS D 45 -30.74 -2.97 -23.60
N ALA D 46 -30.88 -2.73 -22.31
CA ALA D 46 -31.03 -1.38 -21.80
C ALA D 46 -29.85 -0.53 -22.27
N ALA D 47 -28.62 -1.00 -22.02
CA ALA D 47 -27.43 -0.29 -22.46
C ALA D 47 -27.53 0.03 -23.95
N VAL D 48 -27.84 -0.99 -24.75
CA VAL D 48 -27.95 -0.85 -26.20
C VAL D 48 -28.98 0.23 -26.56
N ALA D 49 -30.16 0.13 -25.96
CA ALA D 49 -31.21 1.11 -26.19
C ALA D 49 -30.69 2.52 -25.91
N GLY D 50 -30.18 2.73 -24.70
CA GLY D 50 -29.74 4.06 -24.22
C GLY D 50 -28.67 4.74 -25.06
N ALA D 51 -27.80 3.95 -25.66
CA ALA D 51 -26.74 4.47 -26.50
C ALA D 51 -27.21 4.75 -27.90
N SER D 52 -28.25 4.06 -28.36
CA SER D 52 -28.76 4.19 -29.74
C SER D 52 -29.76 5.34 -29.93
N GLU D 53 -29.41 6.49 -29.35
CA GLU D 53 -30.23 7.70 -29.30
C GLU D 53 -30.27 8.51 -30.62
N GLY D 54 -31.38 8.43 -31.35
CA GLY D 54 -31.53 9.16 -32.64
C GLY D 54 -30.38 8.90 -33.59
N HIS D 55 -29.83 7.69 -33.47
CA HIS D 55 -28.62 7.29 -34.16
C HIS D 55 -29.04 6.19 -35.12
N ASP D 56 -28.48 6.21 -36.31
CA ASP D 56 -28.81 5.24 -37.36
C ASP D 56 -27.93 3.98 -37.20
N VAL D 57 -28.24 3.15 -36.20
CA VAL D 57 -27.38 2.00 -35.78
C VAL D 57 -27.64 0.71 -36.58
N GLU D 58 -26.60 0.10 -37.14
CA GLU D 58 -26.75 -1.09 -38.03
C GLU D 58 -26.59 -2.44 -37.34
N ALA D 59 -25.71 -2.49 -36.34
CA ALA D 59 -25.37 -3.75 -35.67
C ALA D 59 -24.87 -3.54 -34.24
N VAL D 60 -24.78 -4.66 -33.50
CA VAL D 60 -24.35 -4.63 -32.10
C VAL D 60 -23.38 -5.77 -31.77
N GLY D 61 -22.10 -5.46 -31.67
CA GLY D 61 -21.08 -6.44 -31.26
C GLY D 61 -20.90 -6.46 -29.76
N ILE D 62 -20.69 -7.66 -29.22
CA ILE D 62 -20.64 -7.88 -27.79
C ILE D 62 -19.38 -8.63 -27.31
N GLY D 63 -18.57 -7.94 -26.52
CA GLY D 63 -17.43 -8.57 -25.86
C GLY D 63 -17.83 -9.37 -24.62
N ALA D 64 -17.80 -10.71 -24.75
CA ALA D 64 -18.05 -11.64 -23.64
C ALA D 64 -16.76 -12.34 -23.21
N ALA D 65 -16.46 -12.31 -21.90
CA ALA D 65 -15.28 -13.00 -21.36
C ALA D 65 -15.62 -14.46 -21.08
N GLY D 66 -15.74 -15.22 -22.16
CA GLY D 66 -15.91 -16.67 -22.12
C GLY D 66 -15.52 -17.26 -23.47
N TYR D 67 -15.68 -18.56 -23.65
CA TYR D 67 -15.47 -19.15 -24.97
C TYR D 67 -16.72 -18.84 -25.74
N VAL D 68 -16.58 -18.11 -26.82
CA VAL D 68 -17.65 -17.93 -27.76
C VAL D 68 -17.39 -18.97 -28.80
N ASP D 69 -18.43 -19.32 -29.56
CA ASP D 69 -18.32 -20.33 -30.65
C ASP D 69 -17.88 -19.71 -31.99
N ASP D 70 -17.88 -20.54 -33.05
CA ASP D 70 -17.51 -20.10 -34.42
C ASP D 70 -18.63 -19.36 -35.15
N LYS D 71 -19.86 -19.56 -34.68
CA LYS D 71 -21.04 -18.86 -35.18
C LYS D 71 -21.24 -17.51 -34.54
N ARG D 72 -20.31 -17.11 -33.67
CA ARG D 72 -20.31 -15.82 -32.98
C ARG D 72 -21.62 -15.55 -32.23
N ALA D 73 -22.16 -16.58 -31.61
CA ALA D 73 -23.53 -16.53 -31.13
C ALA D 73 -23.71 -17.02 -29.71
N THR D 74 -23.08 -18.14 -29.37
CA THR D 74 -23.21 -18.72 -28.04
C THR D 74 -21.97 -18.51 -27.21
N VAL D 75 -22.14 -18.08 -25.98
CA VAL D 75 -21.10 -18.21 -24.97
C VAL D 75 -21.15 -19.66 -24.49
N LEU D 76 -20.15 -20.44 -24.89
CA LEU D 76 -20.10 -21.85 -24.51
C LEU D 76 -19.71 -22.01 -23.05
N PHE D 77 -19.00 -21.03 -22.51
CA PHE D 77 -18.62 -21.06 -21.12
C PHE D 77 -18.06 -19.71 -20.76
N ALA D 78 -18.61 -19.09 -19.71
CA ALA D 78 -17.99 -17.94 -19.10
C ALA D 78 -17.55 -18.39 -17.72
N PRO D 79 -16.37 -17.96 -17.30
CA PRO D 79 -15.84 -18.33 -16.00
C PRO D 79 -16.55 -17.68 -14.83
N ASN D 80 -17.09 -16.49 -15.05
CA ASN D 80 -17.77 -15.79 -13.96
C ASN D 80 -19.30 -15.74 -14.12
N ILE D 81 -19.75 -15.13 -15.20
CA ILE D 81 -21.17 -15.18 -15.59
C ILE D 81 -21.66 -16.63 -15.69
N ASP D 82 -22.86 -16.92 -15.20
CA ASP D 82 -23.36 -18.28 -15.36
C ASP D 82 -23.99 -18.48 -16.75
N TRP D 83 -23.15 -18.69 -17.75
CA TRP D 83 -23.61 -18.98 -19.08
C TRP D 83 -22.99 -20.29 -19.57
N ARG D 84 -23.81 -21.30 -19.78
CA ARG D 84 -23.36 -22.53 -20.40
C ARG D 84 -24.18 -22.71 -21.66
N HIS D 85 -23.56 -22.55 -22.80
CA HIS D 85 -24.24 -22.69 -24.08
C HIS D 85 -25.36 -21.66 -24.19
N GLU D 86 -25.18 -20.51 -23.56
CA GLU D 86 -26.17 -19.45 -23.63
C GLU D 86 -26.31 -18.98 -25.07
N PRO D 87 -27.55 -18.85 -25.58
CA PRO D 87 -27.73 -18.33 -26.96
C PRO D 87 -27.81 -16.80 -27.02
N LEU D 88 -26.81 -16.14 -26.45
CA LEU D 88 -26.82 -14.69 -26.23
C LEU D 88 -27.09 -13.86 -27.48
N LYS D 89 -26.73 -14.36 -28.66
CA LYS D 89 -26.97 -13.62 -29.91
C LYS D 89 -28.44 -13.57 -30.26
N ASP D 90 -29.13 -14.70 -30.09
CA ASP D 90 -30.54 -14.76 -30.45
C ASP D 90 -31.41 -14.06 -29.41
N LYS D 91 -31.09 -14.23 -28.13
CA LYS D 91 -31.73 -13.47 -27.04
C LYS D 91 -31.68 -11.97 -27.29
N VAL D 92 -30.47 -11.43 -27.45
CA VAL D 92 -30.26 -9.98 -27.58
C VAL D 92 -30.71 -9.39 -28.92
N GLU D 93 -30.69 -10.18 -29.98
CA GLU D 93 -31.30 -9.78 -31.26
C GLU D 93 -32.82 -9.61 -31.16
N GLN D 94 -33.47 -10.57 -30.51
CA GLN D 94 -34.90 -10.57 -30.40
C GLN D 94 -35.35 -9.36 -29.65
N ARG D 95 -34.58 -8.98 -28.65
CA ARG D 95 -35.03 -8.00 -27.69
C ARG D 95 -34.58 -6.57 -27.98
N VAL D 96 -33.70 -6.37 -28.95
CA VAL D 96 -33.32 -5.02 -29.40
C VAL D 96 -33.51 -4.77 -30.92
N GLY D 97 -33.93 -5.78 -31.69
CA GLY D 97 -34.34 -5.60 -33.10
C GLY D 97 -33.26 -5.47 -34.15
N LEU D 98 -32.01 -5.36 -33.68
CA LEU D 98 -30.87 -5.13 -34.56
C LEU D 98 -30.11 -6.43 -34.76
N PRO D 99 -29.26 -6.49 -35.82
CA PRO D 99 -28.32 -7.60 -35.95
C PRO D 99 -27.24 -7.56 -34.89
N VAL D 100 -26.87 -8.74 -34.40
CA VAL D 100 -25.89 -8.88 -33.31
C VAL D 100 -24.86 -9.97 -33.62
N VAL D 101 -23.66 -9.80 -33.04
CA VAL D 101 -22.60 -10.80 -33.07
C VAL D 101 -21.82 -10.84 -31.75
N VAL D 102 -21.51 -12.04 -31.27
CA VAL D 102 -20.75 -12.19 -30.05
C VAL D 102 -19.31 -12.68 -30.32
N GLU D 103 -18.39 -12.15 -29.52
CA GLU D 103 -16.98 -12.43 -29.65
C GLU D 103 -16.39 -12.64 -28.28
N ASN D 104 -15.35 -13.45 -28.24
CA ASN D 104 -14.48 -13.46 -27.10
C ASN D 104 -14.01 -12.04 -26.80
N ASP D 105 -13.90 -11.68 -25.52
CA ASP D 105 -13.52 -10.31 -25.16
C ASP D 105 -12.07 -9.98 -25.56
N ALA D 106 -11.16 -10.95 -25.41
CA ALA D 106 -9.77 -10.77 -25.86
C ALA D 106 -9.74 -10.56 -27.35
N ASN D 107 -10.56 -11.29 -28.11
CA ASN D 107 -10.59 -11.14 -29.57
C ASN D 107 -11.08 -9.74 -29.97
N ALA D 108 -12.11 -9.24 -29.30
CA ALA D 108 -12.54 -7.87 -29.56
C ALA D 108 -11.36 -6.91 -29.32
N ALA D 109 -10.74 -7.01 -28.14
CA ALA D 109 -9.55 -6.20 -27.82
C ALA D 109 -8.54 -6.32 -28.96
N ALA D 110 -8.17 -7.56 -29.28
CA ALA D 110 -7.24 -7.82 -30.37
C ALA D 110 -7.67 -7.10 -31.63
N TRP D 111 -8.91 -7.31 -32.09
CA TRP D 111 -9.30 -6.73 -33.39
C TRP D 111 -9.30 -5.22 -33.34
N GLY D 112 -9.78 -4.65 -32.24
CA GLY D 112 -9.76 -3.21 -32.09
C GLY D 112 -8.38 -2.61 -32.28
N GLU D 113 -7.40 -3.18 -31.59
CA GLU D 113 -6.02 -2.68 -31.64
C GLU D 113 -5.37 -2.90 -33.00
N TYR D 114 -5.73 -3.99 -33.69
CA TYR D 114 -5.23 -4.22 -35.05
C TYR D 114 -5.80 -3.20 -36.03
N ARG D 115 -7.08 -2.87 -35.90
CA ARG D 115 -7.72 -2.00 -36.89
C ARG D 115 -7.63 -0.50 -36.55
N PHE D 116 -7.38 -0.16 -35.29
CA PHE D 116 -7.34 1.25 -34.87
C PHE D 116 -6.14 1.65 -34.01
N GLY D 117 -5.17 0.77 -33.82
CA GLY D 117 -4.05 1.06 -32.94
C GLY D 117 -2.75 0.65 -33.57
N ALA D 118 -1.86 0.09 -32.75
CA ALA D 118 -0.50 -0.27 -33.18
C ALA D 118 -0.43 -1.17 -34.40
N GLY D 119 -1.55 -1.83 -34.71
CA GLY D 119 -1.64 -2.78 -35.79
C GLY D 119 -1.70 -2.24 -37.20
N GLN D 120 -2.11 -0.99 -37.39
CA GLN D 120 -2.25 -0.47 -38.74
C GLN D 120 -0.94 -0.65 -39.56
N GLY D 121 -1.07 -1.00 -40.84
CA GLY D 121 0.10 -1.26 -41.72
C GLY D 121 0.86 -2.57 -41.46
N HIS D 122 0.16 -3.55 -40.90
CA HIS D 122 0.70 -4.89 -40.63
C HIS D 122 -0.35 -5.87 -41.13
N ASP D 123 0.05 -7.02 -41.66
CA ASP D 123 -0.93 -8.03 -42.10
C ASP D 123 -1.14 -9.09 -41.05
N ASP D 124 -0.03 -9.70 -40.60
CA ASP D 124 -0.07 -10.75 -39.57
C ASP D 124 0.30 -10.14 -38.22
N VAL D 125 -0.60 -10.22 -37.25
CA VAL D 125 -0.38 -9.64 -35.92
C VAL D 125 -0.99 -10.44 -34.77
N ILE D 126 -0.30 -10.48 -33.63
CA ILE D 126 -0.76 -11.19 -32.42
C ILE D 126 -0.80 -10.23 -31.25
N CYS D 127 -1.96 -10.09 -30.62
CA CYS D 127 -2.12 -9.14 -29.54
C CYS D 127 -2.25 -9.88 -28.27
N ILE D 128 -1.49 -9.50 -27.27
CA ILE D 128 -1.68 -10.03 -25.93
C ILE D 128 -2.04 -8.91 -24.97
N THR D 129 -3.08 -9.10 -24.16
CA THR D 129 -3.48 -8.09 -23.14
C THR D 129 -3.25 -8.61 -21.69
N LEU D 130 -2.31 -8.01 -20.96
CA LEU D 130 -1.98 -8.52 -19.64
C LEU D 130 -2.84 -7.87 -18.53
N GLY D 131 -3.71 -8.66 -17.91
CA GLY D 131 -4.65 -8.20 -16.86
C GLY D 131 -4.55 -9.05 -15.62
N THR D 132 -5.67 -9.58 -15.12
CA THR D 132 -5.65 -10.61 -14.02
C THR D 132 -5.10 -11.91 -14.57
N GLY D 133 -5.41 -12.09 -15.84
CA GLY D 133 -4.84 -13.16 -16.63
C GLY D 133 -4.21 -12.60 -17.88
N LEU D 134 -3.97 -13.50 -18.81
CA LEU D 134 -3.47 -13.19 -20.11
C LEU D 134 -4.59 -13.59 -21.06
N GLY D 135 -4.63 -12.93 -22.19
CA GLY D 135 -5.61 -13.23 -23.20
C GLY D 135 -5.13 -12.56 -24.45
N GLY D 136 -5.68 -12.97 -25.57
CA GLY D 136 -5.26 -12.40 -26.84
C GLY D 136 -6.12 -12.79 -28.02
N GLY D 137 -5.58 -12.57 -29.22
CA GLY D 137 -6.31 -12.83 -30.47
C GLY D 137 -5.39 -12.95 -31.64
N ILE D 138 -5.74 -13.78 -32.60
CA ILE D 138 -4.93 -13.95 -33.81
C ILE D 138 -5.52 -13.12 -34.92
N ILE D 139 -4.66 -12.37 -35.59
CA ILE D 139 -5.01 -11.78 -36.88
C ILE D 139 -4.01 -12.26 -37.86
N ILE D 140 -4.46 -12.96 -38.90
CA ILE D 140 -3.57 -13.49 -39.93
C ILE D 140 -4.27 -13.26 -41.25
N GLY D 141 -3.53 -12.70 -42.19
CA GLY D 141 -4.12 -12.24 -43.43
C GLY D 141 -5.20 -11.20 -43.25
N ASN D 142 -5.04 -10.30 -42.27
CA ASN D 142 -5.98 -9.18 -42.01
C ASN D 142 -7.34 -9.62 -41.49
N LYS D 143 -7.49 -10.89 -41.15
CA LYS D 143 -8.72 -11.40 -40.58
C LYS D 143 -8.41 -11.75 -39.14
N LEU D 144 -9.46 -11.74 -38.32
CA LEU D 144 -9.41 -12.39 -37.04
C LEU D 144 -9.55 -13.89 -37.32
N ARG D 145 -8.90 -14.69 -36.47
CA ARG D 145 -8.85 -16.14 -36.64
C ARG D 145 -9.38 -16.93 -35.45
N ARG D 146 -10.68 -17.12 -35.39
CA ARG D 146 -11.32 -17.70 -34.22
C ARG D 146 -11.09 -19.19 -34.10
N GLY D 147 -10.58 -19.78 -35.17
CA GLY D 147 -10.33 -21.24 -35.27
C GLY D 147 -11.60 -21.97 -35.62
N ARG D 148 -11.49 -23.27 -35.86
CA ARG D 148 -12.66 -24.04 -36.28
C ARG D 148 -13.87 -23.90 -35.35
N PHE D 149 -13.69 -24.16 -34.06
CA PHE D 149 -14.84 -24.19 -33.15
C PHE D 149 -15.11 -22.87 -32.44
N GLY D 150 -14.27 -21.88 -32.72
CA GLY D 150 -14.47 -20.54 -32.17
C GLY D 150 -13.45 -20.16 -31.13
N VAL D 151 -12.78 -21.17 -30.57
CA VAL D 151 -12.11 -20.98 -29.31
C VAL D 151 -10.60 -20.81 -29.50
N ALA D 152 -10.19 -20.22 -30.63
CA ALA D 152 -8.76 -19.95 -30.88
C ALA D 152 -8.23 -18.89 -29.94
N ALA D 153 -6.91 -18.79 -29.89
CA ALA D 153 -6.22 -17.71 -29.20
C ALA D 153 -6.29 -17.70 -27.68
N GLU D 154 -6.66 -18.80 -27.03
CA GLU D 154 -6.70 -18.80 -25.56
C GLU D 154 -5.28 -18.92 -24.99
N PHE D 155 -4.41 -18.04 -25.48
CA PHE D 155 -3.02 -18.02 -25.04
C PHE D 155 -2.92 -18.15 -23.53
N GLY D 156 -3.95 -17.75 -22.81
CA GLY D 156 -3.85 -17.75 -21.36
C GLY D 156 -3.32 -19.07 -20.83
N HIS D 157 -3.89 -20.16 -21.36
CA HIS D 157 -3.68 -21.49 -20.82
C HIS D 157 -2.82 -22.43 -21.67
N ILE D 158 -1.77 -21.92 -22.30
CA ILE D 158 -0.85 -22.81 -23.00
C ILE D 158 0.21 -23.10 -21.97
N ARG D 159 0.49 -24.36 -21.77
CA ARG D 159 1.09 -24.81 -20.54
C ARG D 159 2.62 -24.60 -20.54
N VAL D 160 3.06 -23.56 -19.86
CA VAL D 160 4.47 -23.19 -19.87
C VAL D 160 5.33 -23.88 -18.81
N VAL D 161 4.73 -24.22 -17.67
CA VAL D 161 5.43 -24.97 -16.64
C VAL D 161 4.69 -26.29 -16.32
N PRO D 162 5.16 -27.41 -16.86
CA PRO D 162 4.49 -28.63 -16.47
C PRO D 162 4.68 -28.87 -14.97
N ASP D 163 3.63 -29.38 -14.33
CA ASP D 163 3.57 -29.61 -12.88
C ASP D 163 3.61 -28.31 -12.11
N GLY D 164 3.21 -27.21 -12.75
CA GLY D 164 3.28 -25.89 -12.13
C GLY D 164 2.05 -25.46 -11.32
N LEU D 165 1.59 -24.24 -11.54
CA LEU D 165 0.61 -23.61 -10.67
C LEU D 165 -0.89 -23.96 -11.00
N LEU D 166 -1.69 -24.44 -10.02
CA LEU D 166 -3.14 -24.67 -10.21
C LEU D 166 -3.78 -23.40 -10.75
N CYS D 167 -4.58 -23.55 -11.80
CA CYS D 167 -5.11 -22.42 -12.55
C CYS D 167 -6.62 -22.44 -12.50
N GLY D 168 -7.21 -21.25 -12.53
CA GLY D 168 -8.66 -21.06 -12.67
C GLY D 168 -9.32 -22.02 -13.67
N CYS D 169 -8.74 -22.17 -14.86
CA CYS D 169 -9.17 -23.17 -15.86
C CYS D 169 -9.12 -24.60 -15.35
N GLY D 170 -8.63 -24.80 -14.14
CA GLY D 170 -8.53 -26.13 -13.55
C GLY D 170 -7.26 -26.93 -13.84
N SER D 171 -6.32 -26.36 -14.61
CA SER D 171 -5.05 -27.04 -14.98
C SER D 171 -3.87 -26.52 -14.16
N GLN D 172 -2.70 -27.16 -14.28
CA GLN D 172 -1.44 -26.68 -13.66
C GLN D 172 -0.52 -26.09 -14.71
N GLY D 173 0.13 -24.96 -14.43
CA GLY D 173 1.26 -24.44 -15.24
C GLY D 173 0.97 -23.58 -16.47
N CYS D 174 -0.25 -23.07 -16.55
CA CYS D 174 -0.72 -22.20 -17.63
C CYS D 174 0.06 -20.89 -17.62
N TRP D 175 0.30 -20.36 -18.80
CA TRP D 175 1.01 -19.09 -18.95
C TRP D 175 0.36 -17.97 -18.10
N GLU D 176 -0.95 -18.06 -17.97
CA GLU D 176 -1.74 -16.98 -17.38
C GLU D 176 -1.14 -16.68 -16.03
N GLN D 177 -0.80 -17.73 -15.29
CA GLN D 177 -0.35 -17.64 -13.89
C GLN D 177 1.06 -17.11 -13.70
N TYR D 178 1.78 -16.96 -14.81
CA TYR D 178 3.16 -16.52 -14.79
C TYR D 178 3.34 -15.13 -15.39
N ALA D 179 2.47 -14.79 -16.33
CA ALA D 179 2.56 -13.54 -17.09
C ALA D 179 1.30 -12.72 -16.94
N SER D 180 1.14 -12.02 -15.81
CA SER D 180 -0.05 -11.20 -15.58
C SER D 180 -0.04 -10.52 -14.24
N GLY D 181 -0.98 -9.59 -14.09
CA GLY D 181 -1.18 -8.87 -12.83
C GLY D 181 -1.11 -9.77 -11.60
N ARG D 182 -2.01 -10.74 -11.57
CA ARG D 182 -2.02 -11.77 -10.54
C ARG D 182 -0.57 -12.21 -10.30
N ALA D 183 0.13 -12.51 -11.40
CA ALA D 183 1.55 -12.90 -11.33
C ALA D 183 2.36 -11.78 -10.68
N LEU D 184 2.49 -10.66 -11.38
CA LEU D 184 3.36 -9.58 -10.91
C LEU D 184 3.29 -9.49 -9.40
N VAL D 185 2.07 -9.59 -8.87
CA VAL D 185 1.80 -9.40 -7.44
C VAL D 185 2.45 -10.49 -6.56
N ARG D 186 2.28 -11.74 -6.97
CA ARG D 186 3.01 -12.84 -6.37
C ARG D 186 4.46 -12.41 -6.34
N TYR D 187 4.98 -12.03 -7.48
CA TYR D 187 6.40 -11.77 -7.56
C TYR D 187 6.81 -10.72 -6.56
N ALA D 188 5.97 -9.71 -6.41
CA ALA D 188 6.26 -8.61 -5.52
C ALA D 188 6.20 -9.10 -4.11
N LYS D 189 5.11 -9.77 -3.79
CA LYS D 189 4.91 -10.24 -2.45
C LYS D 189 6.01 -11.20 -2.01
N GLN D 190 6.32 -12.16 -2.86
CA GLN D 190 7.40 -13.08 -2.57
C GLN D 190 8.67 -12.29 -2.27
N ARG D 191 8.99 -11.34 -3.13
CA ARG D 191 10.23 -10.59 -3.01
C ARG D 191 10.23 -9.72 -1.76
N ALA D 192 9.12 -9.01 -1.57
CA ALA D 192 9.04 -7.96 -0.56
C ALA D 192 9.18 -8.61 0.77
N ASN D 193 8.57 -9.79 0.90
CA ASN D 193 8.58 -10.53 2.16
C ASN D 193 9.94 -11.15 2.41
N ALA D 194 10.66 -11.39 1.33
CA ALA D 194 12.03 -11.87 1.38
C ALA D 194 13.02 -10.76 1.79
N THR D 195 12.94 -9.62 1.11
CA THR D 195 13.83 -8.47 1.35
C THR D 195 13.04 -7.16 1.67
N PRO D 196 12.35 -7.10 2.84
CA PRO D 196 11.62 -5.91 3.29
C PRO D 196 12.32 -4.58 2.97
N GLU D 197 13.60 -4.54 3.30
CA GLU D 197 14.44 -3.36 3.17
C GLU D 197 14.34 -2.71 1.82
N ASN D 198 14.34 -3.52 0.78
CA ASN D 198 14.35 -3.01 -0.59
C ASN D 198 12.99 -2.56 -1.12
N ALA D 199 11.91 -3.07 -0.53
CA ALA D 199 10.59 -2.68 -0.98
C ALA D 199 9.97 -1.60 -0.11
N ALA D 200 10.76 -0.59 0.28
CA ALA D 200 10.29 0.35 1.30
C ALA D 200 9.25 1.32 0.74
N VAL D 201 9.50 1.79 -0.48
CA VAL D 201 8.53 2.59 -1.26
C VAL D 201 7.24 1.81 -1.60
N LEU D 202 7.37 0.54 -1.99
CA LEU D 202 6.23 -0.29 -2.38
C LEU D 202 5.33 -0.53 -1.20
N LEU D 203 5.92 -1.03 -0.13
CA LEU D 203 5.21 -1.18 1.12
C LEU D 203 4.66 0.14 1.66
N GLY D 204 5.13 1.26 1.16
CA GLY D 204 4.55 2.53 1.58
C GLY D 204 3.24 2.76 0.88
N LEU D 205 3.28 2.59 -0.44
CA LEU D 205 2.18 2.97 -1.31
C LEU D 205 0.87 2.28 -0.88
N GLY D 206 1.00 1.04 -0.39
CA GLY D 206 -0.10 0.30 0.29
C GLY D 206 -0.26 0.61 1.78
N ASP D 207 -0.12 -0.41 2.64
CA ASP D 207 -0.43 -0.26 4.06
C ASP D 207 0.65 -0.75 5.00
N GLY D 208 1.87 -0.87 4.49
CA GLY D 208 2.97 -1.41 5.28
C GLY D 208 3.22 -2.91 5.13
N SER D 209 2.16 -3.67 4.91
CA SER D 209 2.29 -5.12 4.94
C SER D 209 2.45 -5.76 3.56
N VAL D 210 3.03 -6.96 3.59
CA VAL D 210 3.19 -7.80 2.40
C VAL D 210 1.84 -7.99 1.71
N ASP D 211 0.80 -8.27 2.49
CA ASP D 211 -0.55 -8.57 1.95
C ASP D 211 -1.22 -7.39 1.34
N GLY D 212 -0.76 -6.21 1.76
CA GLY D 212 -1.34 -4.97 1.33
C GLY D 212 -0.94 -4.59 -0.07
N ILE D 213 -0.04 -5.38 -0.66
CA ILE D 213 0.49 -5.04 -1.97
C ILE D 213 -0.58 -5.30 -3.00
N GLU D 214 -0.64 -4.38 -3.97
CA GLU D 214 -1.61 -4.44 -5.05
C GLU D 214 -0.95 -3.98 -6.33
N GLY D 215 -1.50 -4.46 -7.44
CA GLY D 215 -0.91 -4.23 -8.76
C GLY D 215 -0.49 -2.80 -8.99
N LYS D 216 -1.43 -1.88 -8.86
CA LYS D 216 -1.15 -0.46 -9.12
C LYS D 216 -0.05 0.11 -8.25
N HIS D 217 0.16 -0.43 -7.05
CA HIS D 217 1.21 0.07 -6.15
C HIS D 217 2.56 -0.29 -6.69
N ILE D 218 2.64 -1.37 -7.47
CA ILE D 218 3.91 -1.81 -8.00
C ILE D 218 4.31 -1.02 -9.24
N SER D 219 3.34 -0.73 -10.10
CA SER D 219 3.59 0.05 -11.33
C SER D 219 3.98 1.49 -11.03
N GLU D 220 3.67 1.92 -9.83
CA GLU D 220 4.19 3.16 -9.28
C GLU D 220 5.57 2.93 -8.69
N ALA D 221 5.63 2.16 -7.61
CA ALA D 221 6.87 1.89 -6.88
C ALA D 221 8.01 1.56 -7.82
N ALA D 222 7.67 1.15 -9.05
CA ALA D 222 8.67 0.85 -10.06
C ALA D 222 9.25 2.14 -10.55
N ARG D 223 8.40 3.03 -11.02
CA ARG D 223 8.93 4.24 -11.67
C ARG D 223 9.70 5.12 -10.68
N GLN D 224 9.35 5.05 -9.39
CA GLN D 224 10.16 5.69 -8.35
C GLN D 224 11.41 4.89 -8.08
N GLY D 225 11.53 3.75 -8.76
CA GLY D 225 12.75 2.97 -8.73
C GLY D 225 12.92 2.11 -7.51
N ASP D 226 11.84 1.83 -6.79
CA ASP D 226 11.86 0.84 -5.72
C ASP D 226 12.51 -0.41 -6.30
N PRO D 227 13.59 -0.93 -5.66
CA PRO D 227 14.26 -2.10 -6.23
C PRO D 227 13.41 -3.39 -6.30
N VAL D 228 12.58 -3.67 -5.29
CA VAL D 228 11.76 -4.89 -5.34
C VAL D 228 10.75 -4.83 -6.48
N ALA D 229 10.10 -3.69 -6.61
CA ALA D 229 9.10 -3.49 -7.66
C ALA D 229 9.68 -3.60 -9.09
N VAL D 230 10.95 -3.28 -9.29
CA VAL D 230 11.55 -3.44 -10.62
C VAL D 230 11.89 -4.91 -10.89
N ASP D 231 12.48 -5.54 -9.89
CA ASP D 231 12.83 -6.95 -9.96
C ASP D 231 11.63 -7.78 -10.28
N SER D 232 10.47 -7.34 -9.82
CA SER D 232 9.22 -8.03 -10.06
C SER D 232 8.80 -7.79 -11.48
N PHE D 233 9.06 -6.60 -12.00
CA PHE D 233 8.86 -6.39 -13.42
C PHE D 233 9.86 -7.17 -14.34
N ARG D 234 11.05 -7.50 -13.85
CA ARG D 234 11.94 -8.41 -14.58
C ARG D 234 11.34 -9.82 -14.69
N GLU D 235 10.78 -10.28 -13.58
CA GLU D 235 10.32 -11.64 -13.48
C GLU D 235 9.20 -11.71 -14.46
N LEU D 236 8.25 -10.79 -14.39
CA LEU D 236 7.19 -10.78 -15.39
C LEU D 236 7.74 -10.74 -16.81
N ALA D 237 8.60 -9.78 -17.11
CA ALA D 237 9.09 -9.62 -18.47
C ALA D 237 9.71 -10.92 -18.99
N ARG D 238 10.32 -11.69 -18.10
CA ARG D 238 10.87 -13.02 -18.45
C ARG D 238 9.79 -14.00 -18.93
N TRP D 239 8.79 -14.27 -18.11
CA TRP D 239 7.71 -15.15 -18.54
C TRP D 239 6.90 -14.61 -19.75
N ALA D 240 6.78 -13.30 -19.87
CA ALA D 240 5.99 -12.73 -20.93
C ALA D 240 6.75 -12.86 -22.24
N GLY D 241 8.05 -12.65 -22.20
CA GLY D 241 8.88 -12.71 -23.40
C GLY D 241 9.20 -14.14 -23.84
N ALA D 242 9.67 -14.92 -22.87
CA ALA D 242 9.81 -16.34 -23.05
C ALA D 242 8.62 -16.85 -23.86
N GLY D 243 7.43 -16.53 -23.41
CA GLY D 243 6.24 -16.97 -24.10
C GLY D 243 6.07 -16.35 -25.47
N LEU D 244 6.28 -15.04 -25.58
CA LEU D 244 6.11 -14.35 -26.85
C LEU D 244 6.97 -14.99 -27.92
N ALA D 245 8.16 -15.40 -27.51
CA ALA D 245 9.13 -16.02 -28.41
C ALA D 245 8.68 -17.40 -28.89
N ASP D 246 7.67 -17.94 -28.21
CA ASP D 246 7.10 -19.23 -28.55
C ASP D 246 5.97 -19.02 -29.53
N LEU D 247 5.16 -17.99 -29.30
CA LEU D 247 4.16 -17.52 -30.27
C LEU D 247 4.84 -17.02 -31.56
N ALA D 248 6.06 -16.53 -31.41
CA ALA D 248 6.83 -16.07 -32.53
C ALA D 248 7.29 -17.25 -33.37
N SER D 249 7.59 -18.36 -32.72
CA SER D 249 7.98 -19.57 -33.44
C SER D 249 6.74 -20.27 -34.04
N LEU D 250 5.55 -19.97 -33.52
CA LEU D 250 4.32 -20.60 -34.01
C LEU D 250 3.76 -19.86 -35.19
N PHE D 251 3.43 -18.59 -34.99
CA PHE D 251 2.78 -17.81 -36.03
C PHE D 251 3.76 -16.96 -36.85
N ASP D 252 4.90 -16.61 -36.26
CA ASP D 252 5.86 -15.67 -36.89
C ASP D 252 5.18 -14.43 -37.47
N PRO D 253 4.78 -13.51 -36.59
CA PRO D 253 4.02 -12.31 -36.96
C PRO D 253 4.96 -11.18 -37.37
N SER D 254 4.38 -10.07 -37.83
CA SER D 254 5.18 -8.87 -38.07
C SER D 254 5.31 -8.09 -36.76
N ALA D 255 4.27 -8.14 -35.93
CA ALA D 255 4.27 -7.42 -34.69
C ALA D 255 3.40 -8.10 -33.66
N PHE D 256 3.94 -8.29 -32.46
CA PHE D 256 3.14 -8.53 -31.27
C PHE D 256 2.60 -7.17 -30.78
N ILE D 257 1.45 -7.13 -30.10
CA ILE D 257 0.98 -5.88 -29.49
C ILE D 257 0.61 -6.09 -28.04
N VAL D 258 1.56 -5.91 -27.14
CA VAL D 258 1.29 -6.11 -25.72
C VAL D 258 0.47 -4.95 -25.16
N GLY D 259 -0.60 -5.26 -24.43
CA GLY D 259 -1.55 -4.25 -23.93
C GLY D 259 -2.31 -4.63 -22.66
N GLY D 260 -3.44 -3.96 -22.42
CA GLY D 260 -4.21 -4.17 -21.19
C GLY D 260 -3.55 -3.51 -19.99
N GLY D 261 -4.16 -3.73 -18.82
CA GLY D 261 -3.85 -3.00 -17.58
C GLY D 261 -2.39 -2.73 -17.26
N VAL D 262 -1.58 -3.79 -17.15
CA VAL D 262 -0.16 -3.64 -16.75
C VAL D 262 0.83 -3.37 -17.90
N SER D 263 0.32 -2.98 -19.06
CA SER D 263 1.13 -2.49 -20.19
C SER D 263 0.91 -0.99 -20.48
N ASP D 264 -0.32 -0.53 -20.20
CA ASP D 264 -0.69 0.89 -20.28
C ASP D 264 0.20 1.73 -19.34
N GLU D 265 0.88 1.07 -18.42
CA GLU D 265 1.93 1.71 -17.64
C GLU D 265 3.06 2.24 -18.52
N GLY D 266 3.43 1.50 -19.56
CA GLY D 266 4.32 2.02 -20.61
C GLY D 266 5.66 1.33 -20.77
N GLU D 267 6.64 2.11 -21.21
CA GLU D 267 7.97 1.60 -21.43
C GLU D 267 8.65 1.09 -20.16
N LEU D 268 8.04 1.33 -19.01
CA LEU D 268 8.50 0.72 -17.77
C LEU D 268 8.46 -0.79 -17.91
N VAL D 269 7.44 -1.26 -18.66
CA VAL D 269 7.16 -2.68 -18.81
C VAL D 269 7.48 -3.18 -20.22
N LEU D 270 6.80 -2.65 -21.23
CA LEU D 270 7.07 -3.03 -22.62
C LEU D 270 8.54 -3.20 -22.91
N ASP D 271 9.37 -2.32 -22.36
CA ASP D 271 10.78 -2.35 -22.71
C ASP D 271 11.43 -3.67 -22.28
N PRO D 272 11.45 -4.01 -20.95
CA PRO D 272 12.01 -5.29 -20.45
C PRO D 272 11.49 -6.52 -21.16
N ILE D 273 10.19 -6.53 -21.45
CA ILE D 273 9.56 -7.54 -22.29
C ILE D 273 10.20 -7.55 -23.68
N ARG D 274 10.16 -6.42 -24.37
CA ARG D 274 10.82 -6.35 -25.65
C ARG D 274 12.26 -6.90 -25.54
N LYS D 275 13.00 -6.52 -24.50
CA LYS D 275 14.36 -7.03 -24.29
C LYS D 275 14.41 -8.51 -23.90
N SER D 276 13.32 -9.00 -23.30
CA SER D 276 13.24 -10.40 -22.89
C SER D 276 12.72 -11.30 -23.98
N PHE D 277 11.93 -10.75 -24.90
CA PHE D 277 11.52 -11.44 -26.12
C PHE D 277 12.73 -11.68 -27.02
N ARG D 278 13.61 -10.69 -27.19
CA ARG D 278 14.76 -10.93 -28.05
C ARG D 278 15.69 -11.94 -27.39
N ARG D 279 15.81 -11.87 -26.08
CA ARG D 279 16.71 -12.74 -25.34
C ARG D 279 16.28 -14.20 -25.43
N TRP D 280 15.00 -14.45 -25.64
CA TRP D 280 14.48 -15.82 -25.74
C TRP D 280 14.08 -16.28 -27.15
N LEU D 281 14.15 -15.40 -28.15
CA LEU D 281 13.77 -15.76 -29.53
C LEU D 281 14.85 -16.65 -30.13
N ILE D 282 14.49 -17.76 -30.78
CA ILE D 282 15.50 -18.67 -31.39
C ILE D 282 15.56 -18.42 -32.88
N GLY D 283 16.80 -18.42 -33.41
CA GLY D 283 17.09 -18.05 -34.79
C GLY D 283 17.63 -16.62 -34.90
N GLY D 284 18.35 -16.19 -33.87
CA GLY D 284 18.78 -14.80 -33.72
C GLY D 284 19.22 -14.13 -35.02
N GLU D 285 20.24 -14.71 -35.66
CA GLU D 285 20.95 -14.01 -36.74
C GLU D 285 20.30 -14.13 -38.14
N TRP D 286 19.31 -15.00 -38.28
CA TRP D 286 18.75 -15.38 -39.60
C TRP D 286 17.36 -14.84 -39.78
N ARG D 287 16.51 -15.11 -38.80
CA ARG D 287 15.14 -14.63 -38.87
C ARG D 287 15.10 -13.17 -38.44
N PRO D 288 14.38 -12.34 -39.22
CA PRO D 288 14.00 -10.98 -38.82
C PRO D 288 13.29 -11.01 -37.48
N HIS D 289 13.34 -9.92 -36.71
CA HIS D 289 12.69 -9.85 -35.40
C HIS D 289 11.32 -9.17 -35.50
N ALA D 290 10.27 -9.82 -35.01
CA ALA D 290 8.94 -9.20 -35.00
C ALA D 290 8.90 -8.08 -33.96
N GLN D 291 8.25 -6.97 -34.26
CA GLN D 291 8.27 -5.79 -33.38
C GLN D 291 7.39 -6.00 -32.18
N VAL D 292 7.75 -5.42 -31.05
CA VAL D 292 6.85 -5.43 -29.89
C VAL D 292 6.29 -4.03 -29.71
N LEU D 293 5.01 -3.85 -30.01
CA LEU D 293 4.42 -2.54 -29.96
C LEU D 293 3.56 -2.36 -28.71
N ALA D 294 3.45 -1.11 -28.24
CA ALA D 294 2.54 -0.75 -27.16
C ALA D 294 1.10 -0.50 -27.69
N ALA D 295 0.09 -0.84 -26.87
CA ALA D 295 -1.32 -0.76 -27.26
C ALA D 295 -1.90 0.62 -27.02
N GLN D 296 -2.17 1.28 -28.13
CA GLN D 296 -2.68 2.67 -28.18
C GLN D 296 -4.08 2.95 -27.56
N LEU D 297 -5.08 2.09 -27.78
CA LEU D 297 -6.44 2.38 -27.35
C LEU D 297 -6.76 2.13 -25.86
N GLY D 298 -5.88 1.49 -25.09
CA GLY D 298 -6.19 1.19 -23.68
C GLY D 298 -7.61 0.65 -23.44
N GLY D 299 -8.17 0.88 -22.25
CA GLY D 299 -9.51 0.37 -21.88
C GLY D 299 -10.45 0.21 -23.05
N LYS D 300 -10.69 1.32 -23.75
CA LYS D 300 -11.55 1.38 -24.95
C LYS D 300 -11.61 0.12 -25.84
N ALA D 301 -10.44 -0.42 -26.22
CA ALA D 301 -10.35 -1.46 -27.28
C ALA D 301 -11.50 -2.47 -27.35
N GLY D 302 -11.85 -3.06 -26.21
CA GLY D 302 -12.87 -4.11 -26.22
C GLY D 302 -14.19 -3.68 -26.86
N LEU D 303 -14.58 -2.48 -26.52
CA LEU D 303 -15.76 -1.88 -27.06
C LEU D 303 -15.55 -1.59 -28.56
N VAL D 304 -14.44 -0.95 -28.91
CA VAL D 304 -14.22 -0.50 -30.27
C VAL D 304 -14.12 -1.68 -31.25
N GLY D 305 -13.47 -2.75 -30.78
CA GLY D 305 -13.30 -3.95 -31.58
C GLY D 305 -14.61 -4.70 -31.73
N ALA D 306 -15.29 -4.93 -30.61
CA ALA D 306 -16.59 -5.55 -30.68
C ALA D 306 -17.43 -4.84 -31.75
N ALA D 307 -17.44 -3.52 -31.72
CA ALA D 307 -18.29 -2.77 -32.65
C ALA D 307 -17.95 -3.16 -34.09
N ASP D 308 -16.67 -3.04 -34.41
CA ASP D 308 -16.19 -3.18 -35.78
C ASP D 308 -16.21 -4.61 -36.28
N LEU D 309 -16.06 -5.57 -35.37
CA LEU D 309 -16.21 -6.98 -35.72
C LEU D 309 -17.67 -7.24 -36.13
N ALA D 310 -18.58 -6.34 -35.74
CA ALA D 310 -20.00 -6.45 -36.09
C ALA D 310 -20.25 -6.13 -37.55
N ARG D 311 -19.26 -5.56 -38.23
CA ARG D 311 -19.42 -5.14 -39.63
C ARG D 311 -19.41 -6.24 -40.71
N GLN D 312 -19.11 -7.49 -40.33
CA GLN D 312 -18.99 -8.57 -41.33
C GLN D 312 -19.17 -10.00 -40.83
N GLY D 313 -19.39 -10.92 -41.76
CA GLY D 313 -19.46 -12.36 -41.48
C GLY D 313 -19.42 -13.27 -42.69
N LEU E 3 32.67 23.15 -12.48
CA LEU E 3 31.68 23.95 -13.27
C LEU E 3 30.45 23.09 -13.58
N THR E 4 29.29 23.73 -13.63
CA THR E 4 28.01 23.02 -13.51
C THR E 4 26.86 23.91 -14.04
N ILE E 5 25.74 23.32 -14.46
CA ILE E 5 24.56 24.13 -14.87
C ILE E 5 23.39 23.91 -13.89
N GLY E 6 22.65 24.98 -13.64
CA GLY E 6 21.37 24.88 -12.93
C GLY E 6 20.25 25.41 -13.80
N VAL E 7 19.08 24.80 -13.70
CA VAL E 7 17.92 25.21 -14.46
C VAL E 7 16.77 25.62 -13.51
N ASP E 8 16.15 26.75 -13.82
CA ASP E 8 15.04 27.29 -13.04
C ASP E 8 13.87 27.26 -14.01
N ILE E 9 12.82 26.51 -13.68
CA ILE E 9 11.67 26.38 -14.56
C ILE E 9 10.53 27.32 -14.13
N GLY E 10 10.51 28.53 -14.68
CA GLY E 10 9.47 29.53 -14.36
C GLY E 10 8.14 29.25 -15.03
N GLY E 11 7.10 29.95 -14.59
CA GLY E 11 5.78 29.82 -15.18
C GLY E 11 5.84 30.40 -16.58
N THR E 12 6.28 31.64 -16.67
CA THR E 12 6.41 32.33 -17.96
C THR E 12 7.68 31.84 -18.74
N LYS E 13 8.76 31.46 -18.03
CA LYS E 13 10.06 31.11 -18.67
C LYS E 13 10.98 30.14 -17.86
N ILE E 14 11.84 29.42 -18.59
CA ILE E 14 12.83 28.48 -18.03
C ILE E 14 14.21 29.05 -18.24
N ALA E 15 14.89 29.35 -17.15
CA ALA E 15 16.22 29.91 -17.21
C ALA E 15 17.18 28.79 -16.95
N ALA E 16 18.34 28.83 -17.60
CA ALA E 16 19.39 27.83 -17.38
C ALA E 16 20.72 28.52 -17.42
N GLY E 17 21.41 28.56 -16.28
CA GLY E 17 22.69 29.26 -16.17
C GLY E 17 23.86 28.35 -15.81
N VAL E 18 25.06 28.73 -16.23
CA VAL E 18 26.29 28.02 -15.89
C VAL E 18 26.88 28.66 -14.65
N VAL E 19 27.12 27.83 -13.65
CA VAL E 19 27.50 28.28 -12.31
C VAL E 19 28.78 27.65 -11.82
N ASP E 20 29.62 28.42 -11.15
CA ASP E 20 30.91 27.91 -10.70
C ASP E 20 30.88 27.38 -9.27
N GLU E 21 32.06 27.03 -8.75
CA GLU E 21 32.18 26.39 -7.45
C GLU E 21 31.85 27.33 -6.28
N GLU E 22 32.04 28.63 -6.48
CA GLU E 22 31.70 29.66 -5.46
C GLU E 22 30.32 30.23 -5.63
N GLY E 23 29.56 29.69 -6.59
CA GLY E 23 28.16 30.07 -6.81
C GLY E 23 27.96 31.33 -7.61
N ARG E 24 28.79 31.56 -8.62
CA ARG E 24 28.65 32.72 -9.48
C ARG E 24 28.07 32.30 -10.81
N ILE E 25 27.26 33.17 -11.40
CA ILE E 25 26.57 32.89 -12.66
C ILE E 25 27.37 33.50 -13.82
N LEU E 26 27.97 32.67 -14.65
CA LEU E 26 28.87 33.19 -15.67
C LEU E 26 28.12 33.47 -16.99
N SER E 27 27.03 32.75 -17.20
CA SER E 27 26.20 32.91 -18.37
C SER E 27 24.78 32.48 -18.05
N THR E 28 23.81 33.08 -18.73
CA THR E 28 22.41 32.68 -18.61
C THR E 28 21.73 32.58 -19.97
N PHE E 29 20.95 31.54 -20.18
CA PHE E 29 20.12 31.48 -21.36
C PHE E 29 18.68 31.14 -21.00
N LYS E 30 17.76 31.80 -21.68
CA LYS E 30 16.35 31.71 -21.35
C LYS E 30 15.51 31.26 -22.53
N VAL E 31 14.42 30.56 -22.21
CA VAL E 31 13.42 30.17 -23.18
C VAL E 31 12.07 30.24 -22.50
N ALA E 32 11.02 30.49 -23.31
CA ALA E 32 9.66 30.61 -22.80
C ALA E 32 9.21 29.21 -22.43
N THR E 33 8.51 29.05 -21.30
CA THR E 33 8.02 27.73 -20.92
C THR E 33 6.90 27.35 -21.87
N PRO E 34 6.90 26.11 -22.36
CA PRO E 34 5.83 25.69 -23.27
C PRO E 34 4.61 25.05 -22.57
N PRO E 35 3.42 25.11 -23.22
CA PRO E 35 2.19 24.47 -22.73
C PRO E 35 2.33 22.97 -22.38
N THR E 36 3.10 22.20 -23.15
CA THR E 36 3.25 20.75 -22.91
C THR E 36 4.15 20.41 -21.72
N ALA E 37 4.11 19.14 -21.31
CA ALA E 37 5.00 18.56 -20.30
C ALA E 37 6.20 17.89 -20.96
N GLU E 38 5.94 17.31 -22.13
CA GLU E 38 6.92 16.60 -22.93
C GLU E 38 7.79 17.61 -23.68
N GLY E 39 7.23 18.79 -23.92
CA GLY E 39 7.94 19.89 -24.58
C GLY E 39 8.70 20.77 -23.62
N ILE E 40 8.51 20.58 -22.31
CA ILE E 40 9.35 21.24 -21.30
C ILE E 40 10.71 20.56 -21.25
N VAL E 41 10.76 19.29 -21.63
CA VAL E 41 12.04 18.62 -21.71
C VAL E 41 12.84 19.18 -22.89
N ASP E 42 12.17 19.41 -24.02
CA ASP E 42 12.80 20.05 -25.19
C ASP E 42 13.40 21.40 -24.84
N ALA E 43 12.70 22.18 -24.02
CA ALA E 43 13.20 23.47 -23.56
C ALA E 43 14.35 23.32 -22.54
N ILE E 44 14.20 22.54 -21.47
CA ILE E 44 15.30 22.36 -20.48
C ILE E 44 16.61 22.08 -21.19
N CYS E 45 16.54 21.34 -22.30
CA CYS E 45 17.70 20.97 -23.12
C CYS E 45 18.22 22.12 -23.99
N ALA E 46 17.30 22.81 -24.67
CA ALA E 46 17.66 23.99 -25.48
C ALA E 46 18.38 24.98 -24.59
N ALA E 47 17.88 25.13 -23.38
CA ALA E 47 18.44 26.01 -22.37
C ALA E 47 19.80 25.55 -21.90
N VAL E 48 19.98 24.27 -21.66
CA VAL E 48 21.30 23.81 -21.30
C VAL E 48 22.22 24.09 -22.46
N ALA E 49 21.86 23.62 -23.65
CA ALA E 49 22.73 23.74 -24.82
C ALA E 49 23.15 25.17 -25.11
N GLY E 50 22.21 26.10 -25.00
CA GLY E 50 22.54 27.49 -25.24
C GLY E 50 23.34 28.14 -24.14
N ALA E 51 23.45 27.45 -23.01
CA ALA E 51 24.12 27.99 -21.84
C ALA E 51 25.49 27.38 -21.58
N SER E 52 25.77 26.19 -22.12
CA SER E 52 27.11 25.56 -22.01
C SER E 52 28.03 25.95 -23.17
N GLU E 53 27.55 26.93 -23.94
CA GLU E 53 28.28 27.61 -24.99
C GLU E 53 29.63 28.13 -24.53
N GLY E 54 30.69 27.51 -25.03
CA GLY E 54 32.04 27.91 -24.70
C GLY E 54 32.35 27.76 -23.23
N HIS E 55 31.76 26.75 -22.60
CA HIS E 55 32.04 26.43 -21.21
C HIS E 55 32.21 24.92 -21.05
N ASP E 56 32.96 24.54 -20.04
CA ASP E 56 33.31 23.14 -19.82
C ASP E 56 32.45 22.52 -18.73
N VAL E 57 31.19 22.26 -19.06
CA VAL E 57 30.17 21.92 -18.08
C VAL E 57 30.20 20.46 -17.70
N GLU E 58 30.24 20.18 -16.38
CA GLU E 58 30.37 18.80 -15.90
C GLU E 58 29.08 18.05 -15.51
N ALA E 59 27.98 18.79 -15.32
CA ALA E 59 26.73 18.21 -14.79
C ALA E 59 25.63 19.26 -14.70
N VAL E 60 24.40 18.86 -15.01
CA VAL E 60 23.21 19.75 -14.96
C VAL E 60 22.43 19.45 -13.68
N GLY E 61 21.73 20.43 -13.14
CA GLY E 61 20.80 20.15 -12.03
C GLY E 61 19.54 20.97 -12.16
N ILE E 62 18.38 20.34 -12.03
CA ILE E 62 17.11 20.98 -12.38
C ILE E 62 16.20 21.20 -11.19
N GLY E 63 15.73 22.42 -11.02
CA GLY E 63 14.72 22.76 -10.01
C GLY E 63 13.31 22.64 -10.56
N ALA E 64 12.57 21.65 -10.05
CA ALA E 64 11.17 21.49 -10.47
C ALA E 64 10.22 21.94 -9.38
N ALA E 65 9.10 22.51 -9.86
CA ALA E 65 8.01 22.99 -9.02
C ALA E 65 7.04 21.80 -8.84
N GLY E 66 7.42 20.91 -7.94
CA GLY E 66 6.64 19.72 -7.71
C GLY E 66 7.31 18.85 -6.68
N TYR E 67 6.72 17.70 -6.43
CA TYR E 67 7.24 16.80 -5.44
C TYR E 67 8.34 16.00 -6.12
N VAL E 68 9.47 15.77 -5.47
CA VAL E 68 10.49 14.94 -6.11
C VAL E 68 11.13 13.90 -5.19
N ASP E 69 11.19 12.67 -5.70
CA ASP E 69 11.61 11.44 -4.97
C ASP E 69 13.02 11.47 -4.44
N ASP E 70 13.35 10.56 -3.52
CA ASP E 70 14.63 10.60 -2.81
C ASP E 70 15.81 10.26 -3.68
N LYS E 71 15.55 9.60 -4.81
CA LYS E 71 16.57 9.31 -5.82
C LYS E 71 16.87 10.51 -6.75
N ARG E 72 16.06 11.55 -6.67
CA ARG E 72 16.32 12.79 -7.39
C ARG E 72 16.33 12.59 -8.90
N ALA E 73 15.33 11.83 -9.36
CA ALA E 73 15.21 11.45 -10.76
C ALA E 73 13.80 11.58 -11.36
N THR E 74 12.77 11.65 -10.52
CA THR E 74 11.40 11.73 -11.00
C THR E 74 10.68 12.92 -10.38
N VAL E 75 9.79 13.53 -11.16
CA VAL E 75 8.79 14.42 -10.60
C VAL E 75 7.57 13.53 -10.34
N LEU E 76 7.23 13.36 -9.06
CA LEU E 76 6.15 12.48 -8.65
C LEU E 76 4.82 13.10 -9.02
N PHE E 77 4.72 14.41 -8.83
CA PHE E 77 3.53 15.17 -9.15
C PHE E 77 3.78 16.67 -9.15
N ALA E 78 3.33 17.35 -10.20
CA ALA E 78 3.37 18.81 -10.28
C ALA E 78 1.95 19.36 -10.18
N PRO E 79 1.76 20.40 -9.32
CA PRO E 79 0.43 20.99 -9.24
C PRO E 79 -0.01 21.46 -10.61
N ASN E 80 0.76 22.41 -11.18
CA ASN E 80 0.38 23.17 -12.39
C ASN E 80 0.63 22.37 -13.70
N ILE E 81 1.91 22.04 -13.89
CA ILE E 81 2.38 21.27 -15.06
C ILE E 81 1.66 19.89 -15.12
N ASP E 82 1.99 19.06 -16.09
CA ASP E 82 1.39 17.74 -16.14
C ASP E 82 2.45 16.67 -15.96
N TRP E 83 2.87 16.50 -14.69
CA TRP E 83 3.87 15.48 -14.34
C TRP E 83 3.35 14.36 -13.40
N ARG E 84 3.24 13.12 -13.91
CA ARG E 84 2.87 11.95 -13.09
C ARG E 84 3.11 10.56 -13.75
N HIS E 85 4.27 9.95 -13.51
CA HIS E 85 5.43 10.60 -12.93
C HIS E 85 6.18 11.02 -14.17
N GLU E 86 7.42 11.51 -14.03
CA GLU E 86 8.24 11.68 -15.22
C GLU E 86 9.73 11.51 -14.91
N PRO E 87 10.39 10.53 -15.58
CA PRO E 87 11.83 10.30 -15.54
C PRO E 87 12.60 11.45 -16.19
N LEU E 88 12.59 12.59 -15.51
CA LEU E 88 13.18 13.81 -16.05
C LEU E 88 14.68 13.64 -16.10
N LYS E 89 15.25 13.07 -15.04
CA LYS E 89 16.68 12.82 -14.99
C LYS E 89 17.08 11.97 -16.20
N ASP E 90 16.36 10.88 -16.43
CA ASP E 90 16.70 9.99 -17.53
C ASP E 90 16.42 10.67 -18.87
N LYS E 91 15.21 11.19 -19.06
CA LYS E 91 14.88 11.83 -20.34
C LYS E 91 15.89 12.91 -20.77
N VAL E 92 16.51 13.58 -19.79
CA VAL E 92 17.48 14.67 -20.02
C VAL E 92 18.92 14.19 -20.24
N GLU E 93 19.43 13.35 -19.34
CA GLU E 93 20.80 12.81 -19.46
C GLU E 93 21.07 12.25 -20.86
N GLN E 94 20.07 11.60 -21.44
CA GLN E 94 20.18 10.94 -22.74
C GLN E 94 20.25 11.91 -23.91
N ARG E 95 20.06 13.20 -23.65
CA ARG E 95 20.07 14.24 -24.68
C ARG E 95 21.18 15.27 -24.55
N VAL E 96 21.61 15.57 -23.31
CA VAL E 96 22.75 16.45 -23.04
C VAL E 96 24.02 15.73 -22.57
N GLY E 97 24.04 14.40 -22.65
CA GLY E 97 25.25 13.62 -22.40
C GLY E 97 26.02 13.95 -21.14
N LEU E 98 25.37 14.62 -20.19
CA LEU E 98 25.96 14.94 -18.89
C LEU E 98 25.05 14.38 -17.79
N PRO E 99 25.61 14.10 -16.58
CA PRO E 99 24.75 13.54 -15.52
C PRO E 99 23.85 14.62 -14.91
N VAL E 100 22.63 14.24 -14.53
CA VAL E 100 21.60 15.19 -14.08
C VAL E 100 21.09 14.82 -12.67
N VAL E 101 20.77 15.84 -11.86
CA VAL E 101 19.90 15.67 -10.70
C VAL E 101 18.66 16.53 -10.89
N VAL E 102 17.54 16.04 -10.39
CA VAL E 102 16.31 16.82 -10.35
C VAL E 102 16.07 17.08 -8.87
N GLU E 103 15.83 18.33 -8.51
CA GLU E 103 15.57 18.70 -7.13
C GLU E 103 14.28 19.54 -7.07
N ASN E 104 13.54 19.45 -5.95
CA ASN E 104 12.37 20.31 -5.73
C ASN E 104 12.76 21.79 -5.66
N ASP E 105 11.99 22.63 -6.35
CA ASP E 105 12.34 24.05 -6.48
C ASP E 105 12.68 24.70 -5.14
N ALA E 106 11.81 24.51 -4.15
CA ALA E 106 12.01 25.08 -2.82
C ALA E 106 13.28 24.54 -2.16
N ASN E 107 13.60 23.27 -2.41
CA ASN E 107 14.85 22.68 -1.92
C ASN E 107 16.07 23.28 -2.62
N ALA E 108 15.98 23.55 -3.93
CA ALA E 108 17.09 24.18 -4.70
C ALA E 108 17.46 25.51 -4.07
N ALA E 109 16.45 26.36 -3.90
CA ALA E 109 16.62 27.68 -3.34
C ALA E 109 17.16 27.57 -1.93
N ALA E 110 16.56 26.69 -1.14
CA ALA E 110 16.98 26.50 0.26
C ALA E 110 18.45 26.18 0.37
N TRP E 111 18.93 25.25 -0.44
CA TRP E 111 20.34 24.93 -0.48
C TRP E 111 21.13 26.12 -0.98
N GLY E 112 20.60 26.78 -2.00
CA GLY E 112 21.28 27.95 -2.58
C GLY E 112 21.64 28.98 -1.55
N GLU E 113 20.62 29.46 -0.84
CA GLU E 113 20.80 30.48 0.21
C GLU E 113 21.60 29.90 1.36
N TYR E 114 21.54 28.58 1.57
CA TYR E 114 22.35 27.96 2.60
C TYR E 114 23.82 28.03 2.25
N ARG E 115 24.20 27.78 0.99
CA ARG E 115 25.63 27.75 0.71
C ARG E 115 26.30 29.08 0.33
N PHE E 116 25.56 29.96 -0.34
CA PHE E 116 26.11 31.23 -0.82
C PHE E 116 25.39 32.48 -0.28
N GLY E 117 24.17 32.27 0.22
CA GLY E 117 23.38 33.36 0.76
C GLY E 117 23.50 33.43 2.27
N ALA E 118 22.42 33.85 2.89
CA ALA E 118 22.36 34.11 4.32
C ALA E 118 22.85 32.95 5.20
N GLY E 119 22.73 31.73 4.72
CA GLY E 119 23.04 30.57 5.54
C GLY E 119 24.49 30.36 5.97
N GLN E 120 25.42 31.13 5.42
CA GLN E 120 26.84 30.91 5.68
C GLN E 120 27.14 31.08 7.16
N GLY E 121 28.09 30.31 7.67
CA GLY E 121 28.41 30.27 9.11
C GLY E 121 27.36 29.59 9.99
N HIS E 122 26.53 28.76 9.37
CA HIS E 122 25.52 28.03 10.09
C HIS E 122 25.54 26.55 9.69
N ASP E 123 24.95 25.73 10.56
CA ASP E 123 24.81 24.29 10.36
C ASP E 123 23.34 23.86 10.21
N ASP E 124 22.48 24.41 11.07
CA ASP E 124 21.04 24.11 11.06
C ASP E 124 20.31 25.37 10.62
N VAL E 125 19.82 25.34 9.40
CA VAL E 125 19.05 26.44 8.85
C VAL E 125 17.79 25.87 8.25
N ILE E 126 16.66 26.54 8.46
CA ILE E 126 15.42 26.21 7.75
C ILE E 126 15.07 27.42 6.95
N CYS E 127 14.80 27.22 5.67
CA CYS E 127 14.42 28.31 4.79
C CYS E 127 12.96 28.30 4.41
N ILE E 128 12.45 29.50 4.14
CA ILE E 128 11.07 29.71 3.77
C ILE E 128 11.13 30.71 2.64
N THR E 129 10.40 30.48 1.57
CA THR E 129 10.20 31.53 0.56
C THR E 129 8.72 31.88 0.59
N LEU E 130 8.38 33.14 0.84
CA LEU E 130 7.00 33.58 0.86
C LEU E 130 6.55 34.08 -0.53
N GLY E 131 6.06 33.16 -1.35
CA GLY E 131 5.72 33.45 -2.76
C GLY E 131 4.26 33.72 -3.09
N THR E 132 3.76 33.09 -4.15
CA THR E 132 2.33 33.03 -4.31
C THR E 132 1.96 32.08 -3.18
N GLY E 133 2.81 31.05 -3.01
CA GLY E 133 2.67 30.06 -1.94
C GLY E 133 3.68 30.25 -0.83
N LEU E 134 3.87 29.22 -0.03
CA LEU E 134 4.98 29.18 0.91
C LEU E 134 5.62 27.81 0.73
N GLY E 135 6.95 27.79 0.69
CA GLY E 135 7.70 26.55 0.56
C GLY E 135 9.06 26.73 1.18
N GLY E 136 9.86 25.67 1.22
CA GLY E 136 11.19 25.78 1.80
C GLY E 136 12.06 24.54 1.67
N GLY E 137 13.18 24.55 2.40
CA GLY E 137 14.07 23.39 2.54
C GLY E 137 14.59 23.32 3.96
N ILE E 138 14.89 22.12 4.42
CA ILE E 138 15.52 21.92 5.72
C ILE E 138 16.98 21.66 5.45
N ILE E 139 17.90 22.37 6.11
CA ILE E 139 19.31 21.96 6.12
C ILE E 139 19.70 21.60 7.52
N ILE E 140 20.13 20.36 7.74
CA ILE E 140 20.62 19.92 9.07
C ILE E 140 21.97 19.18 8.95
N GLY E 141 22.93 19.61 9.76
CA GLY E 141 24.28 19.06 9.66
C GLY E 141 24.83 19.29 8.26
N ASN E 142 24.70 20.52 7.78
CA ASN E 142 25.29 20.96 6.50
C ASN E 142 24.87 20.15 5.29
N LYS E 143 23.64 19.62 5.33
CA LYS E 143 23.19 18.64 4.35
C LYS E 143 21.70 18.83 4.12
N LEU E 144 21.29 19.05 2.87
CA LEU E 144 19.88 19.26 2.56
C LEU E 144 19.19 17.97 2.90
N ARG E 145 18.04 18.08 3.54
CA ARG E 145 17.29 16.92 3.98
C ARG E 145 15.98 16.84 3.24
N ARG E 146 15.86 15.80 2.38
CA ARG E 146 14.63 15.52 1.60
C ARG E 146 13.67 14.50 2.28
N GLY E 147 14.05 13.96 3.43
CA GLY E 147 13.29 12.90 4.05
C GLY E 147 13.48 11.61 3.29
N ARG E 148 12.83 10.56 3.77
CA ARG E 148 13.05 9.22 3.21
C ARG E 148 12.57 9.10 1.77
N PHE E 149 11.41 9.69 1.47
CA PHE E 149 10.76 9.48 0.19
C PHE E 149 10.93 10.65 -0.74
N GLY E 150 11.65 11.66 -0.26
CA GLY E 150 12.18 12.73 -1.10
C GLY E 150 11.38 14.02 -1.06
N VAL E 151 10.29 14.02 -0.28
CA VAL E 151 9.38 15.12 -0.32
C VAL E 151 9.15 15.68 1.05
N ALA E 152 10.22 15.81 1.82
CA ALA E 152 10.12 16.51 3.11
C ALA E 152 9.91 18.02 2.90
N ALA E 153 9.79 18.77 4.00
CA ALA E 153 9.93 20.21 3.98
C ALA E 153 8.88 20.92 3.12
N GLU E 154 7.68 20.35 3.03
CA GLU E 154 6.56 20.94 2.27
C GLU E 154 5.81 21.87 3.21
N PHE E 155 6.49 22.92 3.65
CA PHE E 155 6.01 23.75 4.77
C PHE E 155 4.66 24.36 4.45
N GLY E 156 4.49 24.70 3.18
CA GLY E 156 3.26 25.25 2.67
C GLY E 156 2.02 24.55 3.16
N HIS E 157 2.09 23.29 3.55
CA HIS E 157 0.88 22.56 3.87
C HIS E 157 0.79 22.01 5.28
N ILE E 158 1.60 22.50 6.22
CA ILE E 158 1.36 22.11 7.62
C ILE E 158 0.00 22.76 7.94
N ARG E 159 -0.95 22.03 8.54
CA ARG E 159 -2.29 22.61 8.83
C ARG E 159 -2.28 23.62 9.97
N VAL E 160 -2.35 24.92 9.66
CA VAL E 160 -2.34 25.94 10.73
C VAL E 160 -3.71 26.33 11.27
N VAL E 161 -4.75 26.43 10.43
CA VAL E 161 -6.11 26.65 10.92
C VAL E 161 -7.08 25.51 10.62
N PRO E 162 -7.40 24.66 11.61
CA PRO E 162 -8.23 23.51 11.27
C PRO E 162 -9.52 23.91 10.57
N ASP E 163 -9.88 23.15 9.55
CA ASP E 163 -11.14 23.33 8.84
C ASP E 163 -11.15 24.63 8.10
N GLY E 164 -9.97 25.00 7.66
CA GLY E 164 -9.77 26.31 7.14
C GLY E 164 -9.95 26.39 5.64
N LEU E 165 -9.41 27.50 5.12
CA LEU E 165 -9.40 27.87 3.72
C LEU E 165 -9.00 26.70 2.81
N LEU E 166 -9.72 26.54 1.69
CA LEU E 166 -9.38 25.49 0.73
C LEU E 166 -8.01 25.80 0.19
N CYS E 167 -7.18 24.76 0.05
CA CYS E 167 -5.80 24.92 -0.47
C CYS E 167 -5.70 24.20 -1.81
N GLY E 168 -4.64 24.50 -2.54
CA GLY E 168 -4.41 23.86 -3.84
C GLY E 168 -4.15 22.39 -3.69
N CYS E 169 -3.52 22.03 -2.58
CA CYS E 169 -3.15 20.67 -2.30
C CYS E 169 -4.36 19.80 -2.11
N GLY E 170 -5.54 20.41 -1.91
CA GLY E 170 -6.80 19.66 -1.77
C GLY E 170 -7.37 19.61 -0.36
N SER E 171 -6.52 19.82 0.65
CA SER E 171 -6.93 19.89 2.06
C SER E 171 -7.37 21.30 2.46
N GLN E 172 -7.88 21.41 3.69
CA GLN E 172 -8.30 22.72 4.26
C GLN E 172 -7.18 23.27 5.19
N GLY E 173 -7.00 24.58 5.20
CA GLY E 173 -6.25 25.24 6.29
C GLY E 173 -4.72 25.15 6.35
N CYS E 174 -4.08 25.09 5.19
CA CYS E 174 -2.62 25.01 5.16
C CYS E 174 -2.01 26.37 5.47
N TRP E 175 -0.76 26.42 5.93
CA TRP E 175 -0.03 27.69 6.18
C TRP E 175 0.09 28.60 4.95
N GLU E 176 0.11 27.98 3.79
CA GLU E 176 0.17 28.66 2.50
C GLU E 176 -1.02 29.56 2.24
N GLN E 177 -2.12 29.36 2.94
CA GLN E 177 -3.32 30.20 2.81
C GLN E 177 -3.42 31.37 3.79
N TYR E 178 -2.46 31.45 4.71
CA TYR E 178 -2.48 32.46 5.73
C TYR E 178 -1.22 33.28 5.75
N ALA E 179 -0.07 32.66 5.46
CA ALA E 179 1.18 33.40 5.38
C ALA E 179 1.79 33.22 4.00
N SER E 180 1.35 34.06 3.06
CA SER E 180 1.79 33.98 1.68
C SER E 180 1.36 35.22 0.97
N GLY E 181 1.85 35.40 -0.28
CA GLY E 181 1.50 36.54 -1.14
C GLY E 181 0.03 36.54 -1.45
N ARG E 182 -0.52 35.35 -1.71
CA ARG E 182 -1.95 35.19 -1.90
C ARG E 182 -2.70 35.69 -0.65
N ALA E 183 -2.29 35.16 0.51
CA ALA E 183 -2.80 35.56 1.85
C ALA E 183 -2.86 37.08 2.06
N LEU E 184 -1.83 37.76 1.60
CA LEU E 184 -1.72 39.19 1.74
C LEU E 184 -2.87 39.85 0.96
N VAL E 185 -3.02 39.48 -0.30
CA VAL E 185 -4.03 40.12 -1.15
C VAL E 185 -5.42 39.99 -0.53
N ARG E 186 -5.65 38.87 0.16
CA ARG E 186 -6.89 38.68 0.87
C ARG E 186 -7.01 39.67 2.02
N TYR E 187 -5.98 39.72 2.89
CA TYR E 187 -6.03 40.59 4.08
C TYR E 187 -6.21 42.07 3.69
N ALA E 188 -5.68 42.45 2.54
CA ALA E 188 -5.82 43.81 2.00
C ALA E 188 -7.23 44.06 1.49
N LYS E 189 -7.68 43.21 0.59
CA LYS E 189 -9.03 43.30 0.07
C LYS E 189 -10.07 43.21 1.20
N GLN E 190 -9.77 42.48 2.27
CA GLN E 190 -10.68 42.39 3.42
C GLN E 190 -10.68 43.65 4.28
N ARG E 191 -9.52 44.25 4.44
CA ARG E 191 -9.43 45.43 5.27
C ARG E 191 -9.84 46.67 4.50
N ALA E 192 -9.53 46.70 3.21
CA ALA E 192 -9.86 47.85 2.37
C ALA E 192 -11.35 48.01 2.27
N ASN E 193 -12.05 46.93 2.00
CA ASN E 193 -13.50 47.01 1.92
C ASN E 193 -14.12 47.51 3.24
N ALA E 194 -13.65 46.99 4.36
CA ALA E 194 -14.21 47.33 5.68
C ALA E 194 -13.95 48.77 6.12
N THR E 195 -12.87 49.35 5.61
CA THR E 195 -12.48 50.72 5.97
C THR E 195 -11.85 51.44 4.76
N PRO E 196 -12.66 51.76 3.70
CA PRO E 196 -12.13 52.26 2.43
C PRO E 196 -11.44 53.60 2.58
N GLU E 197 -11.88 54.37 3.58
CA GLU E 197 -11.27 55.65 3.95
C GLU E 197 -9.76 55.56 4.35
N ASN E 198 -9.34 54.45 4.95
CA ASN E 198 -7.94 54.26 5.39
C ASN E 198 -7.03 53.61 4.32
N ALA E 199 -7.57 53.35 3.14
CA ALA E 199 -6.77 52.82 2.04
C ALA E 199 -6.93 53.68 0.81
N ALA E 200 -6.95 55.00 1.00
CA ALA E 200 -6.99 55.94 -0.14
C ALA E 200 -5.79 55.70 -1.08
N VAL E 201 -4.59 55.79 -0.50
CA VAL E 201 -3.36 55.68 -1.26
C VAL E 201 -3.22 54.31 -1.93
N LEU E 202 -3.74 53.27 -1.28
CA LEU E 202 -3.62 51.89 -1.78
C LEU E 202 -4.53 51.60 -2.98
N LEU E 203 -5.73 52.18 -2.95
CA LEU E 203 -6.69 52.03 -4.06
C LEU E 203 -6.20 52.87 -5.25
N GLY E 204 -5.67 54.05 -4.95
CA GLY E 204 -5.20 54.95 -5.99
C GLY E 204 -4.07 54.39 -6.83
N LEU E 205 -3.48 53.30 -6.40
CA LEU E 205 -2.42 52.64 -7.16
C LEU E 205 -2.92 51.62 -8.18
N GLY E 206 -4.08 51.01 -7.94
CA GLY E 206 -4.71 50.09 -8.91
C GLY E 206 -5.68 50.89 -9.78
N ASP E 207 -6.91 50.39 -9.94
CA ASP E 207 -7.95 51.12 -10.69
C ASP E 207 -9.05 51.67 -9.77
N GLY E 208 -8.65 52.12 -8.58
CA GLY E 208 -9.58 52.73 -7.62
C GLY E 208 -10.66 51.80 -7.12
N SER E 209 -10.48 50.49 -7.33
CA SER E 209 -11.48 49.49 -6.95
C SER E 209 -10.88 48.43 -6.03
N VAL E 210 -11.74 47.87 -5.18
CA VAL E 210 -11.32 46.96 -4.12
C VAL E 210 -10.79 45.64 -4.66
N ASP E 211 -11.00 45.37 -5.95
CA ASP E 211 -10.58 44.09 -6.58
C ASP E 211 -9.27 44.22 -7.35
N GLY E 212 -9.12 45.36 -8.05
CA GLY E 212 -7.91 45.65 -8.84
C GLY E 212 -6.60 45.57 -8.08
N ILE E 213 -6.69 45.45 -6.75
CA ILE E 213 -5.54 45.25 -5.88
C ILE E 213 -4.81 43.93 -6.19
N GLU E 214 -3.50 44.02 -6.47
CA GLU E 214 -2.59 42.86 -6.56
C GLU E 214 -1.42 43.11 -5.62
N GLY E 215 -0.55 42.11 -5.49
CA GLY E 215 0.59 42.20 -4.57
C GLY E 215 1.35 43.51 -4.55
N LYS E 216 2.14 43.73 -5.60
CA LYS E 216 3.01 44.92 -5.73
C LYS E 216 2.36 46.21 -5.29
N HIS E 217 1.06 46.32 -5.48
CA HIS E 217 0.32 47.49 -5.03
C HIS E 217 0.50 47.71 -3.53
N ILE E 218 0.39 46.63 -2.75
CA ILE E 218 0.47 46.71 -1.28
C ILE E 218 1.87 47.10 -0.79
N SER E 219 2.89 46.36 -1.23
CA SER E 219 4.25 46.67 -0.83
C SER E 219 4.52 48.16 -1.04
N GLU E 220 4.18 48.68 -2.20
CA GLU E 220 4.37 50.11 -2.48
C GLU E 220 3.55 50.99 -1.52
N ALA E 221 2.27 50.71 -1.40
CA ALA E 221 1.39 51.50 -0.55
C ALA E 221 1.87 51.61 0.89
N ALA E 222 2.49 50.54 1.40
CA ALA E 222 2.91 50.50 2.81
C ALA E 222 4.17 51.29 3.06
N ARG E 223 5.10 51.26 2.12
CA ARG E 223 6.26 52.14 2.26
C ARG E 223 5.83 53.62 2.27
N GLN E 224 4.57 53.91 1.90
CA GLN E 224 4.00 55.26 1.98
C GLN E 224 3.15 55.43 3.24
N GLY E 225 3.37 54.57 4.24
CA GLY E 225 2.73 54.71 5.55
C GLY E 225 1.23 54.38 5.63
N ASP E 226 0.61 54.09 4.48
CA ASP E 226 -0.85 53.83 4.35
C ASP E 226 -1.37 52.82 5.40
N PRO E 227 -2.30 53.23 6.27
CA PRO E 227 -2.72 52.40 7.38
C PRO E 227 -3.09 50.97 7.00
N VAL E 228 -3.84 50.81 5.90
CA VAL E 228 -4.35 49.48 5.49
C VAL E 228 -3.27 48.55 4.90
N ALA E 229 -2.49 49.07 3.95
CA ALA E 229 -1.30 48.36 3.45
C ALA E 229 -0.43 47.84 4.60
N VAL E 230 -0.18 48.65 5.61
CA VAL E 230 0.60 48.21 6.77
C VAL E 230 -0.13 47.11 7.50
N ASP E 231 -1.31 47.39 8.04
CA ASP E 231 -2.01 46.39 8.83
C ASP E 231 -2.09 45.03 8.16
N SER E 232 -2.13 45.00 6.83
CA SER E 232 -2.11 43.74 6.09
C SER E 232 -0.86 42.94 6.38
N PHE E 233 0.28 43.61 6.26
CA PHE E 233 1.56 42.98 6.54
C PHE E 233 1.65 42.49 7.99
N ARG E 234 1.08 43.23 8.95
CA ARG E 234 1.10 42.79 10.36
C ARG E 234 0.24 41.57 10.62
N GLU E 235 -0.77 41.40 9.76
CA GLU E 235 -1.57 40.20 9.79
C GLU E 235 -0.81 39.07 9.14
N LEU E 236 0.10 39.38 8.21
CA LEU E 236 0.95 38.34 7.59
C LEU E 236 1.94 37.81 8.63
N ALA E 237 2.54 38.76 9.33
CA ALA E 237 3.41 38.50 10.46
C ALA E 237 2.74 37.58 11.42
N ARG E 238 1.55 37.94 11.87
CA ARG E 238 0.86 37.01 12.74
C ARG E 238 0.92 35.53 12.30
N TRP E 239 0.84 35.23 11.01
CA TRP E 239 0.92 33.80 10.55
C TRP E 239 2.35 33.40 10.19
N ALA E 240 2.97 34.13 9.27
CA ALA E 240 4.39 33.95 9.00
C ALA E 240 5.18 33.70 10.29
N GLY E 241 4.89 34.47 11.34
CA GLY E 241 5.67 34.41 12.57
C GLY E 241 5.32 33.22 13.43
N ALA E 242 4.03 33.13 13.78
CA ALA E 242 3.52 32.01 14.51
C ALA E 242 4.13 30.74 13.97
N GLY E 243 4.06 30.54 12.64
CA GLY E 243 4.47 29.28 12.01
C GLY E 243 5.96 28.97 12.08
N LEU E 244 6.77 30.01 12.09
CA LEU E 244 8.16 29.81 12.36
C LEU E 244 8.28 29.33 13.79
N ALA E 245 7.70 30.07 14.72
CA ALA E 245 7.75 29.70 16.13
C ALA E 245 7.54 28.19 16.30
N ASP E 246 6.66 27.61 15.47
CA ASP E 246 6.34 26.19 15.53
C ASP E 246 7.47 25.33 14.92
N LEU E 247 8.02 25.79 13.79
CA LEU E 247 9.19 25.17 13.17
C LEU E 247 10.38 25.24 14.11
N ALA E 248 10.37 26.25 14.98
CA ALA E 248 11.35 26.38 16.04
C ALA E 248 11.21 25.19 16.97
N SER E 249 9.98 24.89 17.34
CA SER E 249 9.77 23.82 18.29
C SER E 249 10.15 22.45 17.69
N LEU E 250 9.92 22.24 16.40
CA LEU E 250 10.32 20.96 15.78
C LEU E 250 11.84 20.88 15.53
N PHE E 251 12.32 21.68 14.56
CA PHE E 251 13.72 21.69 14.09
C PHE E 251 14.76 22.49 14.93
N ASP E 252 14.29 23.39 15.79
CA ASP E 252 15.15 24.30 16.55
C ASP E 252 16.42 24.71 15.79
N PRO E 253 16.28 25.42 14.69
CA PRO E 253 17.47 25.75 13.91
C PRO E 253 18.34 26.85 14.54
N SER E 254 19.50 27.13 13.94
CA SER E 254 20.34 28.27 14.34
C SER E 254 19.66 29.51 13.84
N ALA E 255 19.19 29.46 12.61
CA ALA E 255 18.51 30.61 12.04
C ALA E 255 17.56 30.24 10.95
N PHE E 256 16.57 31.10 10.75
CA PHE E 256 15.64 30.99 9.66
C PHE E 256 16.04 31.96 8.56
N ILE E 257 15.89 31.55 7.31
CA ILE E 257 16.06 32.50 6.21
C ILE E 257 14.73 32.73 5.55
N VAL E 258 14.33 33.99 5.42
CA VAL E 258 13.03 34.34 4.86
C VAL E 258 13.18 35.01 3.50
N GLY E 259 12.74 34.32 2.45
CA GLY E 259 13.06 34.72 1.07
C GLY E 259 11.88 35.16 0.22
N GLY E 260 11.55 34.35 -0.79
CA GLY E 260 10.43 34.61 -1.70
C GLY E 260 10.53 35.99 -2.33
N GLY E 261 9.42 36.44 -2.91
CA GLY E 261 9.33 37.78 -3.49
C GLY E 261 8.52 38.75 -2.66
N VAL E 262 7.78 38.25 -1.69
CA VAL E 262 7.10 39.10 -0.74
C VAL E 262 8.12 39.80 0.16
N SER E 263 9.10 39.02 0.60
CA SER E 263 10.18 39.52 1.44
C SER E 263 11.06 40.56 0.74
N ASP E 264 11.04 40.60 -0.59
CA ASP E 264 11.71 41.67 -1.40
C ASP E 264 11.58 43.08 -0.83
N GLU E 265 10.41 43.41 -0.32
CA GLU E 265 10.16 44.74 0.18
C GLU E 265 11.00 45.01 1.44
N GLY E 266 11.62 43.96 1.98
CA GLY E 266 12.72 44.15 2.92
C GLY E 266 12.26 44.22 4.34
N GLU E 267 12.78 45.16 5.11
CA GLU E 267 12.51 45.18 6.52
C GLU E 267 11.09 45.62 6.88
N LEU E 268 10.41 46.33 5.98
CA LEU E 268 8.96 46.57 6.14
C LEU E 268 8.16 45.29 6.44
N VAL E 269 8.62 44.18 5.89
CA VAL E 269 7.96 42.90 6.04
C VAL E 269 8.67 42.01 7.06
N LEU E 270 10.00 41.96 6.96
CA LEU E 270 10.80 41.08 7.83
C LEU E 270 10.76 41.49 9.29
N ASP E 271 10.64 42.77 9.58
CA ASP E 271 10.67 43.17 10.97
C ASP E 271 9.41 42.75 11.73
N PRO E 272 8.20 42.94 11.16
CA PRO E 272 7.00 42.46 11.85
C PRO E 272 7.05 40.97 12.06
N ILE E 273 7.39 40.24 10.98
CA ILE E 273 7.61 38.80 11.06
C ILE E 273 8.47 38.48 12.26
N ARG E 274 9.62 39.11 12.33
CA ARG E 274 10.59 38.93 13.43
C ARG E 274 10.00 39.13 14.81
N LYS E 275 9.19 40.18 14.99
CA LYS E 275 8.51 40.37 16.25
C LYS E 275 7.43 39.28 16.47
N SER E 276 6.72 38.94 15.40
CA SER E 276 5.67 37.93 15.47
C SER E 276 6.29 36.63 15.91
N PHE E 277 7.47 36.34 15.39
CA PHE E 277 8.19 35.16 15.79
C PHE E 277 8.45 35.23 17.29
N ARG E 278 9.16 36.27 17.70
CA ARG E 278 9.65 36.38 19.05
C ARG E 278 8.50 36.11 19.99
N ARG E 279 7.34 36.66 19.69
CA ARG E 279 6.16 36.62 20.57
C ARG E 279 5.51 35.25 20.70
N TRP E 280 5.40 34.52 19.60
CA TRP E 280 4.79 33.18 19.60
C TRP E 280 5.77 32.11 20.09
N LEU E 281 7.05 32.43 20.16
CA LEU E 281 8.05 31.44 20.60
C LEU E 281 7.84 31.04 22.04
N ILE E 282 7.64 29.75 22.25
CA ILE E 282 7.33 29.21 23.56
C ILE E 282 8.53 29.19 24.52
N GLY E 283 8.25 29.51 25.80
CA GLY E 283 9.27 29.60 26.88
C GLY E 283 9.95 30.96 27.01
N GLY E 284 10.40 31.48 25.86
CA GLY E 284 11.03 32.79 25.75
C GLY E 284 12.43 32.79 26.35
N GLU E 285 12.51 32.86 27.69
CA GLU E 285 13.72 33.29 28.44
C GLU E 285 14.83 32.26 28.65
N TRP E 286 14.45 30.98 28.59
CA TRP E 286 15.36 29.86 28.88
C TRP E 286 16.10 29.50 27.61
N ARG E 287 15.31 29.05 26.63
CA ARG E 287 15.81 28.69 25.33
C ARG E 287 16.24 29.95 24.56
N PRO E 288 17.36 29.85 23.84
CA PRO E 288 17.78 30.97 23.03
C PRO E 288 17.03 30.97 21.72
N HIS E 289 16.94 32.15 21.12
CA HIS E 289 16.09 32.40 20.00
C HIS E 289 16.86 32.09 18.74
N ALA E 290 16.19 31.56 17.74
CA ALA E 290 16.81 31.44 16.44
C ALA E 290 16.91 32.84 15.83
N GLN E 291 17.79 33.03 14.85
CA GLN E 291 17.87 34.30 14.10
C GLN E 291 16.92 34.27 12.94
N VAL E 292 16.29 35.41 12.60
CA VAL E 292 15.56 35.51 11.33
C VAL E 292 16.32 36.41 10.35
N LEU E 293 17.07 35.81 9.42
CA LEU E 293 17.93 36.57 8.49
C LEU E 293 17.23 36.77 7.14
N ALA E 294 17.62 37.80 6.41
CA ALA E 294 17.01 38.09 5.13
C ALA E 294 17.81 37.38 4.09
N ALA E 295 17.12 36.80 3.11
CA ALA E 295 17.75 36.03 2.06
C ALA E 295 18.63 36.94 1.25
N GLN E 296 19.68 36.39 0.66
CA GLN E 296 20.67 37.19 -0.07
C GLN E 296 20.60 37.00 -1.58
N LEU E 297 20.49 35.76 -2.03
CA LEU E 297 20.58 35.47 -3.46
C LEU E 297 19.37 35.89 -4.32
N GLY E 298 18.36 36.53 -3.74
CA GLY E 298 17.22 36.94 -4.56
C GLY E 298 16.68 35.74 -5.28
N GLY E 299 16.09 35.94 -6.47
CA GLY E 299 15.48 34.86 -7.30
C GLY E 299 16.47 33.96 -8.03
N LYS E 300 17.72 34.39 -8.05
CA LYS E 300 18.80 33.56 -8.55
C LYS E 300 19.12 32.37 -7.61
N ALA E 301 18.56 32.36 -6.40
CA ALA E 301 18.66 31.24 -5.42
C ALA E 301 18.46 29.80 -5.95
N GLY E 302 17.30 29.53 -6.54
CA GLY E 302 16.97 28.16 -7.00
C GLY E 302 17.77 27.61 -8.16
N LEU E 303 18.30 28.53 -8.97
CA LEU E 303 19.17 28.23 -10.10
C LEU E 303 20.56 27.88 -9.61
N VAL E 304 21.12 28.75 -8.79
CA VAL E 304 22.42 28.51 -8.19
C VAL E 304 22.38 27.24 -7.38
N GLY E 305 21.44 27.18 -6.43
CA GLY E 305 21.33 26.02 -5.58
C GLY E 305 21.31 24.72 -6.38
N ALA E 306 20.51 24.69 -7.45
CA ALA E 306 20.31 23.44 -8.23
C ALA E 306 21.58 23.04 -8.95
N ALA E 307 22.33 24.02 -9.41
CA ALA E 307 23.62 23.77 -9.99
C ALA E 307 24.47 23.10 -8.94
N ASP E 308 24.62 23.69 -7.76
CA ASP E 308 25.45 23.07 -6.69
C ASP E 308 24.92 21.72 -6.19
N LEU E 309 23.62 21.58 -6.03
CA LEU E 309 23.09 20.28 -5.71
C LEU E 309 23.50 19.21 -6.74
N ALA E 310 23.89 19.62 -7.96
CA ALA E 310 24.37 18.68 -8.98
C ALA E 310 25.78 18.14 -8.69
N ARG E 311 26.44 18.66 -7.66
CA ARG E 311 27.72 18.14 -7.23
C ARG E 311 27.70 17.49 -5.84
N GLN E 312 26.57 17.57 -5.15
CA GLN E 312 26.43 17.31 -3.66
C GLN E 312 26.74 18.56 -2.83
N LEU F 3 0.48 -29.92 -64.22
CA LEU F 3 1.60 -30.89 -64.23
C LEU F 3 2.83 -30.17 -63.73
N THR F 4 3.55 -30.77 -62.78
CA THR F 4 4.64 -30.07 -62.07
C THR F 4 5.66 -31.03 -61.43
N ILE F 5 6.77 -30.51 -60.90
CA ILE F 5 7.80 -31.35 -60.21
C ILE F 5 8.07 -30.96 -58.74
N GLY F 6 7.95 -31.91 -57.82
CA GLY F 6 8.34 -31.69 -56.43
C GLY F 6 9.74 -32.21 -56.16
N VAL F 7 10.45 -31.60 -55.21
CA VAL F 7 11.74 -32.14 -54.77
C VAL F 7 11.96 -32.27 -53.25
N ASP F 8 12.56 -33.39 -52.86
CA ASP F 8 12.74 -33.71 -51.44
C ASP F 8 14.22 -33.95 -51.17
N ILE F 9 14.79 -33.04 -50.37
CA ILE F 9 16.22 -33.01 -50.11
C ILE F 9 16.55 -33.66 -48.75
N GLY F 10 16.95 -34.94 -48.84
CA GLY F 10 17.12 -35.80 -47.67
C GLY F 10 18.55 -36.25 -47.48
N GLY F 11 19.05 -36.17 -46.23
CA GLY F 11 20.46 -36.39 -45.90
C GLY F 11 21.16 -37.52 -46.63
N THR F 12 20.44 -38.62 -46.84
CA THR F 12 20.97 -39.74 -47.64
C THR F 12 20.75 -39.58 -49.18
N LYS F 13 19.55 -39.11 -49.59
CA LYS F 13 19.18 -38.97 -51.03
C LYS F 13 18.22 -37.80 -51.32
N ILE F 14 18.35 -37.24 -52.52
CA ILE F 14 17.43 -36.23 -53.05
C ILE F 14 16.48 -36.92 -54.03
N ALA F 15 15.20 -36.54 -54.04
CA ALA F 15 14.23 -37.22 -54.89
C ALA F 15 13.36 -36.21 -55.56
N ALA F 16 13.27 -36.25 -56.89
CA ALA F 16 12.48 -35.27 -57.61
C ALA F 16 11.52 -35.96 -58.55
N GLY F 17 10.22 -35.89 -58.24
CA GLY F 17 9.20 -36.63 -59.01
C GLY F 17 8.24 -35.72 -59.75
N VAL F 18 7.56 -36.26 -60.77
CA VAL F 18 6.52 -35.53 -61.51
C VAL F 18 5.15 -35.86 -60.90
N VAL F 19 4.38 -34.82 -60.53
CA VAL F 19 3.13 -34.96 -59.76
C VAL F 19 1.95 -34.27 -60.48
N ASP F 20 0.88 -35.01 -60.79
CA ASP F 20 -0.24 -34.46 -61.57
C ASP F 20 -1.16 -33.62 -60.69
N GLU F 21 -2.29 -33.18 -61.25
CA GLU F 21 -3.29 -32.31 -60.56
C GLU F 21 -3.83 -32.84 -59.24
N GLU F 22 -3.96 -34.17 -59.12
CA GLU F 22 -4.52 -34.78 -57.91
C GLU F 22 -3.43 -35.37 -56.99
N GLY F 23 -2.21 -34.88 -57.13
CA GLY F 23 -1.12 -35.28 -56.26
C GLY F 23 -0.50 -36.63 -56.56
N ARG F 24 -0.66 -37.11 -57.80
CA ARG F 24 -0.20 -38.45 -58.17
C ARG F 24 1.22 -38.49 -58.79
N ILE F 25 2.16 -39.24 -58.20
CA ILE F 25 3.52 -39.35 -58.73
C ILE F 25 3.57 -40.21 -59.98
N LEU F 26 3.98 -39.65 -61.11
CA LEU F 26 4.08 -40.39 -62.36
C LEU F 26 5.49 -40.92 -62.64
N SER F 27 6.50 -40.17 -62.21
CA SER F 27 7.92 -40.57 -62.31
C SER F 27 8.69 -40.19 -61.04
N THR F 28 9.83 -40.80 -60.82
CA THR F 28 10.72 -40.49 -59.69
C THR F 28 12.18 -40.64 -60.10
N PHE F 29 12.98 -39.59 -60.00
CA PHE F 29 14.42 -39.75 -60.17
C PHE F 29 15.14 -39.44 -58.84
N LYS F 30 16.32 -40.01 -58.65
CA LYS F 30 17.07 -39.83 -57.42
C LYS F 30 18.58 -39.65 -57.66
N VAL F 31 19.20 -38.81 -56.81
CA VAL F 31 20.65 -38.58 -56.82
C VAL F 31 21.13 -38.54 -55.38
N ALA F 32 22.27 -39.18 -55.09
CA ALA F 32 22.78 -39.22 -53.73
C ALA F 32 23.11 -37.81 -53.34
N THR F 33 22.95 -37.47 -52.06
CA THR F 33 23.10 -36.09 -51.60
C THR F 33 24.57 -35.71 -51.25
N PRO F 34 25.16 -34.76 -52.01
CA PRO F 34 26.60 -34.55 -51.88
C PRO F 34 26.96 -33.77 -50.61
N PRO F 35 28.27 -33.76 -50.23
CA PRO F 35 28.69 -33.12 -48.98
C PRO F 35 28.66 -31.60 -49.02
N THR F 36 28.99 -30.99 -50.16
CA THR F 36 29.03 -29.52 -50.25
C THR F 36 27.64 -28.92 -50.25
N ALA F 37 27.56 -27.67 -49.84
CA ALA F 37 26.37 -26.87 -50.05
C ALA F 37 26.20 -26.54 -51.54
N GLU F 38 27.31 -26.27 -52.20
CA GLU F 38 27.30 -25.81 -53.58
C GLU F 38 27.03 -26.95 -54.57
N GLY F 39 27.06 -28.19 -54.05
CA GLY F 39 26.83 -29.38 -54.87
C GLY F 39 25.38 -29.82 -54.88
N ILE F 40 24.69 -29.57 -53.77
CA ILE F 40 23.25 -29.86 -53.69
C ILE F 40 22.51 -29.11 -54.79
N VAL F 41 22.93 -27.87 -55.02
CA VAL F 41 22.46 -27.06 -56.13
C VAL F 41 22.39 -27.84 -57.44
N ASP F 42 23.45 -28.60 -57.73
CA ASP F 42 23.60 -29.34 -59.00
C ASP F 42 22.77 -30.61 -59.00
N ALA F 43 22.91 -31.38 -57.93
CA ALA F 43 22.22 -32.66 -57.79
C ALA F 43 20.70 -32.49 -57.85
N ILE F 44 20.23 -31.32 -57.41
CA ILE F 44 18.82 -30.92 -57.56
C ILE F 44 18.45 -30.66 -59.02
N CYS F 45 19.38 -30.05 -59.76
CA CYS F 45 19.19 -29.81 -61.20
C CYS F 45 19.26 -31.10 -61.97
N ALA F 46 20.18 -31.96 -61.54
CA ALA F 46 20.28 -33.30 -62.04
C ALA F 46 18.94 -34.05 -61.89
N ALA F 47 18.33 -33.96 -60.71
CA ALA F 47 17.16 -34.78 -60.40
C ALA F 47 15.95 -34.31 -61.16
N VAL F 48 15.81 -33.00 -61.33
CA VAL F 48 14.70 -32.44 -62.10
C VAL F 48 14.84 -32.78 -63.58
N ALA F 49 16.07 -32.75 -64.07
CA ALA F 49 16.34 -33.10 -65.46
C ALA F 49 16.01 -34.57 -65.66
N GLY F 50 16.39 -35.40 -64.70
CA GLY F 50 16.13 -36.83 -64.76
C GLY F 50 14.67 -37.24 -64.72
N ALA F 51 13.87 -36.48 -63.99
CA ALA F 51 12.46 -36.82 -63.82
C ALA F 51 11.57 -36.24 -64.93
N SER F 52 11.98 -35.13 -65.55
CA SER F 52 11.14 -34.40 -66.54
C SER F 52 11.17 -35.02 -67.95
N GLU F 53 11.66 -36.24 -68.02
CA GLU F 53 11.71 -37.07 -69.21
C GLU F 53 10.31 -37.30 -69.78
N GLY F 54 10.07 -36.82 -71.00
CA GLY F 54 8.80 -37.08 -71.70
C GLY F 54 7.63 -36.21 -71.27
N HIS F 55 7.62 -35.79 -70.01
CA HIS F 55 6.55 -34.98 -69.45
C HIS F 55 6.73 -33.46 -69.69
N ASP F 56 5.60 -32.77 -69.79
CA ASP F 56 5.56 -31.31 -69.89
C ASP F 56 5.33 -30.67 -68.53
N VAL F 57 6.45 -30.40 -67.86
CA VAL F 57 6.45 -29.85 -66.51
C VAL F 57 6.35 -28.33 -66.59
N GLU F 58 5.48 -27.74 -65.77
CA GLU F 58 5.29 -26.29 -65.77
C GLU F 58 6.03 -25.62 -64.62
N ALA F 59 6.42 -26.37 -63.60
CA ALA F 59 7.17 -25.77 -62.49
C ALA F 59 7.82 -26.77 -61.54
N VAL F 60 8.65 -26.24 -60.64
CA VAL F 60 9.36 -27.00 -59.60
C VAL F 60 9.16 -26.40 -58.20
N GLY F 61 8.87 -27.26 -57.22
CA GLY F 61 8.81 -26.90 -55.81
C GLY F 61 9.86 -27.69 -55.06
N ILE F 62 10.45 -27.10 -54.04
CA ILE F 62 11.62 -27.72 -53.45
C ILE F 62 11.54 -27.78 -51.96
N GLY F 63 11.73 -28.97 -51.43
CA GLY F 63 11.62 -29.21 -49.99
C GLY F 63 12.91 -28.95 -49.23
N ALA F 64 13.01 -27.75 -48.67
CA ALA F 64 14.22 -27.36 -47.96
C ALA F 64 14.12 -27.66 -46.47
N ALA F 65 15.07 -28.46 -45.98
CA ALA F 65 15.16 -28.81 -44.57
C ALA F 65 15.80 -27.64 -43.77
N GLY F 66 15.06 -26.53 -43.70
CA GLY F 66 15.54 -25.32 -43.00
C GLY F 66 14.54 -24.17 -43.06
N TYR F 67 14.91 -23.04 -42.45
CA TYR F 67 14.00 -21.90 -42.40
C TYR F 67 13.95 -21.28 -43.79
N VAL F 68 12.78 -21.32 -44.41
CA VAL F 68 12.53 -20.65 -45.67
C VAL F 68 11.72 -19.38 -45.36
N ASP F 69 11.88 -18.38 -46.23
CA ASP F 69 11.28 -17.06 -46.02
C ASP F 69 9.89 -16.95 -46.62
N ASP F 70 9.31 -15.75 -46.49
CA ASP F 70 7.97 -15.47 -47.00
C ASP F 70 8.00 -15.40 -48.51
N LYS F 71 9.14 -15.00 -49.06
CA LYS F 71 9.29 -14.88 -50.50
C LYS F 71 9.48 -16.23 -51.19
N ARG F 72 9.48 -17.31 -50.42
CA ARG F 72 9.50 -18.66 -50.97
C ARG F 72 10.65 -18.87 -51.96
N ALA F 73 11.75 -18.16 -51.70
CA ALA F 73 12.88 -18.05 -52.64
C ALA F 73 14.26 -18.24 -52.02
N THR F 74 14.40 -18.05 -50.70
CA THR F 74 15.69 -18.18 -50.02
C THR F 74 15.65 -19.18 -48.90
N VAL F 75 16.77 -19.86 -48.69
CA VAL F 75 16.95 -20.66 -47.50
C VAL F 75 17.82 -19.88 -46.53
N LEU F 76 17.17 -19.31 -45.52
CA LEU F 76 17.80 -18.44 -44.53
C LEU F 76 18.82 -19.12 -43.60
N PHE F 77 18.66 -20.43 -43.38
CA PHE F 77 19.55 -21.19 -42.49
C PHE F 77 19.06 -22.62 -42.51
N ALA F 78 19.94 -23.59 -42.74
CA ALA F 78 19.60 -24.99 -42.54
C ALA F 78 20.48 -25.53 -41.41
N PRO F 79 19.91 -26.37 -40.52
CA PRO F 79 20.73 -26.91 -39.44
C PRO F 79 21.76 -27.97 -39.87
N ASN F 80 21.58 -28.58 -41.05
CA ASN F 80 22.52 -29.57 -41.59
C ASN F 80 23.27 -29.09 -42.84
N ILE F 81 22.50 -28.76 -43.86
CA ILE F 81 23.04 -28.31 -45.14
C ILE F 81 23.72 -26.94 -44.94
N ASP F 82 25.00 -26.78 -45.33
CA ASP F 82 25.68 -25.49 -45.08
C ASP F 82 25.15 -24.34 -46.00
N TRP F 83 24.05 -23.73 -45.54
CA TRP F 83 23.29 -22.72 -46.30
C TRP F 83 22.90 -21.46 -45.50
N ARG F 84 23.39 -20.28 -45.88
CA ARG F 84 22.97 -19.02 -45.25
C ARG F 84 22.46 -18.09 -46.33
N HIS F 85 21.31 -17.47 -46.10
CA HIS F 85 20.69 -16.59 -47.08
C HIS F 85 21.01 -17.06 -48.51
N GLU F 86 20.85 -18.36 -48.74
CA GLU F 86 21.16 -18.98 -50.03
C GLU F 86 20.02 -18.74 -51.00
N PRO F 87 20.30 -18.12 -52.15
CA PRO F 87 19.24 -17.78 -53.08
C PRO F 87 18.75 -18.97 -53.92
N LEU F 88 18.48 -20.10 -53.30
CA LEU F 88 18.20 -21.36 -54.03
C LEU F 88 17.23 -21.23 -55.24
N LYS F 89 16.19 -20.43 -55.12
CA LYS F 89 15.24 -20.27 -56.21
C LYS F 89 15.91 -19.74 -57.48
N ASP F 90 16.62 -18.63 -57.34
CA ASP F 90 17.27 -17.99 -58.48
C ASP F 90 18.28 -18.94 -59.09
N LYS F 91 19.16 -19.49 -58.24
CA LYS F 91 20.21 -20.42 -58.71
C LYS F 91 19.65 -21.56 -59.57
N VAL F 92 18.57 -22.17 -59.10
CA VAL F 92 17.91 -23.26 -59.81
C VAL F 92 17.09 -22.79 -61.00
N GLU F 93 16.30 -21.74 -60.83
CA GLU F 93 15.47 -21.23 -61.94
C GLU F 93 16.28 -21.07 -63.21
N GLN F 94 17.44 -20.43 -63.10
CA GLN F 94 18.28 -20.10 -64.26
C GLN F 94 18.98 -21.31 -64.87
N ARG F 95 19.11 -22.39 -64.11
CA ARG F 95 19.81 -23.57 -64.59
C ARG F 95 18.89 -24.72 -64.96
N VAL F 96 17.58 -24.52 -64.88
CA VAL F 96 16.64 -25.46 -65.47
C VAL F 96 15.76 -24.83 -66.56
N GLY F 97 15.42 -23.54 -66.43
CA GLY F 97 14.55 -22.87 -67.41
C GLY F 97 13.07 -22.93 -67.08
N LEU F 98 12.74 -23.59 -65.96
CA LEU F 98 11.38 -23.58 -65.39
C LEU F 98 11.30 -22.76 -64.09
N PRO F 99 10.16 -22.12 -63.83
CA PRO F 99 10.06 -21.33 -62.61
C PRO F 99 10.04 -22.21 -61.35
N VAL F 100 10.58 -21.67 -60.25
CA VAL F 100 10.80 -22.41 -59.00
C VAL F 100 10.31 -21.66 -57.73
N VAL F 101 9.81 -22.45 -56.78
CA VAL F 101 9.47 -21.96 -55.44
C VAL F 101 10.11 -22.89 -54.40
N VAL F 102 10.56 -22.31 -53.30
CA VAL F 102 11.23 -23.09 -52.26
C VAL F 102 10.46 -23.03 -50.94
N GLU F 103 10.04 -24.19 -50.45
CA GLU F 103 9.22 -24.24 -49.26
C GLU F 103 9.94 -24.91 -48.08
N ASN F 104 9.52 -24.59 -46.85
CA ASN F 104 9.98 -25.36 -45.72
C ASN F 104 9.56 -26.80 -45.97
N ASP F 105 10.35 -27.77 -45.50
CA ASP F 105 10.04 -29.18 -45.73
C ASP F 105 8.84 -29.69 -44.92
N ALA F 106 8.62 -29.09 -43.77
CA ALA F 106 7.49 -29.47 -42.92
C ALA F 106 6.29 -28.93 -43.63
N ASN F 107 6.37 -27.67 -44.05
CA ASN F 107 5.26 -27.04 -44.77
C ASN F 107 4.91 -27.78 -46.09
N ALA F 108 5.91 -28.28 -46.81
CA ALA F 108 5.61 -29.09 -48.00
C ALA F 108 4.74 -30.26 -47.59
N ALA F 109 5.23 -31.07 -46.65
CA ALA F 109 4.50 -32.19 -46.10
C ALA F 109 3.08 -31.82 -45.69
N ALA F 110 2.94 -30.77 -44.89
CA ALA F 110 1.62 -30.36 -44.39
C ALA F 110 0.67 -30.21 -45.57
N TRP F 111 1.06 -29.41 -46.55
CA TRP F 111 0.20 -29.13 -47.65
C TRP F 111 -0.17 -30.40 -48.39
N GLY F 112 0.81 -31.21 -48.75
CA GLY F 112 0.52 -32.50 -49.34
C GLY F 112 -0.56 -33.28 -48.60
N GLU F 113 -0.39 -33.45 -47.28
CA GLU F 113 -1.35 -34.20 -46.48
C GLU F 113 -2.70 -33.51 -46.44
N TYR F 114 -2.69 -32.21 -46.24
CA TYR F 114 -3.92 -31.46 -46.24
C TYR F 114 -4.62 -31.56 -47.60
N ARG F 115 -3.88 -31.50 -48.70
CA ARG F 115 -4.60 -31.43 -49.97
C ARG F 115 -4.96 -32.80 -50.48
N PHE F 116 -4.08 -33.77 -50.30
CA PHE F 116 -4.24 -35.11 -50.94
C PHE F 116 -4.53 -36.29 -50.01
N GLY F 117 -4.18 -36.16 -48.74
CA GLY F 117 -4.33 -37.24 -47.75
C GLY F 117 -5.43 -37.04 -46.70
N ALA F 118 -5.01 -37.13 -45.44
CA ALA F 118 -5.93 -37.15 -44.31
C ALA F 118 -6.59 -35.80 -44.03
N GLY F 119 -6.07 -34.73 -44.64
CA GLY F 119 -6.72 -33.42 -44.54
C GLY F 119 -7.95 -33.26 -45.43
N GLN F 120 -8.17 -34.21 -46.33
CA GLN F 120 -9.32 -34.11 -47.20
C GLN F 120 -10.56 -33.72 -46.40
N GLY F 121 -11.22 -32.65 -46.84
CA GLY F 121 -12.51 -32.26 -46.31
C GLY F 121 -12.42 -31.63 -44.94
N HIS F 122 -11.40 -30.81 -44.75
CA HIS F 122 -11.29 -29.97 -43.56
C HIS F 122 -10.86 -28.56 -44.01
N ASP F 123 -10.94 -27.56 -43.14
CA ASP F 123 -10.47 -26.21 -43.47
C ASP F 123 -9.30 -25.84 -42.58
N ASP F 124 -9.56 -25.74 -41.28
CA ASP F 124 -8.53 -25.43 -40.32
C ASP F 124 -7.93 -26.79 -39.91
N VAL F 125 -6.62 -26.96 -40.11
CA VAL F 125 -5.93 -28.23 -39.88
C VAL F 125 -4.50 -27.98 -39.50
N ILE F 126 -4.01 -28.61 -38.42
CA ILE F 126 -2.61 -28.54 -38.00
C ILE F 126 -1.97 -29.91 -38.19
N CYS F 127 -0.84 -29.97 -38.93
CA CYS F 127 -0.11 -31.22 -39.16
C CYS F 127 1.15 -31.25 -38.35
N ILE F 128 1.38 -32.40 -37.76
CA ILE F 128 2.59 -32.66 -37.02
C ILE F 128 3.21 -33.91 -37.64
N THR F 129 4.50 -33.87 -37.93
CA THR F 129 5.23 -35.06 -38.32
C THR F 129 6.25 -35.38 -37.22
N LEU F 130 6.25 -36.64 -36.77
CA LEU F 130 7.09 -37.09 -35.65
C LEU F 130 8.30 -37.95 -36.08
N GLY F 131 9.45 -37.31 -36.30
CA GLY F 131 10.65 -38.00 -36.80
C GLY F 131 11.77 -38.05 -35.79
N THR F 132 13.00 -37.81 -36.26
CA THR F 132 14.15 -37.53 -35.39
C THR F 132 13.80 -36.37 -34.49
N GLY F 133 13.08 -35.42 -35.10
CA GLY F 133 12.51 -34.29 -34.40
C GLY F 133 11.07 -34.07 -34.80
N LEU F 134 10.44 -33.11 -34.15
CA LEU F 134 9.08 -32.75 -34.44
C LEU F 134 9.09 -31.43 -35.26
N GLY F 135 8.42 -31.46 -36.42
CA GLY F 135 8.23 -30.27 -37.26
C GLY F 135 6.81 -30.31 -37.75
N GLY F 136 6.35 -29.30 -38.49
CA GLY F 136 4.94 -29.25 -38.92
C GLY F 136 4.56 -28.06 -39.77
N GLY F 137 3.27 -27.98 -40.08
CA GLY F 137 2.71 -26.83 -40.83
C GLY F 137 1.28 -26.46 -40.43
N ILE F 138 0.95 -25.19 -40.58
CA ILE F 138 -0.37 -24.66 -40.18
C ILE F 138 -1.22 -24.35 -41.42
N ILE F 139 -2.44 -24.90 -41.50
CA ILE F 139 -3.39 -24.56 -42.56
C ILE F 139 -4.64 -23.95 -41.95
N ILE F 140 -4.98 -22.72 -42.34
CA ILE F 140 -6.17 -21.98 -41.83
C ILE F 140 -6.91 -21.35 -43.03
N GLY F 141 -8.17 -21.75 -43.21
CA GLY F 141 -8.99 -21.28 -44.32
C GLY F 141 -8.49 -21.73 -45.68
N ASN F 142 -8.04 -22.99 -45.77
CA ASN F 142 -7.51 -23.59 -47.02
C ASN F 142 -6.20 -22.96 -47.51
N LYS F 143 -5.48 -22.30 -46.62
CA LYS F 143 -4.20 -21.74 -47.02
C LYS F 143 -3.11 -22.11 -46.02
N LEU F 144 -2.02 -22.71 -46.55
CA LEU F 144 -0.82 -22.83 -45.78
C LEU F 144 -0.46 -21.44 -45.28
N ARG F 145 -0.13 -21.39 -43.98
CA ARG F 145 0.29 -20.18 -43.30
C ARG F 145 1.77 -20.22 -42.94
N ARG F 146 2.53 -19.45 -43.72
CA ARG F 146 3.96 -19.36 -43.57
C ARG F 146 4.35 -18.31 -42.54
N GLY F 147 3.45 -17.38 -42.23
CA GLY F 147 3.76 -16.28 -41.32
C GLY F 147 4.31 -15.07 -42.07
N ARG F 148 4.54 -13.98 -41.35
CA ARG F 148 5.04 -12.76 -41.97
C ARG F 148 6.38 -12.95 -42.57
N PHE F 149 7.26 -13.70 -41.92
CA PHE F 149 8.58 -13.93 -42.48
C PHE F 149 8.81 -15.37 -42.94
N GLY F 150 7.75 -16.17 -43.04
CA GLY F 150 7.87 -17.51 -43.63
C GLY F 150 8.43 -18.57 -42.72
N VAL F 151 8.82 -18.17 -41.51
CA VAL F 151 9.51 -19.04 -40.58
C VAL F 151 8.53 -19.59 -39.58
N ALA F 152 7.26 -19.52 -39.91
CA ALA F 152 6.23 -19.92 -38.99
C ALA F 152 6.05 -21.41 -39.11
N ALA F 153 5.29 -21.94 -38.16
CA ALA F 153 4.99 -23.35 -38.10
C ALA F 153 6.08 -24.15 -37.43
N GLU F 154 7.10 -23.49 -36.85
CA GLU F 154 8.24 -24.23 -36.33
C GLU F 154 7.95 -24.83 -34.93
N PHE F 155 7.02 -25.78 -34.89
CA PHE F 155 6.50 -26.28 -33.63
C PHE F 155 7.54 -26.94 -32.74
N GLY F 156 8.52 -27.55 -33.38
CA GLY F 156 9.48 -28.37 -32.68
C GLY F 156 10.12 -27.64 -31.51
N HIS F 157 10.25 -26.31 -31.63
CA HIS F 157 11.00 -25.50 -30.69
C HIS F 157 10.09 -24.53 -29.88
N ILE F 158 8.85 -24.93 -29.62
CA ILE F 158 8.11 -24.24 -28.58
C ILE F 158 8.69 -24.86 -27.34
N ARG F 159 9.01 -24.05 -26.36
CA ARG F 159 9.61 -24.57 -25.17
C ARG F 159 8.53 -25.29 -24.38
N VAL F 160 8.68 -26.57 -24.15
CA VAL F 160 7.80 -27.29 -23.21
C VAL F 160 8.36 -27.32 -21.78
N VAL F 161 9.69 -27.39 -21.58
CA VAL F 161 10.27 -27.48 -20.22
C VAL F 161 11.34 -26.45 -19.90
N PRO F 162 10.98 -25.36 -19.20
CA PRO F 162 11.93 -24.26 -19.14
C PRO F 162 13.21 -24.68 -18.47
N ASP F 163 14.34 -24.17 -18.96
CA ASP F 163 15.67 -24.56 -18.45
C ASP F 163 15.84 -26.06 -18.56
N GLY F 164 15.42 -26.60 -19.71
CA GLY F 164 15.35 -28.02 -19.93
C GLY F 164 16.47 -28.49 -20.81
N LEU F 165 16.26 -29.67 -21.39
CA LEU F 165 17.19 -30.35 -22.31
C LEU F 165 17.73 -29.49 -23.44
N LEU F 166 19.01 -29.65 -23.79
CA LEU F 166 19.60 -28.94 -24.94
C LEU F 166 19.00 -29.37 -26.28
N CYS F 167 18.67 -28.40 -27.11
CA CYS F 167 18.09 -28.66 -28.40
C CYS F 167 19.13 -28.37 -29.49
N GLY F 168 18.90 -28.93 -30.68
CA GLY F 168 19.74 -28.67 -31.86
C GLY F 168 19.63 -27.29 -32.49
N CYS F 169 18.79 -26.43 -31.92
CA CYS F 169 18.76 -25.01 -32.27
C CYS F 169 19.51 -24.16 -31.25
N GLY F 170 20.04 -24.81 -30.21
CA GLY F 170 20.78 -24.13 -29.13
C GLY F 170 20.00 -23.44 -28.02
N SER F 171 18.67 -23.56 -28.02
CA SER F 171 17.87 -23.20 -26.86
C SER F 171 17.50 -24.46 -26.11
N GLN F 172 17.25 -24.31 -24.83
CA GLN F 172 16.90 -25.44 -23.99
C GLN F 172 15.38 -25.65 -24.01
N GLY F 173 14.94 -26.90 -23.85
CA GLY F 173 13.57 -27.19 -23.51
C GLY F 173 12.63 -27.50 -24.65
N CYS F 174 13.09 -27.36 -25.87
CA CYS F 174 12.22 -27.51 -27.03
C CYS F 174 11.43 -28.83 -27.06
N TRP F 175 10.18 -28.74 -27.50
CA TRP F 175 9.27 -29.89 -27.66
C TRP F 175 9.90 -31.07 -28.44
N GLU F 176 10.53 -30.73 -29.56
CA GLU F 176 11.34 -31.65 -30.33
C GLU F 176 12.17 -32.59 -29.44
N GLN F 177 12.73 -32.10 -28.32
CA GLN F 177 13.54 -32.95 -27.40
C GLN F 177 12.75 -33.92 -26.47
N TYR F 178 11.43 -33.86 -26.53
CA TYR F 178 10.58 -34.60 -25.63
C TYR F 178 9.58 -35.49 -26.32
N ALA F 179 9.20 -35.12 -27.54
CA ALA F 179 8.28 -35.91 -28.39
C ALA F 179 8.84 -35.94 -29.80
N SER F 180 9.54 -37.04 -30.08
CA SER F 180 10.26 -37.28 -31.34
C SER F 180 11.03 -38.58 -31.27
N GLY F 181 11.33 -39.13 -32.43
CA GLY F 181 12.19 -40.30 -32.49
C GLY F 181 13.31 -40.27 -31.49
N ARG F 182 14.04 -39.16 -31.41
CA ARG F 182 15.12 -39.09 -30.43
C ARG F 182 14.58 -39.28 -29.03
N ALA F 183 13.64 -38.43 -28.63
CA ALA F 183 13.01 -38.57 -27.31
C ALA F 183 12.67 -40.05 -27.04
N LEU F 184 11.89 -40.65 -27.94
CA LEU F 184 11.52 -42.07 -27.84
C LEU F 184 12.72 -42.94 -27.46
N VAL F 185 13.82 -42.83 -28.22
CA VAL F 185 15.05 -43.52 -27.87
C VAL F 185 15.47 -43.31 -26.41
N ARG F 186 15.48 -42.05 -25.94
CA ARG F 186 15.96 -41.75 -24.60
C ARG F 186 15.13 -42.44 -23.53
N TYR F 187 13.82 -42.36 -23.73
CA TYR F 187 12.87 -42.93 -22.78
C TYR F 187 13.03 -44.45 -22.72
N ALA F 188 13.22 -45.06 -23.90
CA ALA F 188 13.43 -46.48 -23.96
C ALA F 188 14.66 -46.83 -23.14
N LYS F 189 15.77 -46.20 -23.47
CA LYS F 189 17.04 -46.43 -22.80
C LYS F 189 16.91 -46.27 -21.30
N GLN F 190 16.36 -45.13 -20.86
CA GLN F 190 16.28 -44.84 -19.42
C GLN F 190 15.56 -45.93 -18.64
N ARG F 191 14.46 -46.41 -19.20
CA ARG F 191 13.57 -47.39 -18.53
C ARG F 191 14.08 -48.84 -18.55
N ALA F 192 14.84 -49.16 -19.59
CA ALA F 192 15.51 -50.44 -19.72
C ALA F 192 16.78 -50.44 -18.89
N ASN F 193 17.38 -49.28 -18.66
CA ASN F 193 18.51 -49.20 -17.71
C ASN F 193 18.00 -49.29 -16.27
N ALA F 194 16.75 -48.88 -16.07
CA ALA F 194 16.14 -48.89 -14.75
C ALA F 194 15.59 -50.24 -14.37
N THR F 195 15.08 -51.00 -15.34
CA THR F 195 14.52 -52.34 -15.11
C THR F 195 14.68 -53.29 -16.31
N PRO F 196 15.91 -53.82 -16.54
CA PRO F 196 16.17 -54.55 -17.78
C PRO F 196 15.32 -55.81 -17.96
N GLU F 197 14.78 -56.34 -16.86
CA GLU F 197 13.90 -57.52 -16.84
C GLU F 197 12.62 -57.36 -17.68
N ASN F 198 12.08 -56.16 -17.75
CA ASN F 198 10.91 -55.88 -18.61
C ASN F 198 11.28 -55.49 -20.07
N ALA F 199 12.54 -55.70 -20.44
CA ALA F 199 13.04 -55.33 -21.75
C ALA F 199 13.81 -56.46 -22.40
N ALA F 200 13.60 -57.69 -21.94
CA ALA F 200 14.31 -58.82 -22.54
C ALA F 200 14.05 -58.80 -24.06
N VAL F 201 12.77 -58.78 -24.45
CA VAL F 201 12.39 -58.82 -25.87
C VAL F 201 13.11 -57.77 -26.73
N LEU F 202 13.31 -56.58 -26.16
CA LEU F 202 13.84 -55.40 -26.87
C LEU F 202 15.35 -55.38 -26.99
N LEU F 203 16.03 -55.75 -25.90
CA LEU F 203 17.47 -55.86 -25.92
C LEU F 203 17.90 -57.01 -26.87
N GLY F 204 17.02 -58.00 -27.03
CA GLY F 204 17.22 -59.05 -28.02
C GLY F 204 17.37 -58.45 -29.39
N LEU F 205 16.37 -57.69 -29.81
CA LEU F 205 16.39 -57.07 -31.15
C LEU F 205 17.62 -56.17 -31.40
N GLY F 206 18.21 -55.64 -30.32
CA GLY F 206 19.39 -54.80 -30.43
C GLY F 206 20.65 -55.64 -30.37
N ASP F 207 21.37 -55.56 -29.26
CA ASP F 207 22.53 -56.40 -29.08
C ASP F 207 22.69 -56.81 -27.60
N GLY F 208 21.56 -57.09 -26.95
CA GLY F 208 21.54 -57.39 -25.52
C GLY F 208 21.88 -56.20 -24.60
N SER F 209 22.26 -55.07 -25.20
CA SER F 209 22.95 -53.99 -24.48
C SER F 209 22.25 -52.65 -24.62
N VAL F 210 22.28 -51.88 -23.53
CA VAL F 210 21.40 -50.71 -23.33
C VAL F 210 21.54 -49.63 -24.41
N ASP F 211 22.71 -49.51 -25.02
CA ASP F 211 22.97 -48.48 -26.03
C ASP F 211 22.76 -48.94 -27.45
N GLY F 212 22.59 -50.25 -27.63
CA GLY F 212 22.30 -50.82 -28.93
C GLY F 212 20.84 -50.66 -29.30
N ILE F 213 20.18 -49.73 -28.62
CA ILE F 213 18.78 -49.48 -28.83
C ILE F 213 18.65 -48.40 -29.88
N GLU F 214 17.77 -48.62 -30.85
CA GLU F 214 17.52 -47.68 -31.94
C GLU F 214 16.04 -47.67 -32.20
N GLY F 215 15.60 -46.69 -32.97
CA GLY F 215 14.17 -46.49 -33.23
C GLY F 215 13.42 -47.71 -33.71
N LYS F 216 13.87 -48.28 -34.82
CA LYS F 216 13.24 -49.50 -35.36
C LYS F 216 12.99 -50.57 -34.27
N HIS F 217 14.02 -50.85 -33.47
CA HIS F 217 13.98 -51.90 -32.45
C HIS F 217 12.81 -51.78 -31.49
N ILE F 218 12.44 -50.55 -31.17
CA ILE F 218 11.42 -50.30 -30.17
C ILE F 218 10.03 -50.55 -30.73
N SER F 219 9.76 -50.06 -31.93
CA SER F 219 8.42 -50.25 -32.51
C SER F 219 8.12 -51.74 -32.60
N GLU F 220 9.08 -52.52 -33.11
CA GLU F 220 8.91 -53.97 -33.13
C GLU F 220 8.68 -54.58 -31.71
N ALA F 221 9.44 -54.11 -30.72
CA ALA F 221 9.37 -54.63 -29.33
C ALA F 221 8.02 -54.37 -28.70
N ALA F 222 7.39 -53.27 -29.11
CA ALA F 222 6.08 -52.93 -28.59
C ALA F 222 4.99 -53.82 -29.19
N ARG F 223 5.05 -54.05 -30.50
CA ARG F 223 4.03 -54.86 -31.16
C ARG F 223 4.12 -56.33 -30.74
N GLN F 224 5.20 -56.67 -30.04
CA GLN F 224 5.30 -57.95 -29.31
C GLN F 224 5.06 -57.70 -27.84
N GLY F 225 4.27 -56.69 -27.52
CA GLY F 225 3.92 -56.38 -26.15
C GLY F 225 5.05 -56.21 -25.13
N ASP F 226 6.26 -55.83 -25.55
CA ASP F 226 7.38 -55.65 -24.60
C ASP F 226 7.07 -54.51 -23.63
N PRO F 227 6.86 -54.82 -22.33
CA PRO F 227 6.45 -53.81 -21.36
C PRO F 227 7.17 -52.47 -21.44
N VAL F 228 8.48 -52.47 -21.69
CA VAL F 228 9.22 -51.20 -21.76
C VAL F 228 8.98 -50.43 -23.07
N ALA F 229 8.95 -51.12 -24.21
CA ALA F 229 8.67 -50.45 -25.51
C ALA F 229 7.32 -49.74 -25.50
N VAL F 230 6.32 -50.38 -24.88
CA VAL F 230 4.97 -49.79 -24.72
C VAL F 230 4.99 -48.57 -23.80
N ASP F 231 5.62 -48.72 -22.64
CA ASP F 231 5.71 -47.68 -21.64
C ASP F 231 6.47 -46.48 -22.22
N SER F 232 7.33 -46.73 -23.21
CA SER F 232 8.07 -45.65 -23.89
C SER F 232 7.30 -45.01 -25.06
N PHE F 233 6.21 -45.63 -25.50
CA PHE F 233 5.22 -44.91 -26.31
C PHE F 233 4.16 -44.22 -25.42
N ARG F 234 3.97 -44.68 -24.20
CA ARG F 234 3.18 -43.94 -23.23
C ARG F 234 3.87 -42.61 -22.92
N GLU F 235 5.19 -42.70 -22.74
CA GLU F 235 5.92 -41.52 -22.36
C GLU F 235 5.98 -40.65 -23.59
N LEU F 236 6.01 -41.21 -24.78
CA LEU F 236 5.97 -40.31 -25.94
C LEU F 236 4.61 -39.66 -26.04
N ALA F 237 3.56 -40.43 -25.79
CA ALA F 237 2.19 -39.90 -25.86
C ALA F 237 2.00 -38.76 -24.91
N ARG F 238 2.41 -38.94 -23.64
CA ARG F 238 2.28 -37.88 -22.61
C ARG F 238 2.69 -36.53 -23.24
N TRP F 239 3.95 -36.41 -23.67
CA TRP F 239 4.41 -35.14 -24.22
C TRP F 239 3.75 -34.77 -25.54
N ALA F 240 3.48 -35.77 -26.39
CA ALA F 240 2.95 -35.52 -27.74
C ALA F 240 1.58 -34.90 -27.64
N GLY F 241 0.76 -35.41 -26.75
CA GLY F 241 -0.59 -34.86 -26.57
C GLY F 241 -0.53 -33.48 -25.91
N ALA F 242 0.12 -33.42 -24.75
CA ALA F 242 0.27 -32.18 -23.98
C ALA F 242 0.47 -31.04 -24.94
N GLY F 243 1.41 -31.25 -25.83
CA GLY F 243 1.64 -30.38 -26.96
C GLY F 243 0.44 -30.16 -27.83
N LEU F 244 -0.04 -31.20 -28.50
CA LEU F 244 -1.21 -31.05 -29.35
C LEU F 244 -2.32 -30.28 -28.64
N ALA F 245 -2.41 -30.46 -27.32
CA ALA F 245 -3.39 -29.79 -26.45
C ALA F 245 -3.19 -28.29 -26.38
N ASP F 246 -1.93 -27.87 -26.39
CA ASP F 246 -1.61 -26.45 -26.30
C ASP F 246 -1.80 -25.80 -27.68
N LEU F 247 -1.73 -26.61 -28.74
CA LEU F 247 -1.91 -26.13 -30.11
C LEU F 247 -3.40 -26.05 -30.37
N ALA F 248 -4.13 -26.96 -29.74
CA ALA F 248 -5.55 -26.87 -29.69
C ALA F 248 -5.95 -25.55 -29.08
N SER F 249 -5.21 -25.11 -28.07
CA SER F 249 -5.53 -23.86 -27.38
C SER F 249 -5.22 -22.67 -28.26
N LEU F 250 -4.15 -22.75 -29.05
CA LEU F 250 -3.78 -21.63 -29.90
C LEU F 250 -4.60 -21.59 -31.18
N PHE F 251 -4.60 -22.69 -31.91
CA PHE F 251 -5.18 -22.71 -33.24
C PHE F 251 -6.61 -23.18 -33.30
N ASP F 252 -6.97 -24.06 -32.38
CA ASP F 252 -8.24 -24.78 -32.40
C ASP F 252 -8.63 -25.26 -33.78
N PRO F 253 -7.96 -26.30 -34.28
CA PRO F 253 -8.20 -26.72 -35.64
C PRO F 253 -9.29 -27.73 -35.58
N SER F 254 -9.88 -28.04 -36.74
CA SER F 254 -10.87 -29.12 -36.78
C SER F 254 -10.14 -30.48 -36.65
N ALA F 255 -8.83 -30.51 -36.91
CA ALA F 255 -8.10 -31.77 -36.89
C ALA F 255 -6.58 -31.62 -36.77
N PHE F 256 -5.95 -32.45 -35.96
CA PHE F 256 -4.51 -32.65 -36.09
C PHE F 256 -4.26 -33.89 -36.97
N ILE F 257 -3.26 -33.82 -37.86
CA ILE F 257 -2.87 -35.00 -38.64
C ILE F 257 -1.50 -35.41 -38.22
N VAL F 258 -1.35 -36.51 -37.50
CA VAL F 258 -0.02 -36.90 -36.98
C VAL F 258 0.64 -37.96 -37.90
N GLY F 259 1.81 -37.63 -38.48
CA GLY F 259 2.50 -38.51 -39.44
C GLY F 259 4.01 -38.77 -39.24
N GLY F 260 4.68 -39.30 -40.28
CA GLY F 260 6.14 -39.41 -40.24
C GLY F 260 6.68 -40.61 -39.53
N GLY F 261 8.00 -40.72 -39.50
CA GLY F 261 8.69 -41.93 -39.13
C GLY F 261 8.12 -42.75 -37.99
N VAL F 262 7.73 -42.10 -36.91
CA VAL F 262 7.32 -42.83 -35.71
C VAL F 262 5.88 -43.32 -35.82
N SER F 263 5.05 -42.53 -36.49
CA SER F 263 3.65 -42.88 -36.74
C SER F 263 3.46 -43.99 -37.75
N ASP F 264 4.47 -44.23 -38.60
CA ASP F 264 4.44 -45.37 -39.53
C ASP F 264 3.96 -46.61 -38.80
N GLU F 265 4.17 -46.67 -37.49
CA GLU F 265 3.78 -47.83 -36.72
C GLU F 265 2.27 -47.93 -36.41
N GLY F 266 1.49 -46.87 -36.63
CA GLY F 266 0.02 -46.99 -36.55
C GLY F 266 -0.62 -46.82 -35.18
N GLU F 267 -1.81 -47.36 -35.00
CA GLU F 267 -2.64 -47.03 -33.83
C GLU F 267 -2.01 -47.48 -32.50
N LEU F 268 -0.90 -48.20 -32.58
CA LEU F 268 -0.14 -48.54 -31.40
C LEU F 268 0.49 -47.29 -30.82
N VAL F 269 0.82 -46.34 -31.69
CA VAL F 269 1.39 -45.02 -31.32
C VAL F 269 0.29 -43.94 -31.23
N LEU F 270 -0.56 -43.82 -32.24
CA LEU F 270 -1.62 -42.83 -32.18
C LEU F 270 -2.66 -42.99 -31.08
N ASP F 271 -2.97 -44.19 -30.62
CA ASP F 271 -4.03 -44.25 -29.62
C ASP F 271 -3.56 -43.70 -28.28
N PRO F 272 -2.34 -44.05 -27.85
CA PRO F 272 -1.85 -43.37 -26.69
C PRO F 272 -1.96 -41.87 -26.84
N ILE F 273 -1.46 -41.34 -27.96
CA ILE F 273 -1.46 -39.88 -28.25
C ILE F 273 -2.88 -39.32 -28.24
N ARG F 274 -3.74 -39.91 -29.08
CA ARG F 274 -5.10 -39.45 -29.22
C ARG F 274 -5.76 -39.37 -27.85
N LYS F 275 -5.32 -40.23 -26.93
CA LYS F 275 -5.85 -40.26 -25.57
C LYS F 275 -5.18 -39.23 -24.67
N SER F 276 -3.89 -39.00 -24.87
CA SER F 276 -3.21 -37.98 -24.10
C SER F 276 -3.79 -36.59 -24.44
N PHE F 277 -3.81 -36.25 -25.73
CA PHE F 277 -4.53 -35.05 -26.22
C PHE F 277 -5.85 -34.72 -25.50
N ARG F 278 -6.62 -35.75 -25.20
CA ARG F 278 -7.87 -35.61 -24.47
C ARG F 278 -7.60 -35.33 -23.01
N ARG F 279 -6.64 -36.01 -22.41
CA ARG F 279 -6.35 -35.80 -21.00
C ARG F 279 -5.69 -34.45 -20.70
N TRP F 280 -5.27 -33.73 -21.75
CA TRP F 280 -4.61 -32.43 -21.57
C TRP F 280 -5.34 -31.31 -22.26
N LEU F 281 -6.51 -31.58 -22.83
CA LEU F 281 -7.26 -30.52 -23.50
C LEU F 281 -7.99 -29.70 -22.45
N ILE F 282 -7.85 -28.39 -22.58
CA ILE F 282 -8.37 -27.46 -21.61
C ILE F 282 -9.89 -27.26 -21.85
N GLY F 283 -10.69 -27.43 -20.78
CA GLY F 283 -12.14 -27.23 -20.83
C GLY F 283 -12.92 -28.08 -21.84
N GLY F 284 -12.56 -29.35 -21.93
CA GLY F 284 -13.19 -30.24 -22.88
C GLY F 284 -14.47 -30.90 -22.39
N GLU F 285 -15.42 -30.13 -21.89
CA GLU F 285 -16.83 -30.55 -21.88
C GLU F 285 -17.71 -29.43 -22.42
N TRP F 286 -17.09 -28.29 -22.72
CA TRP F 286 -17.78 -27.16 -23.32
C TRP F 286 -17.34 -27.09 -24.76
N ARG F 287 -16.05 -27.20 -24.99
CA ARG F 287 -15.52 -27.11 -26.34
C ARG F 287 -15.64 -28.42 -27.06
N PRO F 288 -15.74 -28.37 -28.39
CA PRO F 288 -15.60 -29.53 -29.24
C PRO F 288 -14.13 -29.92 -29.42
N HIS F 289 -13.89 -31.23 -29.43
CA HIS F 289 -12.54 -31.78 -29.51
C HIS F 289 -12.11 -31.93 -30.97
N ALA F 290 -10.86 -31.57 -31.24
CA ALA F 290 -10.31 -31.79 -32.55
C ALA F 290 -10.09 -33.29 -32.78
N GLN F 291 -10.17 -33.74 -34.03
CA GLN F 291 -9.85 -35.12 -34.37
C GLN F 291 -8.34 -35.29 -34.56
N VAL F 292 -7.80 -36.41 -34.10
CA VAL F 292 -6.42 -36.80 -34.36
C VAL F 292 -6.47 -37.90 -35.45
N LEU F 293 -5.95 -37.62 -36.64
CA LEU F 293 -6.07 -38.54 -37.78
C LEU F 293 -4.72 -39.09 -38.28
N ALA F 294 -4.71 -40.30 -38.82
CA ALA F 294 -3.48 -40.88 -39.30
C ALA F 294 -3.17 -40.25 -40.64
N ALA F 295 -1.90 -39.91 -40.84
CA ALA F 295 -1.44 -39.32 -42.08
C ALA F 295 -1.49 -40.36 -43.20
N GLN F 296 -2.04 -39.97 -44.34
CA GLN F 296 -2.26 -40.93 -45.42
C GLN F 296 -1.04 -41.17 -46.29
N LEU F 297 -0.37 -40.08 -46.69
CA LEU F 297 0.64 -40.17 -47.75
C LEU F 297 2.03 -40.66 -47.30
N GLY F 298 2.18 -41.12 -46.07
CA GLY F 298 3.51 -41.46 -45.53
C GLY F 298 4.68 -40.62 -46.07
N GLY F 299 5.80 -41.26 -46.37
CA GLY F 299 7.03 -40.58 -46.80
C GLY F 299 6.93 -39.56 -47.92
N LYS F 300 5.99 -39.76 -48.83
CA LYS F 300 5.92 -38.97 -50.08
C LYS F 300 5.44 -37.52 -49.89
N ALA F 301 4.64 -37.29 -48.85
CA ALA F 301 4.01 -35.98 -48.59
C ALA F 301 4.85 -34.75 -48.96
N GLY F 302 6.08 -34.72 -48.49
CA GLY F 302 6.93 -33.58 -48.78
C GLY F 302 7.05 -33.36 -50.26
N LEU F 303 7.13 -34.46 -51.01
CA LEU F 303 7.37 -34.39 -52.45
C LEU F 303 6.09 -33.99 -53.20
N VAL F 304 5.02 -34.72 -52.98
CA VAL F 304 3.73 -34.32 -53.50
C VAL F 304 3.45 -32.85 -53.15
N GLY F 305 3.66 -32.54 -51.88
CA GLY F 305 3.39 -31.23 -51.32
C GLY F 305 4.14 -30.14 -52.03
N ALA F 306 5.45 -30.29 -52.14
CA ALA F 306 6.23 -29.28 -52.82
C ALA F 306 5.67 -29.08 -54.24
N ALA F 307 5.37 -30.19 -54.92
CA ALA F 307 4.84 -30.16 -56.28
C ALA F 307 3.64 -29.21 -56.41
N ASP F 308 2.59 -29.43 -55.61
CA ASP F 308 1.35 -28.61 -55.68
C ASP F 308 1.62 -27.20 -55.16
N LEU F 309 2.57 -27.06 -54.22
CA LEU F 309 2.85 -25.73 -53.70
C LEU F 309 3.52 -24.86 -54.75
N ALA F 310 3.97 -25.47 -55.85
CA ALA F 310 4.48 -24.73 -57.02
C ALA F 310 3.36 -24.20 -57.91
N ARG F 311 2.12 -24.58 -57.63
CA ARG F 311 0.93 -23.98 -58.22
C ARG F 311 0.10 -23.14 -57.22
N GLN F 312 0.56 -23.05 -55.95
CA GLN F 312 -0.23 -22.60 -54.75
C GLN F 312 -1.55 -23.35 -54.55
N LEU G 3 53.38 -33.76 11.02
CA LEU G 3 53.86 -33.43 9.65
C LEU G 3 53.39 -34.52 8.71
N THR G 4 52.87 -34.11 7.56
CA THR G 4 52.14 -35.00 6.63
C THR G 4 52.16 -34.46 5.21
N ILE G 5 51.75 -35.28 4.23
CA ILE G 5 51.72 -34.89 2.80
C ILE G 5 50.33 -35.01 2.19
N GLY G 6 49.91 -34.03 1.41
CA GLY G 6 48.63 -34.12 0.70
C GLY G 6 48.76 -34.01 -0.81
N VAL G 7 47.86 -34.67 -1.53
CA VAL G 7 47.85 -34.65 -2.99
C VAL G 7 46.49 -34.25 -3.57
N ASP G 8 46.46 -33.23 -4.43
CA ASP G 8 45.23 -32.80 -5.14
C ASP G 8 45.37 -33.29 -6.57
N ILE G 9 44.46 -34.15 -7.02
CA ILE G 9 44.56 -34.78 -8.33
C ILE G 9 43.72 -34.02 -9.35
N GLY G 10 44.27 -32.94 -9.90
CA GLY G 10 43.49 -31.91 -10.61
C GLY G 10 43.51 -31.85 -12.14
N GLY G 11 43.12 -32.94 -12.79
CA GLY G 11 42.78 -32.93 -14.24
C GLY G 11 43.87 -32.57 -15.26
N THR G 12 44.47 -31.39 -15.10
CA THR G 12 45.69 -31.01 -15.82
C THR G 12 46.94 -31.51 -15.04
N LYS G 13 47.08 -31.05 -13.79
CA LYS G 13 48.26 -31.35 -12.94
C LYS G 13 47.89 -32.03 -11.62
N ILE G 14 48.69 -33.02 -11.22
CA ILE G 14 48.65 -33.57 -9.86
C ILE G 14 49.56 -32.66 -9.00
N ALA G 15 49.27 -32.49 -7.73
CA ALA G 15 50.15 -31.69 -6.90
C ALA G 15 50.25 -32.28 -5.52
N ALA G 16 51.48 -32.47 -5.04
CA ALA G 16 51.74 -32.97 -3.67
C ALA G 16 52.41 -31.90 -2.81
N GLY G 17 52.24 -32.00 -1.50
CA GLY G 17 52.97 -31.11 -0.61
C GLY G 17 53.13 -31.58 0.82
N VAL G 18 54.22 -31.18 1.45
CA VAL G 18 54.46 -31.48 2.87
C VAL G 18 53.79 -30.37 3.65
N VAL G 19 52.92 -30.71 4.60
CA VAL G 19 52.08 -29.70 5.30
C VAL G 19 52.10 -29.82 6.83
N ASP G 20 52.39 -28.73 7.55
CA ASP G 20 52.49 -28.79 9.01
C ASP G 20 51.12 -28.83 9.70
N GLU G 21 51.09 -28.81 11.02
CA GLU G 21 49.83 -28.89 11.76
C GLU G 21 48.94 -27.66 11.56
N GLU G 22 49.49 -26.54 11.09
CA GLU G 22 48.71 -25.30 10.84
C GLU G 22 48.38 -25.07 9.37
N GLY G 23 48.60 -26.09 8.55
CA GLY G 23 48.26 -26.05 7.14
C GLY G 23 49.24 -25.28 6.27
N ARG G 24 50.44 -25.03 6.78
CA ARG G 24 51.47 -24.41 5.96
C ARG G 24 52.11 -25.43 5.03
N ILE G 25 52.22 -25.02 3.78
CA ILE G 25 52.90 -25.78 2.75
C ILE G 25 54.39 -25.56 2.96
N LEU G 26 55.11 -26.60 3.32
CA LEU G 26 56.56 -26.53 3.36
C LEU G 26 57.16 -26.93 2.03
N SER G 27 56.42 -27.61 1.17
CA SER G 27 56.93 -27.96 -0.16
C SER G 27 55.81 -28.27 -1.13
N THR G 28 56.00 -27.90 -2.38
CA THR G 28 55.08 -28.29 -3.44
C THR G 28 55.84 -29.03 -4.50
N PHE G 29 55.19 -29.99 -5.15
CA PHE G 29 55.75 -30.60 -6.33
C PHE G 29 54.63 -31.10 -7.24
N LYS G 30 54.79 -30.91 -8.56
CA LYS G 30 53.72 -31.12 -9.56
C LYS G 30 54.14 -31.91 -10.80
N VAL G 31 53.29 -32.83 -11.23
CA VAL G 31 53.48 -33.59 -12.47
C VAL G 31 52.24 -33.47 -13.36
N ALA G 32 52.42 -33.56 -14.68
CA ALA G 32 51.29 -33.53 -15.63
C ALA G 32 50.45 -34.77 -15.41
N THR G 33 49.13 -34.60 -15.18
CA THR G 33 48.23 -35.73 -14.90
C THR G 33 48.22 -36.68 -16.08
N PRO G 34 48.27 -38.01 -15.82
CA PRO G 34 48.21 -38.94 -16.94
C PRO G 34 46.79 -39.18 -17.48
N PRO G 35 46.65 -39.40 -18.80
CA PRO G 35 45.34 -39.82 -19.32
C PRO G 35 44.89 -41.17 -18.72
N THR G 36 45.85 -42.08 -18.51
CA THR G 36 45.55 -43.50 -18.21
C THR G 36 44.95 -43.70 -16.83
N ALA G 37 44.65 -44.97 -16.53
CA ALA G 37 44.12 -45.37 -15.21
C ALA G 37 45.25 -45.52 -14.20
N GLU G 38 46.12 -46.50 -14.45
CA GLU G 38 47.20 -46.87 -13.52
C GLU G 38 48.37 -45.86 -13.44
N GLY G 39 48.41 -44.90 -14.37
CA GLY G 39 49.52 -43.93 -14.43
C GLY G 39 49.37 -42.90 -13.35
N ILE G 40 48.14 -42.74 -12.88
CA ILE G 40 47.84 -41.85 -11.79
C ILE G 40 48.52 -42.34 -10.53
N VAL G 41 48.45 -43.64 -10.25
CA VAL G 41 49.16 -44.20 -9.09
C VAL G 41 50.64 -43.89 -9.28
N ASP G 42 51.16 -44.23 -10.45
CA ASP G 42 52.56 -43.99 -10.77
C ASP G 42 52.94 -42.49 -10.69
N ALA G 43 52.04 -41.60 -11.09
CA ALA G 43 52.29 -40.16 -11.06
C ALA G 43 52.17 -39.61 -9.67
N ILE G 44 51.40 -40.30 -8.82
CA ILE G 44 51.15 -39.90 -7.43
C ILE G 44 52.37 -40.14 -6.57
N CYS G 45 52.93 -41.35 -6.67
CA CYS G 45 54.13 -41.72 -5.93
C CYS G 45 55.29 -40.88 -6.39
N ALA G 46 55.38 -40.71 -7.70
CA ALA G 46 56.36 -39.82 -8.26
C ALA G 46 56.23 -38.48 -7.58
N ALA G 47 55.00 -38.00 -7.41
CA ALA G 47 54.79 -36.68 -6.83
C ALA G 47 54.99 -36.69 -5.32
N VAL G 48 54.69 -37.81 -4.64
CA VAL G 48 55.00 -37.92 -3.21
C VAL G 48 56.51 -37.83 -3.04
N ALA G 49 57.23 -38.71 -3.73
CA ALA G 49 58.68 -38.81 -3.59
C ALA G 49 59.43 -37.52 -3.95
N GLY G 50 58.84 -36.71 -4.81
CA GLY G 50 59.38 -35.37 -5.06
C GLY G 50 59.11 -34.38 -3.94
N ALA G 51 57.92 -34.44 -3.37
CA ALA G 51 57.51 -33.46 -2.39
C ALA G 51 58.06 -33.75 -1.02
N SER G 52 58.40 -35.01 -0.69
CA SER G 52 58.88 -35.34 0.67
C SER G 52 60.22 -34.68 0.97
N GLU G 53 61.14 -34.71 0.00
CA GLU G 53 62.24 -33.75 -0.02
C GLU G 53 63.10 -33.65 1.26
N GLY G 54 63.37 -34.78 1.90
CA GLY G 54 64.12 -34.78 3.14
C GLY G 54 63.26 -34.75 4.38
N HIS G 55 61.99 -34.37 4.26
CA HIS G 55 61.12 -34.14 5.42
C HIS G 55 60.66 -35.47 5.97
N ASP G 56 60.33 -35.51 7.27
CA ASP G 56 60.04 -36.76 7.98
C ASP G 56 58.54 -37.00 8.02
N VAL G 57 58.02 -37.65 6.99
CA VAL G 57 56.58 -37.64 6.77
C VAL G 57 55.87 -38.82 7.42
N GLU G 58 54.69 -38.58 7.98
CA GLU G 58 53.94 -39.60 8.76
C GLU G 58 52.86 -40.36 7.98
N ALA G 59 52.01 -39.63 7.26
CA ALA G 59 50.97 -40.23 6.41
C ALA G 59 50.87 -39.44 5.10
N VAL G 60 49.97 -39.86 4.23
CA VAL G 60 49.71 -39.19 2.95
C VAL G 60 48.20 -39.15 2.71
N GLY G 61 47.62 -37.99 2.45
CA GLY G 61 46.19 -37.92 2.11
C GLY G 61 45.95 -37.54 0.66
N ILE G 62 45.13 -38.31 -0.05
CA ILE G 62 44.90 -37.97 -1.44
C ILE G 62 43.47 -37.52 -1.73
N GLY G 63 43.37 -36.36 -2.37
CA GLY G 63 42.10 -35.85 -2.87
C GLY G 63 41.85 -36.30 -4.29
N ALA G 64 40.95 -37.27 -4.45
CA ALA G 64 40.59 -37.77 -5.75
C ALA G 64 39.24 -37.16 -6.14
N ALA G 65 39.09 -36.78 -7.42
CA ALA G 65 37.80 -36.25 -7.94
C ALA G 65 36.90 -37.40 -8.40
N GLY G 66 36.04 -37.85 -7.49
CA GLY G 66 35.21 -39.02 -7.70
C GLY G 66 34.67 -39.49 -6.36
N TYR G 67 33.81 -40.50 -6.38
CA TYR G 67 33.18 -40.96 -5.16
C TYR G 67 34.13 -41.89 -4.42
N VAL G 68 34.50 -41.51 -3.21
CA VAL G 68 35.37 -42.32 -2.37
C VAL G 68 34.58 -42.96 -1.25
N ASP G 69 34.94 -44.18 -0.88
CA ASP G 69 34.16 -44.98 0.07
C ASP G 69 34.40 -44.59 1.53
N ASP G 70 33.67 -45.25 2.45
CA ASP G 70 33.65 -44.89 3.87
C ASP G 70 34.87 -45.39 4.59
N LYS G 71 35.53 -46.39 4.00
CA LYS G 71 36.86 -46.79 4.41
C LYS G 71 37.98 -45.75 4.12
N ARG G 72 37.65 -44.70 3.36
CA ARG G 72 38.65 -43.75 2.87
C ARG G 72 39.76 -44.44 2.08
N ALA G 73 39.43 -45.57 1.47
CA ALA G 73 40.38 -46.48 0.81
C ALA G 73 40.27 -46.52 -0.73
N THR G 74 39.06 -46.64 -1.27
CA THR G 74 38.88 -46.94 -2.69
C THR G 74 38.17 -45.84 -3.41
N VAL G 75 38.53 -45.58 -4.66
CA VAL G 75 37.75 -44.71 -5.53
C VAL G 75 36.66 -45.53 -6.19
N LEU G 76 35.40 -45.30 -5.82
CA LEU G 76 34.28 -46.10 -6.30
C LEU G 76 33.95 -45.78 -7.73
N PHE G 77 33.86 -44.50 -8.05
CA PHE G 77 33.61 -44.09 -9.41
C PHE G 77 34.04 -42.67 -9.66
N ALA G 78 34.85 -42.49 -10.70
CA ALA G 78 35.14 -41.18 -11.26
C ALA G 78 34.47 -41.11 -12.61
N PRO G 79 34.07 -39.90 -13.02
CA PRO G 79 33.37 -39.75 -14.30
C PRO G 79 34.34 -39.87 -15.49
N ASN G 80 35.54 -39.32 -15.34
CA ASN G 80 36.51 -39.33 -16.43
C ASN G 80 37.31 -40.65 -16.45
N ILE G 81 38.12 -40.80 -15.41
CA ILE G 81 39.25 -41.73 -15.31
C ILE G 81 38.73 -43.12 -14.88
N ASP G 82 39.10 -44.15 -15.63
CA ASP G 82 38.49 -45.45 -15.38
C ASP G 82 39.08 -46.16 -14.15
N TRP G 83 38.43 -45.85 -13.02
CA TRP G 83 38.57 -46.60 -11.78
C TRP G 83 37.31 -47.42 -11.57
N ARG G 84 37.46 -48.74 -11.54
CA ARG G 84 36.37 -49.59 -11.08
C ARG G 84 36.85 -50.11 -9.75
N HIS G 85 36.15 -49.70 -8.68
CA HIS G 85 36.44 -50.11 -7.31
C HIS G 85 37.94 -50.21 -7.04
N GLU G 86 38.73 -49.29 -7.61
CA GLU G 86 40.22 -49.39 -7.60
C GLU G 86 40.82 -49.04 -6.24
N PRO G 87 41.52 -50.03 -5.60
CA PRO G 87 42.12 -49.76 -4.32
C PRO G 87 43.28 -48.81 -4.56
N LEU G 88 43.12 -47.57 -4.12
CA LEU G 88 44.15 -46.55 -4.25
C LEU G 88 44.94 -46.48 -2.98
N LYS G 89 44.29 -46.71 -1.84
CA LYS G 89 45.01 -46.84 -0.58
C LYS G 89 45.98 -48.03 -0.67
N ASP G 90 45.46 -49.22 -1.02
CA ASP G 90 46.28 -50.45 -1.07
C ASP G 90 47.46 -50.30 -2.04
N LYS G 91 47.23 -49.78 -3.25
CA LYS G 91 48.29 -49.59 -4.28
C LYS G 91 49.38 -48.61 -3.89
N VAL G 92 49.01 -47.53 -3.20
CA VAL G 92 49.99 -46.51 -2.82
C VAL G 92 50.61 -46.80 -1.47
N GLU G 93 49.88 -47.40 -0.53
CA GLU G 93 50.49 -47.74 0.76
C GLU G 93 51.70 -48.66 0.61
N GLN G 94 51.56 -49.70 -0.22
CA GLN G 94 52.66 -50.69 -0.44
C GLN G 94 53.88 -50.13 -1.19
N ARG G 95 53.76 -48.91 -1.73
CA ARG G 95 54.79 -48.35 -2.60
C ARG G 95 55.48 -47.10 -2.10
N VAL G 96 54.89 -46.39 -1.14
CA VAL G 96 55.55 -45.26 -0.50
C VAL G 96 55.78 -45.54 1.00
N GLY G 97 55.51 -46.78 1.43
CA GLY G 97 55.81 -47.21 2.80
C GLY G 97 54.89 -46.63 3.86
N LEU G 98 54.62 -45.34 3.74
CA LEU G 98 53.78 -44.61 4.69
C LEU G 98 52.29 -44.95 4.56
N PRO G 99 51.51 -44.80 5.66
CA PRO G 99 50.05 -44.95 5.53
C PRO G 99 49.40 -43.87 4.64
N VAL G 100 48.28 -44.24 4.01
CA VAL G 100 47.54 -43.36 3.10
C VAL G 100 46.05 -43.27 3.46
N VAL G 101 45.46 -42.10 3.25
CA VAL G 101 44.01 -41.96 3.29
C VAL G 101 43.52 -41.20 2.05
N VAL G 102 42.47 -41.75 1.44
CA VAL G 102 41.86 -41.21 0.23
C VAL G 102 40.51 -40.52 0.58
N GLU G 103 40.33 -39.30 0.08
CA GLU G 103 39.14 -38.48 0.33
C GLU G 103 38.56 -37.94 -0.98
N ASN G 104 37.26 -37.72 -1.00
CA ASN G 104 36.67 -36.97 -2.10
C ASN G 104 37.42 -35.64 -2.29
N ASP G 105 37.61 -35.23 -3.55
CA ASP G 105 38.37 -34.00 -3.85
C ASP G 105 37.81 -32.78 -3.12
N ALA G 106 36.49 -32.62 -3.11
CA ALA G 106 35.87 -31.42 -2.56
C ALA G 106 35.72 -31.52 -1.06
N ASN G 107 35.62 -32.75 -0.54
CA ASN G 107 35.59 -33.01 0.91
C ASN G 107 36.91 -32.52 1.51
N ALA G 108 38.00 -32.85 0.84
CA ALA G 108 39.32 -32.31 1.18
C ALA G 108 39.24 -30.80 1.25
N ALA G 109 38.92 -30.15 0.12
CA ALA G 109 38.78 -28.70 0.10
C ALA G 109 37.90 -28.20 1.25
N ALA G 110 36.81 -28.94 1.49
CA ALA G 110 35.83 -28.57 2.48
C ALA G 110 36.47 -28.50 3.83
N TRP G 111 37.24 -29.52 4.15
CA TRP G 111 37.87 -29.59 5.45
C TRP G 111 39.04 -28.64 5.48
N GLY G 112 39.67 -28.47 4.33
CA GLY G 112 40.74 -27.50 4.20
C GLY G 112 40.33 -26.09 4.61
N GLU G 113 39.24 -25.60 3.99
CA GLU G 113 38.73 -24.26 4.27
C GLU G 113 38.22 -24.17 5.70
N TYR G 114 37.56 -25.22 6.17
CA TYR G 114 37.02 -25.20 7.51
C TYR G 114 38.11 -25.16 8.59
N ARG G 115 39.19 -25.90 8.37
CA ARG G 115 40.22 -25.99 9.40
C ARG G 115 41.22 -24.84 9.34
N PHE G 116 41.58 -24.38 8.14
CA PHE G 116 42.59 -23.31 7.94
C PHE G 116 42.15 -22.10 7.13
N GLY G 117 40.89 -22.04 6.74
CA GLY G 117 40.47 -21.01 5.82
C GLY G 117 39.42 -20.12 6.42
N ALA G 118 38.32 -20.01 5.68
CA ALA G 118 37.21 -19.15 6.02
C ALA G 118 36.28 -19.78 7.06
N GLY G 119 36.41 -21.06 7.34
CA GLY G 119 35.57 -21.67 8.35
C GLY G 119 36.07 -21.62 9.80
N GLN G 120 37.22 -21.01 10.05
CA GLN G 120 37.78 -21.04 11.40
C GLN G 120 36.83 -20.34 12.37
N GLY G 121 36.49 -21.02 13.46
CA GLY G 121 35.54 -20.48 14.44
C GLY G 121 34.08 -20.53 14.01
N HIS G 122 33.72 -21.59 13.29
CA HIS G 122 32.32 -21.95 13.07
C HIS G 122 32.27 -23.41 13.48
N ASP G 123 31.07 -23.91 13.78
CA ASP G 123 30.89 -25.33 14.09
C ASP G 123 30.12 -26.10 13.01
N ASP G 124 29.08 -25.49 12.45
CA ASP G 124 28.28 -26.18 11.46
C ASP G 124 28.47 -25.41 10.18
N VAL G 125 28.92 -26.08 9.13
CA VAL G 125 29.43 -25.41 7.92
C VAL G 125 29.20 -26.26 6.66
N ILE G 126 28.71 -25.62 5.60
CA ILE G 126 28.60 -26.30 4.32
C ILE G 126 29.51 -25.59 3.34
N CYS G 127 30.33 -26.35 2.60
CA CYS G 127 31.13 -25.75 1.56
C CYS G 127 30.66 -26.16 0.22
N ILE G 128 30.66 -25.19 -0.68
CA ILE G 128 30.39 -25.41 -2.08
C ILE G 128 31.68 -25.04 -2.85
N THR G 129 31.94 -25.69 -3.98
CA THR G 129 32.95 -25.18 -4.92
C THR G 129 32.42 -25.11 -6.35
N LEU G 130 32.51 -23.94 -6.96
CA LEU G 130 31.98 -23.74 -8.32
C LEU G 130 33.03 -23.90 -9.45
N GLY G 131 33.39 -25.16 -9.77
CA GLY G 131 34.43 -25.48 -10.78
C GLY G 131 33.86 -25.60 -12.19
N THR G 132 34.30 -26.60 -12.95
CA THR G 132 33.59 -26.94 -14.18
C THR G 132 32.25 -27.44 -13.72
N GLY G 133 32.27 -28.16 -12.60
CA GLY G 133 31.05 -28.63 -11.98
C GLY G 133 30.80 -27.91 -10.67
N LEU G 134 30.09 -28.58 -9.78
CA LEU G 134 29.72 -28.03 -8.48
C LEU G 134 29.83 -29.16 -7.50
N GLY G 135 30.62 -28.95 -6.47
CA GLY G 135 30.86 -29.99 -5.50
C GLY G 135 30.82 -29.40 -4.13
N GLY G 136 31.01 -30.25 -3.14
CA GLY G 136 31.12 -29.77 -1.76
C GLY G 136 31.44 -30.76 -0.64
N GLY G 137 31.22 -30.27 0.57
CA GLY G 137 31.37 -31.07 1.76
C GLY G 137 30.59 -30.50 2.89
N ILE G 138 30.32 -31.36 3.85
CA ILE G 138 29.61 -31.01 5.07
C ILE G 138 30.60 -30.99 6.23
N ILE G 139 30.41 -30.09 7.18
CA ILE G 139 30.97 -30.32 8.50
C ILE G 139 29.96 -29.98 9.53
N ILE G 140 29.59 -30.98 10.32
CA ILE G 140 28.58 -30.84 11.35
C ILE G 140 29.19 -31.39 12.61
N GLY G 141 29.27 -30.53 13.62
CA GLY G 141 29.79 -30.91 14.93
C GLY G 141 31.30 -30.95 14.95
N ASN G 142 31.95 -30.39 13.94
CA ASN G 142 33.38 -30.33 13.88
C ASN G 142 33.91 -31.59 13.23
N LYS G 143 33.08 -32.23 12.42
CA LYS G 143 33.58 -33.36 11.67
C LYS G 143 33.17 -33.28 10.24
N LEU G 144 34.03 -33.86 9.40
CA LEU G 144 33.64 -34.11 8.05
C LEU G 144 32.63 -35.24 8.14
N ARG G 145 31.60 -35.12 7.29
CA ARG G 145 30.49 -36.07 7.18
C ARG G 145 30.44 -36.70 5.78
N ARG G 146 30.93 -37.92 5.75
CA ARG G 146 31.14 -38.64 4.52
C ARG G 146 29.88 -39.37 4.12
N GLY G 147 29.02 -39.59 5.10
CA GLY G 147 27.92 -40.52 4.96
C GLY G 147 28.33 -41.94 5.36
N ARG G 148 27.33 -42.78 5.50
CA ARG G 148 27.53 -44.17 5.86
C ARG G 148 28.32 -44.95 4.80
N PHE G 149 28.11 -44.62 3.54
CA PHE G 149 28.83 -45.27 2.43
C PHE G 149 29.99 -44.43 1.86
N GLY G 150 30.03 -43.16 2.25
CA GLY G 150 31.18 -42.31 1.98
C GLY G 150 30.98 -41.31 0.87
N VAL G 151 29.74 -41.14 0.43
CA VAL G 151 29.46 -40.42 -0.80
C VAL G 151 28.52 -39.24 -0.57
N ALA G 152 28.61 -38.67 0.63
CA ALA G 152 27.70 -37.61 1.08
C ALA G 152 28.16 -36.30 0.51
N ALA G 153 27.24 -35.35 0.48
CA ALA G 153 27.44 -34.04 -0.07
C ALA G 153 27.90 -34.11 -1.50
N GLU G 154 27.29 -34.96 -2.31
CA GLU G 154 27.51 -34.81 -3.74
C GLU G 154 26.45 -33.82 -4.25
N PHE G 155 26.53 -32.59 -3.76
CA PHE G 155 25.53 -31.57 -4.06
C PHE G 155 25.28 -31.33 -5.55
N GLY G 156 26.27 -31.58 -6.37
CA GLY G 156 26.13 -31.32 -7.80
C GLY G 156 24.97 -32.05 -8.45
N HIS G 157 24.69 -33.27 -8.00
CA HIS G 157 23.64 -34.11 -8.58
C HIS G 157 22.33 -34.19 -7.78
N ILE G 158 22.00 -33.12 -7.04
CA ILE G 158 20.68 -32.99 -6.49
C ILE G 158 19.96 -32.41 -7.68
N ARG G 159 18.89 -33.08 -8.09
CA ARG G 159 18.07 -32.62 -9.20
C ARG G 159 17.45 -31.26 -8.84
N VAL G 160 17.59 -30.26 -9.71
CA VAL G 160 17.00 -28.96 -9.45
C VAL G 160 15.83 -28.71 -10.36
N VAL G 161 15.94 -29.21 -11.59
CA VAL G 161 14.94 -29.08 -12.66
C VAL G 161 14.55 -30.44 -13.18
N PRO G 162 13.37 -30.95 -12.81
CA PRO G 162 12.97 -32.22 -13.41
C PRO G 162 12.92 -32.14 -14.94
N ASP G 163 13.17 -33.28 -15.57
CA ASP G 163 13.30 -33.37 -17.03
C ASP G 163 14.32 -32.40 -17.54
N GLY G 164 15.35 -32.22 -16.74
CA GLY G 164 16.28 -31.15 -16.98
C GLY G 164 17.32 -31.52 -18.00
N LEU G 165 18.43 -30.79 -17.89
CA LEU G 165 19.57 -30.95 -18.77
C LEU G 165 20.25 -32.29 -18.54
N LEU G 166 20.89 -32.82 -19.59
CA LEU G 166 21.71 -34.04 -19.46
C LEU G 166 22.96 -33.73 -18.71
N CYS G 167 23.17 -34.45 -17.61
CA CYS G 167 24.34 -34.22 -16.79
C CYS G 167 25.36 -35.23 -17.17
N GLY G 168 26.59 -34.94 -16.76
CA GLY G 168 27.72 -35.81 -17.02
C GLY G 168 27.69 -37.07 -16.17
N CYS G 169 26.59 -37.27 -15.45
CA CYS G 169 26.48 -38.38 -14.53
C CYS G 169 25.45 -39.38 -14.96
N GLY G 170 24.58 -39.04 -15.90
CA GLY G 170 23.52 -39.96 -16.33
C GLY G 170 22.16 -39.31 -16.21
N SER G 171 21.84 -38.81 -15.01
CA SER G 171 20.49 -38.24 -14.71
C SER G 171 20.33 -36.87 -15.36
N GLN G 172 19.07 -36.41 -15.41
CA GLN G 172 18.75 -35.12 -15.99
C GLN G 172 18.47 -34.12 -14.88
N GLY G 173 18.88 -32.87 -15.08
CA GLY G 173 18.48 -31.76 -14.19
C GLY G 173 19.36 -31.46 -13.00
N CYS G 174 20.51 -32.12 -12.92
CA CYS G 174 21.43 -31.97 -11.79
C CYS G 174 21.77 -30.50 -11.55
N TRP G 175 21.87 -30.10 -10.29
CA TRP G 175 22.25 -28.71 -9.93
C TRP G 175 23.56 -28.23 -10.61
N GLU G 176 24.45 -29.18 -10.87
CA GLU G 176 25.76 -28.94 -11.42
C GLU G 176 25.66 -28.40 -12.84
N GLN G 177 24.51 -28.55 -13.49
CA GLN G 177 24.32 -28.10 -14.87
C GLN G 177 23.63 -26.77 -14.99
N TYR G 178 23.33 -26.15 -13.86
CA TYR G 178 22.71 -24.84 -13.87
C TYR G 178 23.50 -23.80 -13.10
N ALA G 179 24.15 -24.23 -12.01
CA ALA G 179 25.06 -23.38 -11.23
C ALA G 179 26.47 -23.95 -11.29
N SER G 180 27.28 -23.49 -12.26
CA SER G 180 28.67 -23.92 -12.42
C SER G 180 29.35 -23.14 -13.52
N GLY G 181 30.61 -23.49 -13.78
CA GLY G 181 31.40 -22.82 -14.81
C GLY G 181 30.92 -23.18 -16.20
N ARG G 182 30.51 -24.43 -16.33
CA ARG G 182 29.84 -24.90 -17.54
C ARG G 182 28.60 -24.04 -17.79
N ALA G 183 27.78 -23.94 -16.74
CA ALA G 183 26.49 -23.27 -16.79
C ALA G 183 26.70 -21.81 -17.22
N LEU G 184 27.50 -21.09 -16.44
CA LEU G 184 27.86 -19.70 -16.76
C LEU G 184 28.08 -19.50 -18.29
N VAL G 185 28.81 -20.41 -18.91
CA VAL G 185 29.19 -20.21 -20.29
C VAL G 185 27.97 -20.38 -21.20
N ARG G 186 27.16 -21.39 -20.89
CA ARG G 186 25.95 -21.62 -21.63
C ARG G 186 25.24 -20.30 -21.63
N TYR G 187 25.05 -19.76 -20.42
CA TYR G 187 24.24 -18.59 -20.21
C TYR G 187 24.76 -17.42 -20.98
N ALA G 188 26.08 -17.25 -21.07
CA ALA G 188 26.66 -16.17 -21.87
C ALA G 188 26.28 -16.38 -23.32
N LYS G 189 26.69 -17.53 -23.85
CA LYS G 189 26.48 -17.84 -25.26
C LYS G 189 25.04 -17.67 -25.69
N GLN G 190 24.11 -18.09 -24.85
CA GLN G 190 22.72 -18.01 -25.22
C GLN G 190 22.38 -16.56 -25.45
N ARG G 191 22.74 -15.72 -24.47
CA ARG G 191 22.41 -14.30 -24.51
C ARG G 191 23.17 -13.71 -25.67
N ALA G 192 24.46 -13.98 -25.70
CA ALA G 192 25.33 -13.51 -26.76
C ALA G 192 24.80 -13.72 -28.15
N ASN G 193 24.16 -14.86 -28.41
CA ASN G 193 23.69 -15.18 -29.76
C ASN G 193 22.50 -14.31 -30.22
N ALA G 194 21.62 -14.00 -29.26
CA ALA G 194 20.39 -13.26 -29.51
C ALA G 194 20.62 -11.77 -29.65
N THR G 195 21.40 -11.25 -28.70
CA THR G 195 21.74 -9.83 -28.57
C THR G 195 23.28 -9.63 -28.72
N PRO G 196 23.82 -9.76 -29.95
CA PRO G 196 25.27 -9.65 -30.11
C PRO G 196 25.81 -8.27 -29.75
N GLU G 197 25.00 -7.23 -29.94
CA GLU G 197 25.42 -5.84 -29.71
C GLU G 197 25.80 -5.55 -28.24
N ASN G 198 24.96 -6.01 -27.30
CA ASN G 198 25.21 -5.74 -25.90
C ASN G 198 26.27 -6.67 -25.34
N ALA G 199 27.09 -7.23 -26.23
CA ALA G 199 28.20 -8.06 -25.82
C ALA G 199 29.51 -7.65 -26.51
N ALA G 200 29.62 -6.39 -26.94
CA ALA G 200 30.77 -5.96 -27.75
C ALA G 200 32.12 -6.05 -26.98
N VAL G 201 32.09 -5.84 -25.66
CA VAL G 201 33.29 -5.88 -24.82
C VAL G 201 33.70 -7.33 -24.50
N LEU G 202 32.71 -8.23 -24.56
CA LEU G 202 32.88 -9.65 -24.18
C LEU G 202 33.30 -10.50 -25.37
N LEU G 203 32.66 -10.28 -26.51
CA LEU G 203 33.12 -10.88 -27.76
C LEU G 203 34.51 -10.31 -28.13
N GLY G 204 34.70 -9.01 -27.87
CA GLY G 204 35.99 -8.36 -28.10
C GLY G 204 37.17 -8.93 -27.31
N LEU G 205 36.91 -9.90 -26.42
CA LEU G 205 37.95 -10.56 -25.63
C LEU G 205 38.37 -11.93 -26.19
N GLY G 206 37.42 -12.68 -26.73
CA GLY G 206 37.71 -14.01 -27.26
C GLY G 206 38.19 -13.89 -28.69
N ASP G 207 37.54 -14.60 -29.59
CA ASP G 207 37.85 -14.48 -31.02
C ASP G 207 36.82 -13.64 -31.79
N GLY G 208 35.95 -12.95 -31.07
CA GLY G 208 34.92 -12.09 -31.70
C GLY G 208 33.61 -12.79 -32.02
N SER G 209 33.68 -14.11 -32.21
CA SER G 209 32.53 -14.91 -32.66
C SER G 209 31.98 -15.77 -31.52
N VAL G 210 30.70 -16.13 -31.65
CA VAL G 210 29.83 -16.55 -30.52
C VAL G 210 30.34 -17.78 -29.72
N ASP G 211 31.31 -18.51 -30.24
CA ASP G 211 31.84 -19.70 -29.58
C ASP G 211 33.12 -19.43 -28.85
N GLY G 212 33.83 -18.37 -29.22
CA GLY G 212 35.10 -18.06 -28.57
C GLY G 212 34.99 -17.59 -27.13
N ILE G 213 33.90 -17.96 -26.46
CA ILE G 213 33.64 -17.48 -25.13
C ILE G 213 34.16 -18.49 -24.11
N GLU G 214 34.85 -18.00 -23.09
CA GLU G 214 35.45 -18.84 -22.07
C GLU G 214 35.19 -18.26 -20.68
N GLY G 215 35.33 -19.11 -19.66
CA GLY G 215 35.01 -18.76 -18.28
C GLY G 215 35.74 -17.53 -17.79
N LYS G 216 36.99 -17.39 -18.19
CA LYS G 216 37.75 -16.17 -17.91
C LYS G 216 37.15 -14.92 -18.61
N HIS G 217 36.75 -15.06 -19.88
CA HIS G 217 36.28 -13.91 -20.68
C HIS G 217 35.09 -13.23 -20.04
N ILE G 218 34.21 -14.05 -19.49
CA ILE G 218 33.01 -13.55 -18.85
C ILE G 218 33.33 -12.78 -17.56
N SER G 219 34.16 -13.39 -16.71
CA SER G 219 34.51 -12.81 -15.41
C SER G 219 35.03 -11.41 -15.65
N GLU G 220 36.06 -11.27 -16.49
CA GLU G 220 36.62 -9.94 -16.83
C GLU G 220 35.63 -9.04 -17.57
N ALA G 221 35.00 -9.56 -18.62
CA ALA G 221 34.10 -8.75 -19.45
C ALA G 221 33.01 -8.13 -18.62
N ALA G 222 32.75 -8.73 -17.47
CA ALA G 222 31.71 -8.27 -16.55
C ALA G 222 32.19 -7.09 -15.71
N ARG G 223 33.36 -7.22 -15.07
CA ARG G 223 33.95 -6.10 -14.32
C ARG G 223 33.82 -4.77 -15.08
N GLN G 224 34.06 -4.79 -16.39
CA GLN G 224 33.89 -3.61 -17.24
C GLN G 224 32.44 -3.46 -17.70
N GLY G 225 31.55 -4.18 -17.00
CA GLY G 225 30.11 -3.98 -17.05
C GLY G 225 29.41 -4.33 -18.35
N ASP G 226 29.90 -5.33 -19.06
CA ASP G 226 29.31 -5.69 -20.35
C ASP G 226 27.91 -6.29 -20.18
N PRO G 227 26.86 -5.56 -20.57
CA PRO G 227 25.48 -5.96 -20.27
C PRO G 227 25.22 -7.51 -20.24
N VAL G 228 25.60 -8.20 -21.32
CA VAL G 228 25.35 -9.63 -21.42
C VAL G 228 26.15 -10.41 -20.38
N ALA G 229 27.42 -10.04 -20.19
CA ALA G 229 28.25 -10.67 -19.14
C ALA G 229 27.61 -10.64 -17.76
N VAL G 230 27.26 -9.44 -17.31
CA VAL G 230 26.68 -9.24 -15.98
C VAL G 230 25.32 -9.95 -15.85
N ASP G 231 24.54 -9.95 -16.93
CA ASP G 231 23.27 -10.70 -16.98
C ASP G 231 23.47 -12.20 -16.75
N SER G 232 24.57 -12.74 -17.28
CA SER G 232 24.88 -14.14 -17.11
C SER G 232 25.33 -14.46 -15.71
N PHE G 233 25.74 -13.46 -14.94
CA PHE G 233 25.99 -13.72 -13.54
C PHE G 233 24.71 -13.78 -12.75
N ARG G 234 23.76 -12.92 -13.07
CA ARG G 234 22.43 -12.97 -12.45
C ARG G 234 21.87 -14.36 -12.59
N GLU G 235 21.89 -14.87 -13.82
CA GLU G 235 21.27 -16.12 -14.12
C GLU G 235 21.97 -17.10 -13.24
N LEU G 236 23.31 -17.08 -13.25
CA LEU G 236 24.03 -17.98 -12.37
C LEU G 236 23.62 -17.75 -10.93
N ALA G 237 23.87 -16.55 -10.45
CA ALA G 237 23.45 -16.15 -9.09
C ALA G 237 22.09 -16.75 -8.72
N ARG G 238 21.17 -16.86 -9.68
CA ARG G 238 19.83 -17.40 -9.38
C ARG G 238 19.89 -18.84 -8.89
N TRP G 239 20.31 -19.74 -9.76
CA TRP G 239 20.30 -21.16 -9.44
C TRP G 239 21.22 -21.41 -8.24
N ALA G 240 22.27 -20.60 -8.20
CA ALA G 240 23.24 -20.67 -7.14
C ALA G 240 22.51 -20.46 -5.81
N GLY G 241 21.94 -19.29 -5.67
CA GLY G 241 21.14 -18.93 -4.48
C GLY G 241 19.99 -19.89 -4.20
N ALA G 242 19.13 -20.14 -5.18
CA ALA G 242 18.10 -21.16 -5.03
C ALA G 242 18.67 -22.31 -4.20
N GLY G 243 19.77 -22.87 -4.70
CA GLY G 243 20.33 -24.09 -4.14
C GLY G 243 20.70 -23.93 -2.71
N LEU G 244 21.38 -22.81 -2.44
CA LEU G 244 21.88 -22.50 -1.10
C LEU G 244 20.72 -22.47 -0.15
N ALA G 245 19.60 -21.92 -0.60
CA ALA G 245 18.35 -21.90 0.17
C ALA G 245 17.78 -23.31 0.47
N ASP G 246 17.99 -24.22 -0.47
CA ASP G 246 17.52 -25.58 -0.30
C ASP G 246 18.43 -26.25 0.72
N LEU G 247 19.74 -26.13 0.52
CA LEU G 247 20.70 -26.64 1.53
C LEU G 247 20.49 -25.94 2.90
N ALA G 248 20.08 -24.69 2.88
CA ALA G 248 19.83 -23.98 4.11
C ALA G 248 18.63 -24.53 4.78
N SER G 249 17.70 -25.05 3.98
CA SER G 249 16.50 -25.59 4.58
C SER G 249 16.82 -26.93 5.21
N LEU G 250 17.67 -27.69 4.56
CA LEU G 250 17.99 -29.03 5.02
C LEU G 250 18.96 -29.00 6.20
N PHE G 251 20.09 -28.31 6.05
CA PHE G 251 21.13 -28.35 7.03
C PHE G 251 21.03 -27.23 8.08
N ASP G 252 20.58 -26.05 7.66
CA ASP G 252 20.69 -24.82 8.48
C ASP G 252 22.09 -24.60 9.10
N PRO G 253 23.04 -24.11 8.30
CA PRO G 253 24.42 -23.92 8.77
C PRO G 253 24.61 -22.57 9.43
N SER G 254 25.79 -22.34 9.98
CA SER G 254 26.17 -21.01 10.44
C SER G 254 26.51 -20.25 9.19
N ALA G 255 27.07 -20.96 8.21
CA ALA G 255 27.57 -20.30 7.04
C ALA G 255 27.90 -21.26 5.91
N PHE G 256 27.56 -20.85 4.70
CA PHE G 256 28.03 -21.50 3.47
C PHE G 256 29.38 -20.87 3.14
N ILE G 257 30.33 -21.66 2.61
CA ILE G 257 31.65 -21.12 2.22
C ILE G 257 31.89 -21.40 0.77
N VAL G 258 31.62 -20.42 -0.07
CA VAL G 258 31.66 -20.62 -1.52
C VAL G 258 33.04 -20.33 -2.08
N GLY G 259 33.72 -21.38 -2.52
CA GLY G 259 34.96 -21.27 -3.26
C GLY G 259 34.66 -21.83 -4.62
N GLY G 260 35.71 -22.12 -5.38
CA GLY G 260 35.59 -22.61 -6.78
C GLY G 260 36.47 -21.72 -7.63
N GLY G 261 36.70 -22.09 -8.88
CA GLY G 261 37.40 -21.19 -9.83
C GLY G 261 36.61 -19.90 -10.07
N VAL G 262 35.31 -20.07 -10.31
CA VAL G 262 34.41 -18.97 -10.60
C VAL G 262 34.03 -18.16 -9.36
N SER G 263 34.45 -18.61 -8.19
CA SER G 263 34.29 -17.81 -6.98
C SER G 263 35.59 -17.09 -6.56
N ASP G 264 36.75 -17.57 -7.07
CA ASP G 264 38.05 -16.88 -6.92
C ASP G 264 38.04 -15.63 -7.80
N GLU G 265 36.84 -15.13 -8.07
CA GLU G 265 36.61 -13.90 -8.80
C GLU G 265 36.16 -12.77 -7.86
N GLY G 266 35.64 -13.15 -6.69
CA GLY G 266 35.32 -12.20 -5.63
C GLY G 266 33.85 -11.88 -5.54
N GLU G 267 33.54 -10.69 -5.08
CA GLU G 267 32.17 -10.30 -4.83
C GLU G 267 31.51 -9.75 -6.13
N LEU G 268 32.17 -9.89 -7.27
CA LEU G 268 31.48 -9.74 -8.55
C LEU G 268 30.41 -10.84 -8.67
N VAL G 269 30.85 -12.05 -8.29
CA VAL G 269 30.01 -13.23 -8.21
C VAL G 269 29.36 -13.40 -6.83
N LEU G 270 30.18 -13.32 -5.79
CA LEU G 270 29.70 -13.65 -4.42
C LEU G 270 28.55 -12.82 -3.89
N ASP G 271 28.50 -11.54 -4.24
CA ASP G 271 27.44 -10.70 -3.73
C ASP G 271 26.09 -11.13 -4.33
N PRO G 272 25.95 -11.17 -5.68
CA PRO G 272 24.66 -11.62 -6.29
C PRO G 272 24.10 -12.93 -5.72
N ILE G 273 24.99 -13.89 -5.49
CA ILE G 273 24.64 -15.17 -4.87
C ILE G 273 24.20 -14.99 -3.42
N ARG G 274 24.98 -14.28 -2.63
CA ARG G 274 24.51 -13.92 -1.31
C ARG G 274 23.16 -13.22 -1.48
N LYS G 275 23.07 -12.25 -2.38
CA LYS G 275 21.80 -11.54 -2.64
C LYS G 275 20.68 -12.42 -3.21
N SER G 276 21.02 -13.47 -3.93
CA SER G 276 19.98 -14.39 -4.36
C SER G 276 19.54 -15.21 -3.16
N PHE G 277 20.49 -15.83 -2.46
CA PHE G 277 20.21 -16.66 -1.29
C PHE G 277 19.20 -16.00 -0.37
N ARG G 278 19.51 -14.79 0.06
CA ARG G 278 18.57 -14.02 0.90
C ARG G 278 17.21 -13.94 0.24
N ARG G 279 17.20 -13.68 -1.07
CA ARG G 279 15.98 -13.45 -1.83
C ARG G 279 15.22 -14.74 -2.13
N TRP G 280 15.83 -15.89 -1.78
CA TRP G 280 15.26 -17.23 -1.98
C TRP G 280 15.13 -18.09 -0.70
N LEU G 281 15.61 -17.61 0.45
CA LEU G 281 15.54 -18.35 1.73
C LEU G 281 14.11 -18.27 2.23
N ILE G 282 13.66 -19.24 3.01
CA ILE G 282 12.25 -19.35 3.40
C ILE G 282 12.06 -19.08 4.88
N GLY G 283 11.15 -18.16 5.18
CA GLY G 283 10.85 -17.80 6.56
C GLY G 283 11.94 -16.97 7.23
N GLY G 284 12.70 -16.24 6.43
CA GLY G 284 13.84 -15.45 6.92
C GLY G 284 13.44 -14.46 8.00
N GLU G 285 12.19 -14.02 7.90
CA GLU G 285 11.59 -13.19 8.92
C GLU G 285 11.81 -13.68 10.38
N TRP G 286 11.85 -15.01 10.58
CA TRP G 286 11.91 -15.61 11.93
C TRP G 286 13.21 -16.31 12.18
N ARG G 287 13.79 -16.84 11.12
CA ARG G 287 15.03 -17.60 11.24
C ARG G 287 16.25 -16.72 11.00
N PRO G 288 17.33 -17.03 11.71
CA PRO G 288 18.67 -16.50 11.39
C PRO G 288 19.19 -16.89 10.00
N HIS G 289 19.69 -15.90 9.26
CA HIS G 289 20.28 -16.12 7.94
C HIS G 289 21.72 -16.63 8.07
N ALA G 290 22.02 -17.77 7.46
CA ALA G 290 23.41 -18.23 7.39
C ALA G 290 24.27 -17.19 6.65
N GLN G 291 25.58 -17.17 6.91
CA GLN G 291 26.50 -16.28 6.19
C GLN G 291 26.95 -16.88 4.86
N VAL G 292 27.20 -16.04 3.87
CA VAL G 292 27.71 -16.56 2.63
C VAL G 292 29.13 -16.05 2.46
N LEU G 293 30.08 -16.71 3.10
CA LEU G 293 31.50 -16.29 3.09
C LEU G 293 32.26 -16.81 1.84
N ALA G 294 33.32 -16.13 1.40
CA ALA G 294 34.16 -16.69 0.33
C ALA G 294 35.44 -17.34 0.86
N ALA G 295 35.91 -18.30 0.07
CA ALA G 295 37.08 -19.13 0.36
C ALA G 295 38.38 -18.32 0.36
N GLN G 296 39.23 -18.61 1.34
CA GLN G 296 40.49 -17.91 1.49
C GLN G 296 41.63 -18.67 0.82
N LEU G 297 41.68 -19.98 1.00
CA LEU G 297 42.80 -20.79 0.55
C LEU G 297 42.82 -21.00 -0.96
N GLY G 298 41.86 -20.40 -1.69
CA GLY G 298 41.77 -20.59 -3.13
C GLY G 298 42.15 -22.01 -3.55
N GLY G 299 43.01 -22.13 -4.56
CA GLY G 299 43.41 -23.44 -5.10
C GLY G 299 44.02 -24.43 -4.11
N LYS G 300 44.86 -23.92 -3.22
CA LYS G 300 45.53 -24.75 -2.21
C LYS G 300 44.61 -25.61 -1.36
N ALA G 301 43.36 -25.22 -1.21
CA ALA G 301 42.47 -25.90 -0.27
C ALA G 301 42.71 -27.40 -0.24
N GLY G 302 42.52 -28.08 -1.36
CA GLY G 302 42.45 -29.56 -1.40
C GLY G 302 43.70 -30.29 -0.96
N LEU G 303 44.84 -29.67 -1.24
CA LEU G 303 46.14 -30.14 -0.80
C LEU G 303 46.19 -30.13 0.72
N VAL G 304 46.14 -28.96 1.30
CA VAL G 304 46.08 -28.82 2.74
C VAL G 304 44.99 -29.68 3.37
N GLY G 305 43.79 -29.61 2.80
CA GLY G 305 42.67 -30.40 3.25
C GLY G 305 43.08 -31.84 3.31
N ALA G 306 43.66 -32.32 2.22
CA ALA G 306 43.96 -33.72 2.15
C ALA G 306 45.03 -34.06 3.19
N ALA G 307 46.02 -33.19 3.38
CA ALA G 307 47.13 -33.51 4.27
C ALA G 307 46.58 -33.69 5.67
N ASP G 308 45.84 -32.69 6.13
CA ASP G 308 45.28 -32.70 7.46
C ASP G 308 44.24 -33.81 7.65
N LEU G 309 43.47 -34.13 6.61
CA LEU G 309 42.52 -35.23 6.71
C LEU G 309 43.22 -36.56 6.87
N ALA G 310 44.50 -36.59 6.50
CA ALA G 310 45.35 -37.78 6.69
C ALA G 310 45.85 -37.94 8.12
N ARG G 311 45.48 -37.02 8.99
CA ARG G 311 45.77 -37.12 10.40
C ARG G 311 44.61 -37.73 11.18
N GLN G 312 43.39 -37.65 10.65
CA GLN G 312 42.20 -38.08 11.42
C GLN G 312 42.03 -39.62 11.51
N GLY G 313 41.37 -40.08 12.59
CA GLY G 313 41.01 -41.49 12.80
C GLY G 313 39.52 -41.75 12.65
N LEU H 3 29.87 -1.36 27.20
CA LEU H 3 29.30 -1.33 28.59
C LEU H 3 29.14 0.12 29.06
N THR H 4 27.90 0.50 29.36
CA THR H 4 27.53 1.86 29.82
C THR H 4 26.38 1.79 30.83
N ILE H 5 25.99 2.94 31.40
CA ILE H 5 24.77 3.04 32.23
C ILE H 5 23.77 4.05 31.66
N GLY H 6 22.47 3.73 31.76
CA GLY H 6 21.40 4.63 31.35
C GLY H 6 20.46 4.90 32.51
N VAL H 7 20.37 6.16 32.93
CA VAL H 7 19.61 6.55 34.12
C VAL H 7 18.28 7.26 33.80
N ASP H 8 17.16 6.70 34.29
CA ASP H 8 15.81 7.22 34.01
C ASP H 8 15.07 7.73 35.26
N ILE H 9 14.99 9.06 35.38
CA ILE H 9 14.05 9.72 36.29
C ILE H 9 12.62 9.26 35.93
N GLY H 10 11.78 8.93 36.92
CA GLY H 10 10.46 8.36 36.62
C GLY H 10 9.32 8.61 37.59
N GLY H 11 9.05 9.89 37.88
CA GLY H 11 7.80 10.31 38.55
C GLY H 11 7.57 9.81 39.97
N THR H 12 7.43 8.48 40.12
CA THR H 12 7.36 7.78 41.42
C THR H 12 8.74 7.25 41.89
N LYS H 13 9.76 7.38 41.02
CA LYS H 13 11.05 6.71 41.23
C LYS H 13 12.15 7.20 40.27
N ILE H 14 13.33 6.60 40.41
CA ILE H 14 14.52 6.90 39.60
C ILE H 14 15.29 5.59 39.36
N ALA H 15 15.25 5.10 38.11
CA ALA H 15 15.90 3.84 37.73
C ALA H 15 17.25 4.13 37.03
N ALA H 16 18.28 3.34 37.37
CA ALA H 16 19.58 3.39 36.68
C ALA H 16 19.87 2.00 36.15
N GLY H 17 20.35 1.91 34.91
CA GLY H 17 20.51 0.62 34.26
C GLY H 17 21.83 0.44 33.58
N VAL H 18 22.40 -0.76 33.75
CA VAL H 18 23.62 -1.15 33.05
C VAL H 18 23.14 -1.81 31.75
N VAL H 19 23.63 -1.31 30.62
CA VAL H 19 23.13 -1.71 29.30
C VAL H 19 24.30 -2.16 28.39
N ASP H 20 24.16 -3.34 27.77
CA ASP H 20 25.16 -3.84 26.82
C ASP H 20 25.01 -3.19 25.45
N GLU H 21 25.97 -3.43 24.56
CA GLU H 21 26.00 -2.80 23.22
C GLU H 21 24.77 -3.18 22.35
N GLU H 22 24.19 -4.37 22.59
CA GLU H 22 23.00 -4.84 21.87
C GLU H 22 21.69 -4.48 22.60
N GLY H 23 21.79 -3.63 23.63
CA GLY H 23 20.63 -2.98 24.22
C GLY H 23 19.74 -3.84 25.09
N ARG H 24 20.33 -4.36 26.16
CA ARG H 24 19.59 -5.12 27.19
C ARG H 24 20.04 -4.75 28.62
N ILE H 25 19.09 -4.87 29.54
CA ILE H 25 19.31 -4.49 30.95
C ILE H 25 20.16 -5.55 31.67
N LEU H 26 20.91 -5.15 32.71
CA LEU H 26 21.77 -6.10 33.44
C LEU H 26 21.57 -5.96 34.94
N SER H 27 22.27 -5.04 35.58
CA SER H 27 22.09 -4.77 37.01
C SER H 27 21.40 -3.41 37.12
N THR H 28 20.18 -3.41 37.65
CA THR H 28 19.32 -2.21 37.67
C THR H 28 18.79 -1.85 39.08
N PHE H 29 19.67 -1.28 39.90
CA PHE H 29 19.32 -0.79 41.26
C PHE H 29 18.52 0.53 41.14
N LYS H 30 17.52 0.70 42.01
CA LYS H 30 16.62 1.87 41.97
C LYS H 30 16.60 2.63 43.30
N VAL H 31 16.10 3.87 43.28
CA VAL H 31 15.76 4.62 44.51
C VAL H 31 14.56 5.51 44.18
N ALA H 32 13.78 5.89 45.20
CA ALA H 32 12.63 6.81 45.02
C ALA H 32 13.09 8.25 44.71
N THR H 33 12.19 9.08 44.17
CA THR H 33 12.49 10.51 43.91
C THR H 33 12.02 11.33 45.10
N PRO H 34 12.95 11.98 45.84
CA PRO H 34 12.42 12.88 46.88
C PRO H 34 11.82 14.15 46.23
N PRO H 35 10.73 14.70 46.83
CA PRO H 35 10.08 15.83 46.15
C PRO H 35 10.96 17.11 46.08
N THR H 36 11.95 17.18 46.98
CA THR H 36 12.95 18.28 47.06
C THR H 36 13.78 18.44 45.75
N ALA H 37 14.13 19.69 45.42
CA ALA H 37 14.77 20.07 44.14
C ALA H 37 16.30 19.93 44.11
N GLU H 38 16.93 20.17 45.28
CA GLU H 38 18.39 20.06 45.45
C GLU H 38 18.80 18.61 45.80
N GLY H 39 17.88 17.86 46.40
CA GLY H 39 18.10 16.44 46.72
C GLY H 39 17.75 15.44 45.60
N ILE H 40 17.30 15.94 44.44
CA ILE H 40 17.13 15.07 43.27
C ILE H 40 18.51 14.62 42.77
N VAL H 41 19.46 15.55 42.78
CA VAL H 41 20.87 15.29 42.40
C VAL H 41 21.50 14.19 43.28
N ASP H 42 21.32 14.29 44.61
CA ASP H 42 21.73 13.22 45.54
C ASP H 42 21.33 11.86 44.98
N ALA H 43 20.03 11.68 44.78
CA ALA H 43 19.45 10.41 44.37
C ALA H 43 20.23 9.76 43.24
N ILE H 44 20.52 10.53 42.19
CA ILE H 44 21.08 10.00 40.94
C ILE H 44 22.35 9.18 41.12
N CYS H 45 23.34 9.76 41.78
CA CYS H 45 24.65 9.10 41.93
C CYS H 45 24.76 8.26 43.21
N ALA H 46 23.64 8.06 43.90
CA ALA H 46 23.54 7.02 44.91
C ALA H 46 23.18 5.72 44.20
N ALA H 47 22.25 5.83 43.24
CA ALA H 47 21.74 4.69 42.47
C ALA H 47 22.78 4.13 41.49
N VAL H 48 23.44 5.03 40.75
CA VAL H 48 24.55 4.65 39.89
C VAL H 48 25.58 3.78 40.65
N ALA H 49 25.74 4.05 41.96
CA ALA H 49 26.62 3.26 42.83
C ALA H 49 26.23 1.78 42.86
N GLY H 50 24.92 1.50 42.80
CA GLY H 50 24.40 0.13 42.88
C GLY H 50 24.46 -0.65 41.58
N ALA H 51 24.35 0.06 40.46
CA ALA H 51 24.50 -0.53 39.14
C ALA H 51 25.95 -0.98 38.91
N SER H 52 26.89 -0.02 38.95
CA SER H 52 28.33 -0.32 38.75
C SER H 52 28.96 -1.18 39.88
N GLU H 53 28.14 -1.63 40.82
CA GLU H 53 28.49 -2.74 41.70
C GLU H 53 28.86 -3.96 40.81
N GLY H 54 30.09 -4.43 40.97
CA GLY H 54 30.56 -5.64 40.28
C GLY H 54 30.75 -5.49 38.78
N HIS H 55 30.59 -4.27 38.27
CA HIS H 55 30.58 -3.97 36.82
C HIS H 55 31.53 -2.81 36.43
N ASP H 56 32.31 -3.02 35.36
CA ASP H 56 33.35 -2.10 34.92
C ASP H 56 32.76 -1.18 33.85
N VAL H 57 32.46 0.06 34.25
CA VAL H 57 31.61 0.96 33.47
C VAL H 57 32.40 2.07 32.78
N GLU H 58 32.02 2.38 31.54
CA GLU H 58 32.72 3.42 30.77
C GLU H 58 32.03 4.77 30.94
N ALA H 59 30.93 4.99 30.21
CA ALA H 59 30.21 6.27 30.21
C ALA H 59 28.85 6.11 30.92
N VAL H 60 28.09 7.20 31.01
CA VAL H 60 26.78 7.22 31.72
C VAL H 60 25.87 8.30 31.11
N GLY H 61 24.58 8.00 30.95
CA GLY H 61 23.63 8.92 30.26
C GLY H 61 22.26 9.02 30.91
N ILE H 62 21.72 10.24 30.97
CA ILE H 62 20.53 10.55 31.76
C ILE H 62 19.39 11.13 30.92
N GLY H 63 18.19 10.58 31.08
CA GLY H 63 16.99 11.15 30.48
C GLY H 63 16.29 12.11 31.43
N ALA H 64 16.70 13.38 31.40
CA ALA H 64 16.10 14.41 32.24
C ALA H 64 14.82 14.95 31.61
N ALA H 65 13.83 15.22 32.44
CA ALA H 65 12.45 15.47 31.94
C ALA H 65 12.21 16.85 31.32
N GLY H 66 13.23 17.48 30.72
CA GLY H 66 13.15 18.91 30.44
C GLY H 66 13.66 19.40 29.09
N TYR H 67 14.34 20.53 29.12
CA TYR H 67 15.01 21.07 27.96
C TYR H 67 16.47 20.82 28.14
N VAL H 68 17.13 20.15 27.19
CA VAL H 68 18.56 19.89 27.32
C VAL H 68 19.32 20.54 26.18
N ASP H 69 20.27 21.40 26.53
CA ASP H 69 21.05 22.22 25.58
C ASP H 69 21.79 21.43 24.49
N ASP H 70 22.34 22.16 23.52
CA ASP H 70 23.11 21.58 22.42
C ASP H 70 24.34 20.82 22.88
N LYS H 71 25.00 21.35 23.92
CA LYS H 71 26.22 20.76 24.50
C LYS H 71 25.94 19.57 25.41
N ARG H 72 24.67 19.22 25.63
CA ARG H 72 24.28 18.01 26.41
C ARG H 72 24.79 17.97 27.87
N ALA H 73 25.12 19.14 28.41
CA ALA H 73 25.50 19.27 29.80
C ALA H 73 24.31 19.70 30.62
N THR H 74 23.90 20.94 30.39
CA THR H 74 22.90 21.61 31.18
C THR H 74 21.47 21.14 30.93
N VAL H 75 20.63 21.25 31.95
CA VAL H 75 19.19 21.13 31.82
C VAL H 75 18.61 22.53 31.90
N LEU H 76 18.35 23.13 30.74
CA LEU H 76 17.94 24.53 30.65
C LEU H 76 16.67 24.82 31.47
N PHE H 77 15.71 23.89 31.47
CA PHE H 77 14.41 24.09 32.15
C PHE H 77 13.61 22.80 32.25
N ALA H 78 13.11 22.49 33.45
CA ALA H 78 12.22 21.32 33.69
C ALA H 78 10.85 21.78 34.26
N PRO H 79 9.73 21.27 33.70
CA PRO H 79 8.41 21.85 34.03
C PRO H 79 7.79 21.42 35.37
N ASN H 80 7.95 20.14 35.74
CA ASN H 80 7.47 19.62 37.04
C ASN H 80 8.54 19.70 38.15
N ILE H 81 9.73 20.20 37.79
CA ILE H 81 10.90 20.12 38.65
C ILE H 81 11.65 21.46 38.72
N ASP H 82 12.05 21.82 39.94
CA ASP H 82 12.80 23.06 40.20
C ASP H 82 14.24 22.98 39.65
N TRP H 83 14.37 23.27 38.35
CA TRP H 83 15.67 23.28 37.64
C TRP H 83 15.78 24.44 36.64
N ARG H 84 16.69 25.39 36.89
CA ARG H 84 16.95 26.53 35.98
C ARG H 84 18.43 26.56 35.59
N HIS H 85 18.71 26.38 34.31
CA HIS H 85 20.09 26.32 33.83
C HIS H 85 20.92 25.47 34.80
N GLU H 86 20.39 24.30 35.13
CA GLU H 86 21.04 23.37 36.05
C GLU H 86 22.16 22.67 35.31
N PRO H 87 23.36 22.60 35.89
CA PRO H 87 24.49 22.03 35.15
C PRO H 87 24.41 20.49 35.01
N LEU H 88 24.00 19.82 36.09
CA LEU H 88 23.75 18.37 36.12
C LEU H 88 24.97 17.50 35.79
N LYS H 89 25.40 17.50 34.54
CA LYS H 89 26.54 16.67 34.14
C LYS H 89 27.83 17.12 34.83
N ASP H 90 28.03 18.43 34.94
CA ASP H 90 29.24 19.01 35.55
C ASP H 90 29.27 18.56 37.01
N LYS H 91 28.09 18.55 37.63
CA LYS H 91 27.92 18.15 39.04
C LYS H 91 28.02 16.63 39.27
N VAL H 92 27.53 15.84 38.32
CA VAL H 92 27.55 14.37 38.43
C VAL H 92 28.86 13.75 37.91
N GLU H 93 29.88 14.57 37.65
CA GLU H 93 31.21 14.06 37.30
C GLU H 93 32.23 14.37 38.39
N GLN H 94 32.06 15.50 39.07
CA GLN H 94 32.81 15.80 40.31
C GLN H 94 32.35 14.88 41.46
N ARG H 95 31.21 14.21 41.27
CA ARG H 95 30.64 13.29 42.26
C ARG H 95 30.87 11.80 41.98
N VAL H 96 30.90 11.40 40.69
CA VAL H 96 31.14 9.99 40.32
C VAL H 96 32.44 9.70 39.51
N GLY H 97 33.08 10.72 38.94
CA GLY H 97 34.38 10.55 38.26
C GLY H 97 34.31 10.02 36.82
N LEU H 98 33.21 9.35 36.48
CA LEU H 98 32.97 8.83 35.13
C LEU H 98 32.55 9.97 34.20
N PRO H 99 32.66 9.77 32.87
CA PRO H 99 32.03 10.71 31.93
C PRO H 99 30.51 10.61 32.03
N VAL H 100 29.82 11.70 31.66
CA VAL H 100 28.34 11.74 31.69
C VAL H 100 27.81 12.53 30.50
N VAL H 101 26.60 12.17 30.07
CA VAL H 101 25.85 12.95 29.05
C VAL H 101 24.35 13.02 29.42
N VAL H 102 23.88 14.21 29.80
CA VAL H 102 22.47 14.45 30.09
C VAL H 102 21.72 14.68 28.78
N GLU H 103 20.63 13.96 28.60
CA GLU H 103 19.81 14.10 27.41
C GLU H 103 18.38 14.44 27.81
N ASN H 104 17.57 14.89 26.86
CA ASN H 104 16.13 14.98 27.10
C ASN H 104 15.55 13.55 27.21
N ASP H 105 14.48 13.36 27.98
CA ASP H 105 13.93 12.01 28.16
C ASP H 105 13.21 11.48 26.91
N ALA H 106 12.38 12.31 26.27
CA ALA H 106 11.62 11.87 25.10
C ALA H 106 12.54 11.66 23.91
N ASN H 107 13.69 12.38 23.90
CA ASN H 107 14.77 12.11 22.95
C ASN H 107 15.49 10.77 23.23
N ALA H 108 15.83 10.50 24.50
CA ALA H 108 16.43 9.22 24.94
C ALA H 108 15.54 8.05 24.55
N ALA H 109 14.28 8.11 24.97
CA ALA H 109 13.28 7.12 24.59
C ALA H 109 13.24 6.91 23.08
N ALA H 110 12.96 7.99 22.34
CA ALA H 110 13.00 7.98 20.87
C ALA H 110 14.18 7.14 20.35
N TRP H 111 15.38 7.45 20.81
CA TRP H 111 16.58 6.70 20.42
C TRP H 111 16.51 5.20 20.74
N GLY H 112 16.18 4.88 21.97
CA GLY H 112 16.03 3.48 22.39
C GLY H 112 15.19 2.63 21.44
N GLU H 113 14.05 3.16 21.01
CA GLU H 113 13.18 2.45 20.07
C GLU H 113 13.69 2.54 18.64
N TYR H 114 14.52 3.53 18.34
CA TYR H 114 15.21 3.52 17.06
C TYR H 114 16.23 2.40 16.96
N ARG H 115 16.99 2.18 18.03
CA ARG H 115 18.18 1.34 17.92
C ARG H 115 18.08 -0.04 18.54
N PHE H 116 17.08 -0.27 19.39
CA PHE H 116 16.81 -1.64 19.85
C PHE H 116 15.32 -1.89 19.86
N GLY H 117 14.60 -1.17 19.01
CA GLY H 117 13.15 -1.23 19.00
C GLY H 117 12.58 -1.32 17.62
N ALA H 118 11.42 -0.69 17.43
CA ALA H 118 10.60 -0.88 16.24
C ALA H 118 11.19 -0.26 14.99
N GLY H 119 12.20 0.59 15.18
CA GLY H 119 12.80 1.30 14.08
C GLY H 119 14.15 0.81 13.65
N GLN H 120 14.41 -0.48 13.77
CA GLN H 120 15.67 -1.04 13.28
C GLN H 120 15.49 -1.10 11.78
N GLY H 121 16.53 -0.74 11.04
CA GLY H 121 16.49 -0.79 9.58
C GLY H 121 15.54 0.25 9.02
N HIS H 122 15.70 1.48 9.51
CA HIS H 122 15.00 2.63 8.98
C HIS H 122 15.97 3.81 9.05
N ASP H 123 16.01 4.60 7.98
CA ASP H 123 16.87 5.80 7.92
C ASP H 123 16.32 6.99 8.76
N ASP H 124 15.27 7.64 8.26
CA ASP H 124 14.61 8.78 8.93
C ASP H 124 13.41 8.21 9.69
N VAL H 125 13.25 8.59 10.96
CA VAL H 125 12.24 8.01 11.84
C VAL H 125 11.84 9.00 12.93
N ILE H 126 10.55 9.29 13.05
CA ILE H 126 10.06 10.24 14.04
C ILE H 126 9.36 9.45 15.12
N CYS H 127 9.75 9.68 16.37
CA CYS H 127 9.10 8.99 17.48
C CYS H 127 8.08 9.91 18.15
N ILE H 128 6.99 9.32 18.66
CA ILE H 128 6.00 10.05 19.46
C ILE H 128 5.59 9.25 20.70
N THR H 129 5.81 9.80 21.89
CA THR H 129 5.37 9.15 23.13
C THR H 129 4.08 9.83 23.62
N LEU H 130 2.97 9.08 23.64
CA LEU H 130 1.66 9.58 24.05
C LEU H 130 1.41 9.30 25.51
N GLY H 131 2.04 10.07 26.39
CA GLY H 131 1.83 9.99 27.85
C GLY H 131 0.62 10.78 28.33
N THR H 132 0.80 11.62 29.35
CA THR H 132 -0.24 12.60 29.66
C THR H 132 0.07 13.81 28.82
N GLY H 133 1.30 13.85 28.29
CA GLY H 133 1.66 14.85 27.30
C GLY H 133 1.74 14.28 25.89
N LEU H 134 2.57 14.93 25.07
CA LEU H 134 2.97 14.44 23.78
C LEU H 134 4.38 14.96 23.55
N GLY H 135 5.29 14.06 23.27
CA GLY H 135 6.68 14.42 23.01
C GLY H 135 7.32 13.34 22.17
N GLY H 136 8.55 13.59 21.75
CA GLY H 136 9.26 12.60 20.95
C GLY H 136 10.63 13.07 20.56
N GLY H 137 11.27 12.32 19.65
CA GLY H 137 12.59 12.69 19.14
C GLY H 137 12.64 12.61 17.64
N ILE H 138 13.59 13.32 17.05
CA ILE H 138 13.84 13.18 15.63
C ILE H 138 15.04 12.26 15.44
N ILE H 139 15.01 11.43 14.40
CA ILE H 139 16.18 10.69 13.98
C ILE H 139 16.23 10.76 12.47
N ILE H 140 17.17 11.57 11.97
CA ILE H 140 17.42 11.71 10.53
C ILE H 140 18.87 11.38 10.26
N GLY H 141 19.09 10.70 9.13
CA GLY H 141 20.41 10.23 8.74
C GLY H 141 21.11 9.39 9.80
N ASN H 142 20.38 8.48 10.42
CA ASN H 142 21.00 7.55 11.35
C ASN H 142 21.55 8.23 12.61
N LYS H 143 21.27 9.52 12.77
CA LYS H 143 21.64 10.26 13.96
C LYS H 143 20.40 10.86 14.60
N LEU H 144 20.57 11.33 15.82
CA LEU H 144 19.53 11.99 16.64
C LEU H 144 19.79 13.47 16.59
N ARG H 145 18.73 14.20 16.27
CA ARG H 145 18.85 15.62 15.97
C ARG H 145 18.29 16.37 17.15
N ARG H 146 19.19 17.05 17.84
CA ARG H 146 18.83 17.82 19.01
C ARG H 146 18.41 19.24 18.62
N GLY H 147 18.80 19.67 17.42
CA GLY H 147 18.63 21.06 16.98
C GLY H 147 19.85 21.87 17.35
N ARG H 148 19.99 23.08 16.82
CA ARG H 148 21.18 23.86 17.09
C ARG H 148 21.38 24.05 18.58
N PHE H 149 20.31 24.43 19.27
CA PHE H 149 20.41 24.77 20.69
C PHE H 149 20.02 23.60 21.58
N GLY H 150 19.66 22.49 20.97
CA GLY H 150 19.35 21.27 21.69
C GLY H 150 17.93 21.09 22.19
N VAL H 151 16.98 21.86 21.66
CA VAL H 151 15.60 21.75 22.13
C VAL H 151 14.62 21.46 20.99
N ALA H 152 15.05 20.59 20.09
CA ALA H 152 14.25 20.25 18.93
C ALA H 152 13.23 19.21 19.36
N ALA H 153 12.37 18.83 18.42
CA ALA H 153 11.27 17.91 18.67
C ALA H 153 10.46 18.19 19.95
N GLU H 154 10.29 19.47 20.29
CA GLU H 154 9.24 19.84 21.23
C GLU H 154 7.89 19.83 20.51
N PHE H 155 7.49 18.66 20.02
CA PHE H 155 6.27 18.48 19.21
C PHE H 155 5.02 18.86 19.94
N GLY H 156 5.02 18.61 21.25
CA GLY H 156 3.85 18.86 22.09
C GLY H 156 3.33 20.28 22.09
N HIS H 157 4.14 21.23 21.66
CA HIS H 157 3.73 22.60 21.71
C HIS H 157 3.71 23.25 20.30
N ILE H 158 3.66 22.41 19.26
CA ILE H 158 3.39 22.94 17.94
C ILE H 158 1.94 23.34 18.06
N ARG H 159 1.59 24.50 17.51
CA ARG H 159 0.26 25.06 17.73
C ARG H 159 -0.76 24.53 16.71
N VAL H 160 -1.63 23.62 17.16
CA VAL H 160 -2.69 23.06 16.32
C VAL H 160 -3.96 23.92 16.25
N VAL H 161 -4.40 24.52 17.35
CA VAL H 161 -5.57 25.42 17.32
C VAL H 161 -5.38 26.93 17.70
N PRO H 162 -5.37 27.83 16.70
CA PRO H 162 -5.40 29.28 16.96
C PRO H 162 -6.32 29.64 18.13
N ASP H 163 -5.77 30.33 19.12
CA ASP H 163 -6.51 30.74 20.30
C ASP H 163 -7.10 29.50 21.02
N GLY H 164 -6.44 28.37 20.89
CA GLY H 164 -6.96 27.17 21.46
C GLY H 164 -6.80 27.06 22.96
N LEU H 165 -6.78 25.81 23.43
CA LEU H 165 -6.71 25.48 24.83
C LEU H 165 -5.42 25.94 25.56
N LEU H 166 -5.53 26.29 26.84
CA LEU H 166 -4.34 26.73 27.60
C LEU H 166 -3.45 25.53 27.91
N CYS H 167 -2.14 25.75 28.02
CA CYS H 167 -1.18 24.65 28.14
C CYS H 167 -0.22 24.87 29.30
N GLY H 168 0.39 23.78 29.75
CA GLY H 168 1.49 23.83 30.72
C GLY H 168 2.57 24.79 30.30
N CYS H 169 2.90 24.78 29.01
CA CYS H 169 3.85 25.71 28.40
C CYS H 169 3.53 27.18 28.50
N GLY H 170 2.27 27.54 28.73
CA GLY H 170 1.85 28.94 28.78
C GLY H 170 0.98 29.39 27.61
N SER H 171 1.20 28.83 26.42
CA SER H 171 0.51 29.24 25.20
C SER H 171 -0.87 28.61 25.02
N GLN H 172 -1.52 28.98 23.92
CA GLN H 172 -2.83 28.44 23.55
C GLN H 172 -2.75 27.77 22.20
N GLY H 173 -3.27 26.55 22.12
CA GLY H 173 -3.41 25.79 20.87
C GLY H 173 -2.51 24.57 20.69
N CYS H 174 -1.78 24.19 21.73
CA CYS H 174 -0.75 23.18 21.63
C CYS H 174 -1.32 21.82 21.26
N TRP H 175 -0.57 21.07 20.47
CA TRP H 175 -0.98 19.73 20.10
C TRP H 175 -1.17 18.85 21.34
N GLU H 176 -0.32 19.08 22.36
CA GLU H 176 -0.34 18.33 23.64
C GLU H 176 -1.71 18.25 24.30
N GLN H 177 -2.53 19.29 24.14
CA GLN H 177 -3.87 19.36 24.73
C GLN H 177 -5.01 18.86 23.84
N TYR H 178 -4.69 18.19 22.74
CA TYR H 178 -5.71 17.56 21.91
C TYR H 178 -5.37 16.16 21.49
N ALA H 179 -4.08 15.81 21.44
CA ALA H 179 -3.68 14.40 21.20
C ALA H 179 -2.80 13.97 22.35
N SER H 180 -3.41 13.47 23.43
CA SER H 180 -2.70 13.13 24.68
C SER H 180 -3.64 12.49 25.70
N GLY H 181 -3.06 12.03 26.82
CA GLY H 181 -3.82 11.37 27.87
C GLY H 181 -4.82 12.30 28.53
N ARG H 182 -4.39 13.54 28.78
CA ARG H 182 -5.26 14.62 29.29
C ARG H 182 -6.52 14.71 28.43
N ALA H 183 -6.28 14.66 27.10
CA ALA H 183 -7.29 14.88 26.06
C ALA H 183 -8.32 13.80 26.09
N LEU H 184 -7.89 12.57 25.96
CA LEU H 184 -8.81 11.45 26.11
C LEU H 184 -9.74 11.72 27.31
N VAL H 185 -9.20 11.80 28.53
CA VAL H 185 -10.03 11.99 29.77
C VAL H 185 -11.05 13.15 29.56
N ARG H 186 -10.65 14.16 28.79
CA ARG H 186 -11.52 15.29 28.49
C ARG H 186 -12.66 14.87 27.59
N TYR H 187 -12.31 14.30 26.44
CA TYR H 187 -13.32 13.85 25.47
C TYR H 187 -14.34 12.91 26.15
N ALA H 188 -13.85 12.09 27.08
CA ALA H 188 -14.67 11.10 27.77
C ALA H 188 -15.62 11.79 28.72
N LYS H 189 -15.10 12.65 29.58
CA LYS H 189 -15.98 13.39 30.48
C LYS H 189 -17.03 14.21 29.70
N GLN H 190 -16.59 14.95 28.68
CA GLN H 190 -17.50 15.78 27.86
C GLN H 190 -18.60 14.95 27.25
N ARG H 191 -18.26 13.72 26.87
CA ARG H 191 -19.20 12.87 26.17
C ARG H 191 -20.13 12.15 27.13
N ALA H 192 -19.62 11.74 28.29
CA ALA H 192 -20.44 11.01 29.25
C ALA H 192 -21.39 11.95 30.00
N ASN H 193 -21.14 13.26 29.94
CA ASN H 193 -22.08 14.22 30.51
C ASN H 193 -23.23 14.48 29.55
N ALA H 194 -22.94 14.63 28.27
CA ALA H 194 -23.97 14.92 27.28
C ALA H 194 -24.85 13.72 27.01
N THR H 195 -24.31 12.50 27.22
CA THR H 195 -24.95 11.23 26.80
C THR H 195 -24.70 10.03 27.77
N PRO H 196 -25.12 10.14 29.06
CA PRO H 196 -24.67 9.15 30.08
C PRO H 196 -25.13 7.71 29.84
N GLU H 197 -26.21 7.54 29.06
CA GLU H 197 -26.78 6.21 28.74
C GLU H 197 -25.83 5.33 27.89
N ASN H 198 -25.09 5.94 26.98
CA ASN H 198 -24.14 5.19 26.17
C ASN H 198 -22.73 5.20 26.78
N ALA H 199 -22.65 5.49 28.07
CA ALA H 199 -21.42 5.38 28.83
C ALA H 199 -21.65 4.49 30.05
N ALA H 200 -22.59 3.54 29.92
CA ALA H 200 -22.93 2.68 31.05
C ALA H 200 -21.69 1.89 31.51
N VAL H 201 -21.08 1.13 30.59
CA VAL H 201 -19.95 0.28 30.96
C VAL H 201 -18.84 1.14 31.53
N LEU H 202 -18.63 2.28 30.86
CA LEU H 202 -17.58 3.23 31.20
C LEU H 202 -17.77 3.77 32.63
N LEU H 203 -18.93 4.33 32.93
CA LEU H 203 -19.21 4.78 34.29
C LEU H 203 -19.22 3.59 35.26
N GLY H 204 -19.48 2.39 34.72
CA GLY H 204 -19.47 1.14 35.49
C GLY H 204 -18.15 0.83 36.18
N LEU H 205 -17.05 1.25 35.58
CA LEU H 205 -15.74 1.00 36.15
C LEU H 205 -15.38 1.95 37.29
N GLY H 206 -15.97 3.13 37.28
CA GLY H 206 -15.63 4.16 38.24
C GLY H 206 -16.51 4.10 39.46
N ASP H 207 -16.99 5.27 39.88
CA ASP H 207 -17.94 5.39 40.99
C ASP H 207 -19.26 5.99 40.52
N GLY H 208 -19.45 6.02 39.20
CA GLY H 208 -20.66 6.57 38.63
C GLY H 208 -20.54 8.04 38.32
N SER H 209 -19.77 8.78 39.12
CA SER H 209 -19.64 10.22 38.88
C SER H 209 -19.05 10.42 37.50
N VAL H 210 -19.38 11.55 36.90
CA VAL H 210 -18.83 11.88 35.58
C VAL H 210 -17.37 12.31 35.74
N ASP H 211 -16.85 12.27 36.98
CA ASP H 211 -15.48 12.70 37.32
C ASP H 211 -14.51 11.54 37.61
N GLY H 212 -15.05 10.44 38.14
CA GLY H 212 -14.25 9.25 38.42
C GLY H 212 -13.79 8.50 37.18
N ILE H 213 -13.94 9.13 36.02
CA ILE H 213 -13.39 8.59 34.79
C ILE H 213 -11.89 8.84 34.82
N GLU H 214 -11.12 7.77 34.66
CA GLU H 214 -9.68 7.84 34.43
C GLU H 214 -9.34 7.09 33.14
N GLY H 215 -8.15 7.36 32.61
CA GLY H 215 -7.73 6.81 31.33
C GLY H 215 -7.70 5.29 31.28
N LYS H 216 -7.41 4.65 32.41
CA LYS H 216 -7.42 3.19 32.49
C LYS H 216 -8.84 2.63 32.27
N HIS H 217 -9.84 3.37 32.74
CA HIS H 217 -11.25 2.97 32.59
C HIS H 217 -11.72 3.18 31.17
N ILE H 218 -11.24 4.26 30.56
CA ILE H 218 -11.62 4.59 29.18
C ILE H 218 -11.13 3.57 28.15
N SER H 219 -10.01 2.92 28.44
CA SER H 219 -9.49 1.90 27.54
C SER H 219 -10.10 0.54 27.83
N GLU H 220 -10.22 0.15 29.10
CA GLU H 220 -10.86 -1.13 29.47
C GLU H 220 -12.34 -1.13 29.04
N ALA H 221 -12.96 0.05 29.08
CA ALA H 221 -14.34 0.23 28.64
C ALA H 221 -14.42 0.14 27.13
N ALA H 222 -13.38 0.61 26.46
CA ALA H 222 -13.34 0.64 25.00
C ALA H 222 -13.20 -0.75 24.36
N ARG H 223 -12.31 -1.59 24.90
CA ARG H 223 -12.17 -2.98 24.39
C ARG H 223 -13.34 -3.90 24.83
N GLN H 224 -14.26 -3.37 25.64
CA GLN H 224 -15.61 -3.95 25.81
C GLN H 224 -16.66 -3.23 24.93
N GLY H 225 -16.22 -2.36 24.03
CA GLY H 225 -17.09 -1.75 23.03
C GLY H 225 -18.20 -0.86 23.54
N ASP H 226 -17.86 0.06 24.43
CA ASP H 226 -18.79 1.06 24.99
C ASP H 226 -18.88 2.24 24.06
N PRO H 227 -20.09 2.66 23.64
CA PRO H 227 -20.23 3.71 22.60
C PRO H 227 -19.45 5.03 22.83
N VAL H 228 -19.34 5.45 24.09
CA VAL H 228 -18.73 6.72 24.45
C VAL H 228 -17.20 6.63 24.63
N ALA H 229 -16.69 5.59 25.25
CA ALA H 229 -15.23 5.38 25.24
C ALA H 229 -14.74 5.33 23.78
N VAL H 230 -15.29 4.42 22.98
CA VAL H 230 -14.82 4.25 21.60
C VAL H 230 -14.98 5.50 20.73
N ASP H 231 -15.94 6.38 21.03
CA ASP H 231 -15.97 7.66 20.32
C ASP H 231 -14.83 8.55 20.80
N SER H 232 -14.43 8.40 22.06
CA SER H 232 -13.39 9.26 22.62
C SER H 232 -12.00 8.93 22.08
N PHE H 233 -11.84 7.70 21.61
CA PHE H 233 -10.63 7.38 20.90
C PHE H 233 -10.70 7.87 19.45
N ARG H 234 -11.90 7.89 18.86
CA ARG H 234 -12.10 8.54 17.54
C ARG H 234 -11.64 9.99 17.57
N GLU H 235 -11.97 10.68 18.65
CA GLU H 235 -11.51 12.03 18.81
C GLU H 235 -10.00 12.03 18.98
N LEU H 236 -9.46 11.20 19.87
CA LEU H 236 -8.00 11.20 20.06
C LEU H 236 -7.31 10.98 18.73
N ALA H 237 -7.84 10.05 17.94
CA ALA H 237 -7.29 9.74 16.61
C ALA H 237 -7.24 10.96 15.76
N ARG H 238 -8.37 11.63 15.66
CA ARG H 238 -8.40 12.79 14.80
C ARG H 238 -7.22 13.74 15.05
N TRP H 239 -7.02 14.16 16.30
CA TRP H 239 -5.95 15.10 16.63
C TRP H 239 -4.56 14.45 16.49
N ALA H 240 -4.43 13.25 17.03
CA ALA H 240 -3.24 12.47 16.76
C ALA H 240 -2.93 12.48 15.25
N GLY H 241 -3.92 12.11 14.45
CA GLY H 241 -3.73 11.82 13.02
C GLY H 241 -3.44 13.04 12.17
N ALA H 242 -4.26 14.06 12.29
CA ALA H 242 -3.99 15.32 11.64
C ALA H 242 -2.53 15.78 11.96
N GLY H 243 -2.12 15.59 13.22
CA GLY H 243 -0.78 16.03 13.71
C GLY H 243 0.37 15.22 13.14
N LEU H 244 0.18 13.91 13.06
CA LEU H 244 1.07 13.09 12.33
C LEU H 244 1.04 13.44 10.84
N ALA H 245 -0.10 13.87 10.29
CA ALA H 245 -0.11 14.22 8.84
C ALA H 245 0.85 15.38 8.54
N ASP H 246 0.93 16.29 9.51
CA ASP H 246 1.83 17.43 9.49
C ASP H 246 3.27 16.99 9.62
N LEU H 247 3.59 16.24 10.66
CA LEU H 247 4.93 15.71 10.78
C LEU H 247 5.36 14.98 9.50
N ALA H 248 4.43 14.47 8.71
CA ALA H 248 4.80 13.84 7.45
C ALA H 248 5.12 14.84 6.37
N SER H 249 4.43 15.97 6.38
CA SER H 249 4.66 16.98 5.36
C SER H 249 5.95 17.75 5.62
N LEU H 250 6.45 17.67 6.84
CA LEU H 250 7.73 18.30 7.21
C LEU H 250 8.93 17.37 7.06
N PHE H 251 8.91 16.26 7.76
CA PHE H 251 10.05 15.38 7.85
C PHE H 251 10.04 14.31 6.80
N ASP H 252 8.89 13.69 6.60
CA ASP H 252 8.74 12.64 5.62
C ASP H 252 9.67 11.48 5.98
N PRO H 253 9.34 10.76 7.07
CA PRO H 253 10.21 9.74 7.60
C PRO H 253 9.87 8.37 7.07
N SER H 254 10.59 7.35 7.51
CA SER H 254 10.29 6.00 7.10
C SER H 254 8.97 5.64 7.77
N ALA H 255 8.92 5.81 9.09
CA ALA H 255 7.70 5.61 9.83
C ALA H 255 7.77 6.28 11.17
N PHE H 256 6.60 6.40 11.82
CA PHE H 256 6.49 6.91 13.19
C PHE H 256 6.37 5.72 14.17
N ILE H 257 7.26 5.65 15.15
CA ILE H 257 7.00 4.73 16.24
C ILE H 257 6.15 5.51 17.21
N VAL H 258 4.94 5.04 17.48
CA VAL H 258 4.04 5.71 18.40
C VAL H 258 4.09 4.98 19.75
N GLY H 259 5.06 5.35 20.58
CA GLY H 259 5.19 4.80 21.92
C GLY H 259 4.32 5.53 22.91
N GLY H 260 4.57 5.30 24.21
CA GLY H 260 3.89 6.02 25.30
C GLY H 260 2.98 5.14 26.12
N GLY H 261 2.47 5.70 27.23
CA GLY H 261 1.55 4.98 28.14
C GLY H 261 0.20 4.58 27.53
N VAL H 262 -0.34 5.48 26.70
CA VAL H 262 -1.60 5.26 25.95
C VAL H 262 -1.41 4.50 24.60
N SER H 263 -0.18 4.15 24.24
CA SER H 263 0.12 3.28 23.07
C SER H 263 0.26 1.80 23.46
N ASP H 264 0.64 1.60 24.73
CA ASP H 264 0.73 0.30 25.37
C ASP H 264 -0.54 -0.52 25.22
N GLU H 265 -1.69 0.15 25.11
CA GLU H 265 -2.99 -0.52 25.00
C GLU H 265 -3.26 -1.17 23.60
N GLY H 266 -2.33 -1.00 22.66
CA GLY H 266 -2.32 -1.79 21.43
C GLY H 266 -3.15 -1.22 20.29
N GLU H 267 -3.68 -2.12 19.46
CA GLU H 267 -4.39 -1.72 18.24
C GLU H 267 -5.81 -1.24 18.53
N LEU H 268 -6.14 -1.08 19.81
CA LEU H 268 -7.34 -0.38 20.25
C LEU H 268 -7.20 1.11 19.96
N VAL H 269 -6.01 1.61 20.26
CA VAL H 269 -5.65 2.99 20.05
C VAL H 269 -4.91 3.15 18.73
N LEU H 270 -3.92 2.29 18.52
CA LEU H 270 -2.91 2.48 17.46
C LEU H 270 -3.44 2.28 16.08
N ASP H 271 -4.56 1.58 15.96
CA ASP H 271 -5.22 1.48 14.68
C ASP H 271 -5.91 2.79 14.36
N PRO H 272 -6.94 3.18 15.12
CA PRO H 272 -7.59 4.47 14.86
C PRO H 272 -6.65 5.58 14.40
N ILE H 273 -5.45 5.63 15.00
CA ILE H 273 -4.46 6.62 14.65
C ILE H 273 -3.94 6.32 13.26
N ARG H 274 -3.41 5.12 13.09
CA ARG H 274 -2.91 4.67 11.79
C ARG H 274 -3.95 5.00 10.71
N LYS H 275 -5.21 4.72 11.05
CA LYS H 275 -6.33 4.97 10.16
C LYS H 275 -6.49 6.45 9.98
N SER H 276 -6.63 7.20 11.05
CA SER H 276 -6.72 8.65 10.96
C SER H 276 -5.57 9.29 10.12
N PHE H 277 -4.32 8.97 10.42
CA PHE H 277 -3.18 9.53 9.68
C PHE H 277 -3.25 9.30 8.17
N ARG H 278 -3.76 8.15 7.74
CA ARG H 278 -4.04 7.84 6.32
C ARG H 278 -5.07 8.76 5.72
N ARG H 279 -6.02 9.13 6.56
CA ARG H 279 -7.22 9.82 6.13
C ARG H 279 -6.86 11.28 5.92
N TRP H 280 -5.81 11.71 6.60
CA TRP H 280 -5.37 13.11 6.57
C TRP H 280 -4.26 13.39 5.57
N LEU H 281 -3.74 12.38 4.90
CA LEU H 281 -2.52 12.55 4.12
C LEU H 281 -2.80 13.06 2.72
N ILE H 282 -1.82 13.74 2.13
CA ILE H 282 -2.09 14.68 1.05
C ILE H 282 -1.64 14.12 -0.29
N GLY H 283 -2.64 13.75 -1.11
CA GLY H 283 -2.44 13.21 -2.47
C GLY H 283 -1.69 11.88 -2.51
N GLY H 284 -2.24 10.88 -1.83
CA GLY H 284 -1.45 9.68 -1.48
C GLY H 284 -1.37 8.57 -2.49
N GLU H 285 -1.67 8.87 -3.75
CA GLU H 285 -1.65 7.87 -4.84
C GLU H 285 -0.22 7.75 -5.38
N TRP H 286 0.57 8.82 -5.18
CA TRP H 286 1.94 8.91 -5.69
C TRP H 286 2.98 9.23 -4.61
N ARG H 287 2.56 9.61 -3.41
CA ARG H 287 3.51 9.60 -2.33
C ARG H 287 3.32 8.38 -1.44
N PRO H 288 4.44 7.72 -1.12
CA PRO H 288 4.58 6.80 -0.02
C PRO H 288 4.17 7.39 1.31
N HIS H 289 3.46 6.62 2.14
CA HIS H 289 3.15 7.00 3.52
C HIS H 289 4.10 6.29 4.45
N ALA H 290 4.48 6.96 5.52
CA ALA H 290 5.28 6.34 6.58
C ALA H 290 4.41 5.36 7.32
N GLN H 291 4.96 4.21 7.65
CA GLN H 291 4.21 3.29 8.46
C GLN H 291 4.04 3.85 9.87
N VAL H 292 2.90 3.59 10.51
CA VAL H 292 2.74 3.87 11.93
C VAL H 292 2.90 2.59 12.74
N LEU H 293 4.03 2.51 13.45
CA LEU H 293 4.46 1.27 14.08
C LEU H 293 4.28 1.33 15.59
N ALA H 294 4.02 0.20 16.23
CA ALA H 294 3.90 0.19 17.68
C ALA H 294 5.26 0.24 18.35
N ALA H 295 5.32 0.83 19.53
CA ALA H 295 6.57 0.85 20.27
C ALA H 295 6.74 -0.41 21.17
N GLN H 296 7.88 -1.06 20.99
CA GLN H 296 8.14 -2.41 21.45
C GLN H 296 8.77 -2.48 22.83
N LEU H 297 9.68 -1.56 23.13
CA LEU H 297 10.36 -1.59 24.44
C LEU H 297 9.49 -1.07 25.62
N GLY H 298 8.31 -0.52 25.29
CA GLY H 298 7.39 0.02 26.29
C GLY H 298 8.00 1.20 27.04
N GLY H 299 8.02 1.10 28.36
CA GLY H 299 8.47 2.21 29.23
C GLY H 299 9.88 2.03 29.73
N LYS H 300 10.51 0.91 29.34
CA LYS H 300 11.94 0.72 29.61
C LYS H 300 12.77 1.42 28.50
N ALA H 301 12.10 1.79 27.40
CA ALA H 301 12.75 2.37 26.20
C ALA H 301 13.62 3.57 26.51
N GLY H 302 13.13 4.45 27.38
CA GLY H 302 13.87 5.65 27.80
C GLY H 302 15.22 5.37 28.43
N LEU H 303 15.23 4.40 29.37
CA LEU H 303 16.43 3.97 30.10
C LEU H 303 17.49 3.45 29.15
N VAL H 304 17.08 2.56 28.26
CA VAL H 304 18.01 1.91 27.33
C VAL H 304 18.63 2.89 26.36
N GLY H 305 17.80 3.69 25.68
CA GLY H 305 18.28 4.70 24.73
C GLY H 305 19.27 5.62 25.40
N ALA H 306 18.92 6.01 26.63
CA ALA H 306 19.78 6.76 27.55
C ALA H 306 21.19 6.18 27.77
N ALA H 307 21.32 4.87 27.93
CA ALA H 307 22.65 4.29 28.10
C ALA H 307 23.43 4.33 26.79
N ASP H 308 22.77 3.99 25.69
CA ASP H 308 23.43 3.95 24.39
C ASP H 308 23.74 5.32 23.89
N LEU H 309 22.90 6.30 24.21
CA LEU H 309 23.24 7.67 23.87
C LEU H 309 24.57 8.10 24.55
N ALA H 310 24.94 7.45 25.66
CA ALA H 310 26.25 7.65 26.32
C ALA H 310 27.46 7.10 25.53
N ARG H 311 27.22 6.72 24.27
CA ARG H 311 28.27 6.38 23.31
C ARG H 311 28.37 7.38 22.15
N GLN H 312 27.21 7.86 21.63
CA GLN H 312 27.07 8.72 20.40
C GLN H 312 26.60 7.89 19.21
#